data_1M47
# 
_entry.id   1M47 
# 
_audit_conform.dict_name       mmcif_pdbx.dic 
_audit_conform.dict_version    5.397 
_audit_conform.dict_location   http://mmcif.pdb.org/dictionaries/ascii/mmcif_pdbx.dic 
# 
loop_
_database_2.database_id 
_database_2.database_code 
_database_2.pdbx_database_accession 
_database_2.pdbx_DOI 
PDB   1M47         pdb_00001m47 10.2210/pdb1m47/pdb 
RCSB  RCSB016576   ?            ?                   
WWPDB D_1000016576 ?            ?                   
# 
loop_
_pdbx_audit_revision_history.ordinal 
_pdbx_audit_revision_history.data_content_type 
_pdbx_audit_revision_history.major_revision 
_pdbx_audit_revision_history.minor_revision 
_pdbx_audit_revision_history.revision_date 
1 'Structure model' 1 0 2002-07-31 
2 'Structure model' 1 1 2008-04-28 
3 'Structure model' 1 2 2011-07-13 
4 'Structure model' 1 3 2017-02-08 
5 'Structure model' 1 4 2017-10-11 
6 'Structure model' 1 5 2024-10-16 
# 
_pdbx_audit_revision_details.ordinal             1 
_pdbx_audit_revision_details.revision_ordinal    1 
_pdbx_audit_revision_details.data_content_type   'Structure model' 
_pdbx_audit_revision_details.provider            repository 
_pdbx_audit_revision_details.type                'Initial release' 
_pdbx_audit_revision_details.description         ? 
_pdbx_audit_revision_details.details             ? 
# 
loop_
_pdbx_audit_revision_group.ordinal 
_pdbx_audit_revision_group.revision_ordinal 
_pdbx_audit_revision_group.data_content_type 
_pdbx_audit_revision_group.group 
1 2 'Structure model' 'Version format compliance' 
2 3 'Structure model' 'Version format compliance' 
3 4 'Structure model' 'Database references'       
4 4 'Structure model' 'Structure summary'         
5 5 'Structure model' 'Refinement description'    
6 6 'Structure model' 'Data collection'           
7 6 'Structure model' 'Database references'       
8 6 'Structure model' 'Derived calculations'      
9 6 'Structure model' 'Structure summary'         
# 
loop_
_pdbx_audit_revision_category.ordinal 
_pdbx_audit_revision_category.revision_ordinal 
_pdbx_audit_revision_category.data_content_type 
_pdbx_audit_revision_category.category 
1 5 'Structure model' software                  
2 6 'Structure model' chem_comp_atom            
3 6 'Structure model' chem_comp_bond            
4 6 'Structure model' database_2                
5 6 'Structure model' pdbx_entry_details        
6 6 'Structure model' pdbx_modification_feature 
7 6 'Structure model' struct_site               
# 
loop_
_pdbx_audit_revision_item.ordinal 
_pdbx_audit_revision_item.revision_ordinal 
_pdbx_audit_revision_item.data_content_type 
_pdbx_audit_revision_item.item 
1 6 'Structure model' '_database_2.pdbx_DOI'                
2 6 'Structure model' '_database_2.pdbx_database_accession' 
3 6 'Structure model' '_struct_site.pdbx_auth_asym_id'      
4 6 'Structure model' '_struct_site.pdbx_auth_comp_id'      
5 6 'Structure model' '_struct_site.pdbx_auth_seq_id'       
# 
_pdbx_database_status.status_code                     REL 
_pdbx_database_status.entry_id                        1M47 
_pdbx_database_status.recvd_initial_deposition_date   2002-07-02 
_pdbx_database_status.deposit_site                    RCSB 
_pdbx_database_status.process_site                    RCSB 
_pdbx_database_status.status_code_sf                  REL 
_pdbx_database_status.SG_entry                        . 
_pdbx_database_status.status_code_mr                  ? 
_pdbx_database_status.status_code_cs                  ? 
_pdbx_database_status.methods_development_category    ? 
_pdbx_database_status.pdb_format_compatible           Y 
_pdbx_database_status.status_code_nmr_data            ? 
# 
loop_
_pdbx_database_related.db_name 
_pdbx_database_related.db_id 
_pdbx_database_related.details 
_pdbx_database_related.content_type 
PDB 1M48 
;1m48 is the crystal structure of human IL-2 complexed with (R)-N-[2-[1-(Aminoiminomethyl)-3-piperidinyl]-1-oxoethyl]-4-(phenylethynyl)-L-phenylalanine methyl ester
;
unspecified 
PDB 1M49 '1m49 is the crystal structure of human interleukin-2 complexed with SP-1985' unspecified 
PDB 1M4A 
;1m4a is the crystal structure of human interleukin-2 Y31C covalently modified at C31 with (1H-Indol-3-yl)-(2-mercapto-ethoxyimino)-acetic acid
;
unspecified 
PDB 1M4B 
;1m4b is the crystal structure of human interleukin-2 K43C covalently modified at C43 with 2-[2-(2-Cyclohexyl-2-guanidino-acetylamino)-acetylamino]-N-(3-mercapto-propyl)-propionamide
;
unspecified 
PDB 1M4C '1M4C is the crystal structure of human interleukin-2' unspecified 
# 
loop_
_audit_author.name 
_audit_author.pdbx_ordinal 
'Arkin, M.A.'    1  
'Randal, M.'     2  
'DeLano, W.L.'   3  
'Hyde, J.'       4  
'Luong, T.N.'    5  
'Oslob, J.D.'    6  
'Raphael, D.R.'  7  
'Taylor, L.'     8  
'Wang, J.'       9  
'Wells, J.A.'    10 
'McDowell, R.S.' 11 
'Wells, J.A.'    12 
'Braisted, A.C.' 13 
# 
_citation.id                        primary 
_citation.title                     'Binding of small molecules to an adaptive protein-protein interface.' 
_citation.journal_abbrev            Proc.Natl.Acad.Sci.USA 
_citation.journal_volume            100 
_citation.page_first                1603 
_citation.page_last                 1608 
_citation.year                      2003 
_citation.journal_id_ASTM           PNASA6 
_citation.country                   US 
_citation.journal_id_ISSN           0027-8424 
_citation.journal_id_CSD            0040 
_citation.book_publisher            ? 
_citation.pdbx_database_id_PubMed   12582206 
_citation.pdbx_database_id_DOI      10.1073/pnas.252756299 
# 
loop_
_citation_author.citation_id 
_citation_author.name 
_citation_author.ordinal 
_citation_author.identifier_ORCID 
primary 'Arkin, M.R.'    1  ? 
primary 'Randal, M.'     2  ? 
primary 'DeLano, W.L.'   3  ? 
primary 'Hyde, J.'       4  ? 
primary 'Luong, T.N.'    5  ? 
primary 'Oslob, J.D.'    6  ? 
primary 'Raphael, D.R.'  7  ? 
primary 'Taylor, L.'     8  ? 
primary 'Wang, J.'       9  ? 
primary 'McDowell, R.S.' 10 ? 
primary 'Wells, J.A.'    11 ? 
primary 'Braisted, A.C.' 12 ? 
# 
loop_
_entity.id 
_entity.type 
_entity.src_method 
_entity.pdbx_description 
_entity.formula_weight 
_entity.pdbx_number_of_molecules 
_entity.pdbx_ec 
_entity.pdbx_mutation 
_entity.pdbx_fragment 
_entity.details 
1 polymer     man interleukin-2 15435.979 1  ? ? ? ? 
2 non-polymer syn 'SULFATE ION' 96.063    2  ? ? ? ? 
3 water       nat water         18.015    46 ? ? ? ? 
# 
_entity_name_com.entity_id   1 
_entity_name_com.name        'IL-2, T-CELL GROWTH FACTOR, TCGF, ALDESLEUKIN' 
# 
_entity_poly.entity_id                      1 
_entity_poly.type                           'polypeptide(L)' 
_entity_poly.nstd_linkage                   no 
_entity_poly.nstd_monomer                   no 
_entity_poly.pdbx_seq_one_letter_code       
;APTSSSTKKTQLQLEHLLLDLQMILNGINNYKNPKLTRMLTFKFYMPKKATELKHLQCLEEELKPLEEVLNLAQSKNFHL
RPRDLISNINVIVLELKGSETTFMCEYADETATIVEFLNRWITFCQSIISTLT
;
_entity_poly.pdbx_seq_one_letter_code_can   
;APTSSSTKKTQLQLEHLLLDLQMILNGINNYKNPKLTRMLTFKFYMPKKATELKHLQCLEEELKPLEEVLNLAQSKNFHL
RPRDLISNINVIVLELKGSETTFMCEYADETATIVEFLNRWITFCQSIISTLT
;
_entity_poly.pdbx_strand_id                 A 
_entity_poly.pdbx_target_identifier         ? 
# 
loop_
_pdbx_entity_nonpoly.entity_id 
_pdbx_entity_nonpoly.name 
_pdbx_entity_nonpoly.comp_id 
2 'SULFATE ION' SO4 
3 water         HOH 
# 
loop_
_entity_poly_seq.entity_id 
_entity_poly_seq.num 
_entity_poly_seq.mon_id 
_entity_poly_seq.hetero 
1 1   ALA n 
1 2   PRO n 
1 3   THR n 
1 4   SER n 
1 5   SER n 
1 6   SER n 
1 7   THR n 
1 8   LYS n 
1 9   LYS n 
1 10  THR n 
1 11  GLN n 
1 12  LEU n 
1 13  GLN n 
1 14  LEU n 
1 15  GLU n 
1 16  HIS n 
1 17  LEU n 
1 18  LEU n 
1 19  LEU n 
1 20  ASP n 
1 21  LEU n 
1 22  GLN n 
1 23  MET n 
1 24  ILE n 
1 25  LEU n 
1 26  ASN n 
1 27  GLY n 
1 28  ILE n 
1 29  ASN n 
1 30  ASN n 
1 31  TYR n 
1 32  LYS n 
1 33  ASN n 
1 34  PRO n 
1 35  LYS n 
1 36  LEU n 
1 37  THR n 
1 38  ARG n 
1 39  MET n 
1 40  LEU n 
1 41  THR n 
1 42  PHE n 
1 43  LYS n 
1 44  PHE n 
1 45  TYR n 
1 46  MET n 
1 47  PRO n 
1 48  LYS n 
1 49  LYS n 
1 50  ALA n 
1 51  THR n 
1 52  GLU n 
1 53  LEU n 
1 54  LYS n 
1 55  HIS n 
1 56  LEU n 
1 57  GLN n 
1 58  CYS n 
1 59  LEU n 
1 60  GLU n 
1 61  GLU n 
1 62  GLU n 
1 63  LEU n 
1 64  LYS n 
1 65  PRO n 
1 66  LEU n 
1 67  GLU n 
1 68  GLU n 
1 69  VAL n 
1 70  LEU n 
1 71  ASN n 
1 72  LEU n 
1 73  ALA n 
1 74  GLN n 
1 75  SER n 
1 76  LYS n 
1 77  ASN n 
1 78  PHE n 
1 79  HIS n 
1 80  LEU n 
1 81  ARG n 
1 82  PRO n 
1 83  ARG n 
1 84  ASP n 
1 85  LEU n 
1 86  ILE n 
1 87  SER n 
1 88  ASN n 
1 89  ILE n 
1 90  ASN n 
1 91  VAL n 
1 92  ILE n 
1 93  VAL n 
1 94  LEU n 
1 95  GLU n 
1 96  LEU n 
1 97  LYS n 
1 98  GLY n 
1 99  SER n 
1 100 GLU n 
1 101 THR n 
1 102 THR n 
1 103 PHE n 
1 104 MET n 
1 105 CYS n 
1 106 GLU n 
1 107 TYR n 
1 108 ALA n 
1 109 ASP n 
1 110 GLU n 
1 111 THR n 
1 112 ALA n 
1 113 THR n 
1 114 ILE n 
1 115 VAL n 
1 116 GLU n 
1 117 PHE n 
1 118 LEU n 
1 119 ASN n 
1 120 ARG n 
1 121 TRP n 
1 122 ILE n 
1 123 THR n 
1 124 PHE n 
1 125 CYS n 
1 126 GLN n 
1 127 SER n 
1 128 ILE n 
1 129 ILE n 
1 130 SER n 
1 131 THR n 
1 132 LEU n 
1 133 THR n 
# 
_entity_src_gen.entity_id                          1 
_entity_src_gen.pdbx_src_id                        1 
_entity_src_gen.pdbx_alt_source_flag               sample 
_entity_src_gen.pdbx_seq_type                      ? 
_entity_src_gen.pdbx_beg_seq_num                   ? 
_entity_src_gen.pdbx_end_seq_num                   ? 
_entity_src_gen.gene_src_common_name               human 
_entity_src_gen.gene_src_genus                     Homo 
_entity_src_gen.pdbx_gene_src_gene                 ? 
_entity_src_gen.gene_src_species                   ? 
_entity_src_gen.gene_src_strain                    ? 
_entity_src_gen.gene_src_tissue                    ? 
_entity_src_gen.gene_src_tissue_fraction           ? 
_entity_src_gen.gene_src_details                   ? 
_entity_src_gen.pdbx_gene_src_fragment             ? 
_entity_src_gen.pdbx_gene_src_scientific_name      'Homo sapiens' 
_entity_src_gen.pdbx_gene_src_ncbi_taxonomy_id     9606 
_entity_src_gen.pdbx_gene_src_variant              ? 
_entity_src_gen.pdbx_gene_src_cell_line            ? 
_entity_src_gen.pdbx_gene_src_atcc                 ? 
_entity_src_gen.pdbx_gene_src_organ                ? 
_entity_src_gen.pdbx_gene_src_organelle            ? 
_entity_src_gen.pdbx_gene_src_cell                 ? 
_entity_src_gen.pdbx_gene_src_cellular_location    ? 
_entity_src_gen.host_org_common_name               ? 
_entity_src_gen.pdbx_host_org_scientific_name      'Escherichia coli BL21' 
_entity_src_gen.pdbx_host_org_ncbi_taxonomy_id     511693 
_entity_src_gen.host_org_genus                     Escherichia 
_entity_src_gen.pdbx_host_org_gene                 ? 
_entity_src_gen.pdbx_host_org_organ                ? 
_entity_src_gen.host_org_species                   'Escherichia coli' 
_entity_src_gen.pdbx_host_org_tissue               ? 
_entity_src_gen.pdbx_host_org_tissue_fraction      ? 
_entity_src_gen.pdbx_host_org_strain               BL21 
_entity_src_gen.pdbx_host_org_variant              ? 
_entity_src_gen.pdbx_host_org_cell_line            ? 
_entity_src_gen.pdbx_host_org_atcc                 ? 
_entity_src_gen.pdbx_host_org_culture_collection   ? 
_entity_src_gen.pdbx_host_org_cell                 ? 
_entity_src_gen.pdbx_host_org_organelle            ? 
_entity_src_gen.pdbx_host_org_cellular_location    ? 
_entity_src_gen.pdbx_host_org_vector_type          plasmid 
_entity_src_gen.pdbx_host_org_vector               ? 
_entity_src_gen.host_org_details                   ? 
_entity_src_gen.expression_system_id               ? 
_entity_src_gen.plasmid_name                       pRSET 
_entity_src_gen.plasmid_details                    ? 
_entity_src_gen.pdbx_description                   ? 
# 
loop_
_chem_comp.id 
_chem_comp.type 
_chem_comp.mon_nstd_flag 
_chem_comp.name 
_chem_comp.pdbx_synonyms 
_chem_comp.formula 
_chem_comp.formula_weight 
ALA 'L-peptide linking' y ALANINE         ? 'C3 H7 N O2'     89.093  
ARG 'L-peptide linking' y ARGININE        ? 'C6 H15 N4 O2 1' 175.209 
ASN 'L-peptide linking' y ASPARAGINE      ? 'C4 H8 N2 O3'    132.118 
ASP 'L-peptide linking' y 'ASPARTIC ACID' ? 'C4 H7 N O4'     133.103 
CYS 'L-peptide linking' y CYSTEINE        ? 'C3 H7 N O2 S'   121.158 
GLN 'L-peptide linking' y GLUTAMINE       ? 'C5 H10 N2 O3'   146.144 
GLU 'L-peptide linking' y 'GLUTAMIC ACID' ? 'C5 H9 N O4'     147.129 
GLY 'peptide linking'   y GLYCINE         ? 'C2 H5 N O2'     75.067  
HIS 'L-peptide linking' y HISTIDINE       ? 'C6 H10 N3 O2 1' 156.162 
HOH non-polymer         . WATER           ? 'H2 O'           18.015  
ILE 'L-peptide linking' y ISOLEUCINE      ? 'C6 H13 N O2'    131.173 
LEU 'L-peptide linking' y LEUCINE         ? 'C6 H13 N O2'    131.173 
LYS 'L-peptide linking' y LYSINE          ? 'C6 H15 N2 O2 1' 147.195 
MET 'L-peptide linking' y METHIONINE      ? 'C5 H11 N O2 S'  149.211 
PHE 'L-peptide linking' y PHENYLALANINE   ? 'C9 H11 N O2'    165.189 
PRO 'L-peptide linking' y PROLINE         ? 'C5 H9 N O2'     115.130 
SER 'L-peptide linking' y SERINE          ? 'C3 H7 N O3'     105.093 
SO4 non-polymer         . 'SULFATE ION'   ? 'O4 S -2'        96.063  
THR 'L-peptide linking' y THREONINE       ? 'C4 H9 N O3'     119.119 
TRP 'L-peptide linking' y TRYPTOPHAN      ? 'C11 H12 N2 O2'  204.225 
TYR 'L-peptide linking' y TYROSINE        ? 'C9 H11 N O3'    181.189 
VAL 'L-peptide linking' y VALINE          ? 'C5 H11 N O2'    117.146 
# 
loop_
_pdbx_poly_seq_scheme.asym_id 
_pdbx_poly_seq_scheme.entity_id 
_pdbx_poly_seq_scheme.seq_id 
_pdbx_poly_seq_scheme.mon_id 
_pdbx_poly_seq_scheme.ndb_seq_num 
_pdbx_poly_seq_scheme.pdb_seq_num 
_pdbx_poly_seq_scheme.auth_seq_num 
_pdbx_poly_seq_scheme.pdb_mon_id 
_pdbx_poly_seq_scheme.auth_mon_id 
_pdbx_poly_seq_scheme.pdb_strand_id 
_pdbx_poly_seq_scheme.pdb_ins_code 
_pdbx_poly_seq_scheme.hetero 
A 1 1   ALA 1   1   ?   ?   ?   A . n 
A 1 2   PRO 2   2   ?   ?   ?   A . n 
A 1 3   THR 3   3   ?   ?   ?   A . n 
A 1 4   SER 4   4   ?   ?   ?   A . n 
A 1 5   SER 5   5   ?   ?   ?   A . n 
A 1 6   SER 6   6   6   SER SER A . n 
A 1 7   THR 7   7   7   THR THR A . n 
A 1 8   LYS 8   8   8   LYS LYS A . n 
A 1 9   LYS 9   9   9   LYS LYS A . n 
A 1 10  THR 10  10  10  THR THR A . n 
A 1 11  GLN 11  11  11  GLN GLN A . n 
A 1 12  LEU 12  12  12  LEU LEU A . n 
A 1 13  GLN 13  13  13  GLN GLN A . n 
A 1 14  LEU 14  14  14  LEU LEU A . n 
A 1 15  GLU 15  15  15  GLU GLU A . n 
A 1 16  HIS 16  16  16  HIS HIS A . n 
A 1 17  LEU 17  17  17  LEU LEU A . n 
A 1 18  LEU 18  18  18  LEU LEU A . n 
A 1 19  LEU 19  19  19  LEU LEU A . n 
A 1 20  ASP 20  20  20  ASP ASP A . n 
A 1 21  LEU 21  21  21  LEU LEU A . n 
A 1 22  GLN 22  22  22  GLN GLN A . n 
A 1 23  MET 23  23  23  MET MET A . n 
A 1 24  ILE 24  24  24  ILE ILE A . n 
A 1 25  LEU 25  25  25  LEU LEU A . n 
A 1 26  ASN 26  26  26  ASN ASN A . n 
A 1 27  GLY 27  27  27  GLY GLY A . n 
A 1 28  ILE 28  28  28  ILE ILE A . n 
A 1 29  ASN 29  29  29  ASN ASN A . n 
A 1 30  ASN 30  30  30  ASN ASN A . n 
A 1 31  TYR 31  31  31  TYR TYR A . n 
A 1 32  LYS 32  32  32  LYS LYS A . n 
A 1 33  ASN 33  33  33  ASN ASN A . n 
A 1 34  PRO 34  34  34  PRO PRO A . n 
A 1 35  LYS 35  35  35  LYS LYS A . n 
A 1 36  LEU 36  36  36  LEU LEU A . n 
A 1 37  THR 37  37  37  THR THR A . n 
A 1 38  ARG 38  38  38  ARG ARG A . n 
A 1 39  MET 39  39  39  MET MET A . n 
A 1 40  LEU 40  40  40  LEU LEU A . n 
A 1 41  THR 41  41  41  THR THR A . n 
A 1 42  PHE 42  42  42  PHE PHE A . n 
A 1 43  LYS 43  43  43  LYS LYS A . n 
A 1 44  PHE 44  44  44  PHE PHE A . n 
A 1 45  TYR 45  45  45  TYR TYR A . n 
A 1 46  MET 46  46  46  MET MET A . n 
A 1 47  PRO 47  47  47  PRO PRO A . n 
A 1 48  LYS 48  48  48  LYS LYS A . n 
A 1 49  LYS 49  49  49  LYS LYS A . n 
A 1 50  ALA 50  50  50  ALA ALA A . n 
A 1 51  THR 51  51  51  THR THR A . n 
A 1 52  GLU 52  52  52  GLU GLU A . n 
A 1 53  LEU 53  53  53  LEU LEU A . n 
A 1 54  LYS 54  54  54  LYS LYS A . n 
A 1 55  HIS 55  55  55  HIS HIS A . n 
A 1 56  LEU 56  56  56  LEU LEU A . n 
A 1 57  GLN 57  57  57  GLN GLN A . n 
A 1 58  CYS 58  58  58  CYS CYS A . n 
A 1 59  LEU 59  59  59  LEU LEU A . n 
A 1 60  GLU 60  60  60  GLU GLU A . n 
A 1 61  GLU 61  61  61  GLU GLU A . n 
A 1 62  GLU 62  62  62  GLU GLU A . n 
A 1 63  LEU 63  63  63  LEU LEU A . n 
A 1 64  LYS 64  64  64  LYS LYS A . n 
A 1 65  PRO 65  65  65  PRO PRO A . n 
A 1 66  LEU 66  66  66  LEU LEU A . n 
A 1 67  GLU 67  67  67  GLU GLU A . n 
A 1 68  GLU 68  68  68  GLU GLU A . n 
A 1 69  VAL 69  69  69  VAL VAL A . n 
A 1 70  LEU 70  70  70  LEU LEU A . n 
A 1 71  ASN 71  71  71  ASN ASN A . n 
A 1 72  LEU 72  72  72  LEU LEU A . n 
A 1 73  ALA 73  73  73  ALA ALA A . n 
A 1 74  GLN 74  74  74  GLN GLN A . n 
A 1 75  SER 75  75  ?   ?   ?   A . n 
A 1 76  LYS 76  76  ?   ?   ?   A . n 
A 1 77  ASN 77  77  77  ASN ASN A . n 
A 1 78  PHE 78  78  78  PHE PHE A . n 
A 1 79  HIS 79  79  79  HIS HIS A . n 
A 1 80  LEU 80  80  80  LEU LEU A . n 
A 1 81  ARG 81  81  81  ARG ALA A . n 
A 1 82  PRO 82  82  82  PRO PRO A . n 
A 1 83  ARG 83  83  83  ARG ARG A . n 
A 1 84  ASP 84  84  84  ASP ASP A . n 
A 1 85  LEU 85  85  85  LEU LEU A . n 
A 1 86  ILE 86  86  86  ILE ILE A . n 
A 1 87  SER 87  87  87  SER SER A . n 
A 1 88  ASN 88  88  88  ASN ASN A . n 
A 1 89  ILE 89  89  89  ILE ILE A . n 
A 1 90  ASN 90  90  90  ASN ASN A . n 
A 1 91  VAL 91  91  91  VAL VAL A . n 
A 1 92  ILE 92  92  92  ILE ILE A . n 
A 1 93  VAL 93  93  93  VAL VAL A . n 
A 1 94  LEU 94  94  94  LEU LEU A . n 
A 1 95  GLU 95  95  95  GLU GLU A . n 
A 1 96  LEU 96  96  96  LEU LEU A . n 
A 1 97  LYS 97  97  97  LYS LYS A . n 
A 1 98  GLY 98  98  98  GLY GLY A . n 
A 1 99  SER 99  99  ?   ?   ?   A . n 
A 1 100 GLU 100 100 ?   ?   ?   A . n 
A 1 101 THR 101 101 ?   ?   ?   A . n 
A 1 102 THR 102 102 ?   ?   ?   A . n 
A 1 103 PHE 103 103 103 PHE PHE A . n 
A 1 104 MET 104 104 104 MET MET A . n 
A 1 105 CYS 105 105 105 CYS CYS A . n 
A 1 106 GLU 106 106 106 GLU GLU A . n 
A 1 107 TYR 107 107 107 TYR TYR A . n 
A 1 108 ALA 108 108 108 ALA ALA A . n 
A 1 109 ASP 109 109 109 ASP ASP A . n 
A 1 110 GLU 110 110 110 GLU GLU A . n 
A 1 111 THR 111 111 111 THR THR A . n 
A 1 112 ALA 112 112 112 ALA ALA A . n 
A 1 113 THR 113 113 113 THR THR A . n 
A 1 114 ILE 114 114 114 ILE ILE A . n 
A 1 115 VAL 115 115 115 VAL VAL A . n 
A 1 116 GLU 116 116 116 GLU GLU A . n 
A 1 117 PHE 117 117 117 PHE PHE A . n 
A 1 118 LEU 118 118 118 LEU LEU A . n 
A 1 119 ASN 119 119 119 ASN ASN A . n 
A 1 120 ARG 120 120 120 ARG ARG A . n 
A 1 121 TRP 121 121 121 TRP TRP A . n 
A 1 122 ILE 122 122 122 ILE ILE A . n 
A 1 123 THR 123 123 123 THR THR A . n 
A 1 124 PHE 124 124 124 PHE PHE A . n 
A 1 125 CYS 125 125 125 CYS CYS A . n 
A 1 126 GLN 126 126 126 GLN GLN A . n 
A 1 127 SER 127 127 127 SER SER A . n 
A 1 128 ILE 128 128 128 ILE ILE A . n 
A 1 129 ILE 129 129 129 ILE ILE A . n 
A 1 130 SER 130 130 130 SER SER A . n 
A 1 131 THR 131 131 131 THR THR A . n 
A 1 132 LEU 132 132 132 LEU LEU A . n 
A 1 133 THR 133 133 133 THR THR A . n 
# 
loop_
_pdbx_nonpoly_scheme.asym_id 
_pdbx_nonpoly_scheme.entity_id 
_pdbx_nonpoly_scheme.mon_id 
_pdbx_nonpoly_scheme.ndb_seq_num 
_pdbx_nonpoly_scheme.pdb_seq_num 
_pdbx_nonpoly_scheme.auth_seq_num 
_pdbx_nonpoly_scheme.pdb_mon_id 
_pdbx_nonpoly_scheme.auth_mon_id 
_pdbx_nonpoly_scheme.pdb_strand_id 
_pdbx_nonpoly_scheme.pdb_ins_code 
B 2 SO4 1  134 1  SO4 SUL A . 
C 2 SO4 1  135 2  SO4 SUL A . 
D 3 HOH 1  136 2  HOH HOH A . 
D 3 HOH 2  137 3  HOH HOH A . 
D 3 HOH 3  138 4  HOH HOH A . 
D 3 HOH 4  139 5  HOH HOH A . 
D 3 HOH 5  140 6  HOH HOH A . 
D 3 HOH 6  141 7  HOH HOH A . 
D 3 HOH 7  142 8  HOH HOH A . 
D 3 HOH 8  143 9  HOH HOH A . 
D 3 HOH 9  144 10 HOH HOH A . 
D 3 HOH 10 145 11 HOH HOH A . 
D 3 HOH 11 146 12 HOH HOH A . 
D 3 HOH 12 147 13 HOH HOH A . 
D 3 HOH 13 148 14 HOH HOH A . 
D 3 HOH 14 149 15 HOH HOH A . 
D 3 HOH 15 150 16 HOH HOH A . 
D 3 HOH 16 151 17 HOH HOH A . 
D 3 HOH 17 152 18 HOH HOH A . 
D 3 HOH 18 153 19 HOH HOH A . 
D 3 HOH 19 154 20 HOH HOH A . 
D 3 HOH 20 155 21 HOH HOH A . 
D 3 HOH 21 156 22 HOH HOH A . 
D 3 HOH 22 157 23 HOH HOH A . 
D 3 HOH 23 158 24 HOH HOH A . 
D 3 HOH 24 159 25 HOH HOH A . 
D 3 HOH 25 160 26 HOH HOH A . 
D 3 HOH 26 161 27 HOH HOH A . 
D 3 HOH 27 162 28 HOH HOH A . 
D 3 HOH 28 163 29 HOH HOH A . 
D 3 HOH 29 164 30 HOH HOH A . 
D 3 HOH 30 165 31 HOH HOH A . 
D 3 HOH 31 166 32 HOH HOH A . 
D 3 HOH 32 167 33 HOH HOH A . 
D 3 HOH 33 168 34 HOH HOH A . 
D 3 HOH 34 169 35 HOH HOH A . 
D 3 HOH 35 170 36 HOH HOH A . 
D 3 HOH 36 171 37 HOH HOH A . 
D 3 HOH 37 172 38 HOH HOH A . 
D 3 HOH 38 173 39 HOH HOH A . 
D 3 HOH 39 174 40 HOH HOH A . 
D 3 HOH 40 175 41 HOH HOH A . 
D 3 HOH 41 176 42 HOH HOH A . 
D 3 HOH 42 177 43 HOH HOH A . 
D 3 HOH 43 178 44 HOH HOH A . 
D 3 HOH 44 179 45 HOH HOH A . 
D 3 HOH 45 180 46 HOH HOH A . 
D 3 HOH 46 181 47 HOH HOH A . 
# 
loop_
_pdbx_unobs_or_zero_occ_atoms.id 
_pdbx_unobs_or_zero_occ_atoms.PDB_model_num 
_pdbx_unobs_or_zero_occ_atoms.polymer_flag 
_pdbx_unobs_or_zero_occ_atoms.occupancy_flag 
_pdbx_unobs_or_zero_occ_atoms.auth_asym_id 
_pdbx_unobs_or_zero_occ_atoms.auth_comp_id 
_pdbx_unobs_or_zero_occ_atoms.auth_seq_id 
_pdbx_unobs_or_zero_occ_atoms.PDB_ins_code 
_pdbx_unobs_or_zero_occ_atoms.auth_atom_id 
_pdbx_unobs_or_zero_occ_atoms.label_alt_id 
_pdbx_unobs_or_zero_occ_atoms.label_asym_id 
_pdbx_unobs_or_zero_occ_atoms.label_comp_id 
_pdbx_unobs_or_zero_occ_atoms.label_seq_id 
_pdbx_unobs_or_zero_occ_atoms.label_atom_id 
1 1 Y 1 A ARG 81 ? CG  ? A ARG 81 CG  
2 1 Y 1 A ARG 81 ? CD  ? A ARG 81 CD  
3 1 Y 1 A ARG 81 ? NE  ? A ARG 81 NE  
4 1 Y 1 A ARG 81 ? CZ  ? A ARG 81 CZ  
5 1 Y 1 A ARG 81 ? NH1 ? A ARG 81 NH1 
6 1 Y 1 A ARG 81 ? NH2 ? A ARG 81 NH2 
# 
loop_
_software.name 
_software.classification 
_software.version 
_software.citation_id 
_software.pdbx_ordinal 
MAR345 'data collection' .         ? 1 
SCALA  'data scaling'    .         ? 2 
AMoRE  phasing           .         ? 3 
REFMAC refinement        5.0       ? 4 
CCP4   'data scaling'    '(SCALA)' ? 5 
# 
_cell.entry_id           1M47 
_cell.length_a           49.465 
_cell.length_b           84.777 
_cell.length_c           31.712 
_cell.angle_alpha        90.00 
_cell.angle_beta         90.00 
_cell.angle_gamma        90.00 
_cell.Z_PDB              4 
_cell.pdbx_unique_axis   ? 
_cell.length_a_esd       ? 
_cell.length_b_esd       ? 
_cell.length_c_esd       ? 
_cell.angle_alpha_esd    ? 
_cell.angle_beta_esd     ? 
_cell.angle_gamma_esd    ? 
# 
_symmetry.entry_id                         1M47 
_symmetry.space_group_name_H-M             'P 21 21 2' 
_symmetry.pdbx_full_space_group_name_H-M   ? 
_symmetry.cell_setting                     ? 
_symmetry.Int_Tables_number                18 
_symmetry.space_group_name_Hall            ? 
# 
_exptl.entry_id          1M47 
_exptl.method            'X-RAY DIFFRACTION' 
_exptl.crystals_number   1 
# 
_exptl_crystal.id                    1 
_exptl_crystal.density_meas          ? 
_exptl_crystal.density_percent_sol   42.87 
_exptl_crystal.density_Matthews      2.15 
_exptl_crystal.description           ? 
_exptl_crystal.F_000                 ? 
_exptl_crystal.preparation           ? 
# 
_exptl_crystal_grow.crystal_id      1 
_exptl_crystal_grow.method          'VAPOR DIFFUSION, HANGING DROP' 
_exptl_crystal_grow.temp            298 
_exptl_crystal_grow.temp_details    ? 
_exptl_crystal_grow.pH              7.0 
_exptl_crystal_grow.pdbx_details    'pH 7.0, VAPOR DIFFUSION, HANGING DROP, temperature 298K' 
_exptl_crystal_grow.pdbx_pH_range   ? 
# 
_diffrn.id                     1 
_diffrn.ambient_temp           100 
_diffrn.ambient_temp_details   ? 
_diffrn.crystal_id             1 
# 
_diffrn_detector.diffrn_id              1 
_diffrn_detector.detector               'IMAGE PLATE' 
_diffrn_detector.type                   MARRESEARCH 
_diffrn_detector.pdbx_collection_date   2002-01-27 
_diffrn_detector.details                ? 
# 
_diffrn_radiation.diffrn_id                        1 
_diffrn_radiation.wavelength_id                    1 
_diffrn_radiation.pdbx_monochromatic_or_laue_m_l   M 
_diffrn_radiation.monochromator                    synchrotron 
_diffrn_radiation.pdbx_diffrn_protocol             'SINGLE WAVELENGTH' 
_diffrn_radiation.pdbx_scattering_type             x-ray 
# 
_diffrn_radiation_wavelength.id           1 
_diffrn_radiation_wavelength.wavelength   1.08 
_diffrn_radiation_wavelength.wt           1.0 
# 
_diffrn_source.diffrn_id                   1 
_diffrn_source.source                      SYNCHROTRON 
_diffrn_source.type                        'SSRL BEAMLINE BL7-1' 
_diffrn_source.pdbx_synchrotron_site       SSRL 
_diffrn_source.pdbx_synchrotron_beamline   BL7-1 
_diffrn_source.pdbx_wavelength             ? 
_diffrn_source.pdbx_wavelength_list        1.08 
# 
_reflns.entry_id                     1M47 
_reflns.observed_criterion_sigma_F   0 
_reflns.observed_criterion_sigma_I   0 
_reflns.d_resolution_high            1.95 
_reflns.d_resolution_low             10.0 
_reflns.number_all                   9522 
_reflns.number_obs                   9522 
_reflns.percent_possible_obs         98.5 
_reflns.pdbx_Rmerge_I_obs            0.061 
_reflns.pdbx_Rsym_value              0.061 
_reflns.pdbx_netI_over_sigmaI        13.2 
_reflns.B_iso_Wilson_estimate        17.6 
_reflns.pdbx_redundancy              ? 
_reflns.R_free_details               ? 
_reflns.limit_h_max                  ? 
_reflns.limit_h_min                  ? 
_reflns.limit_k_max                  ? 
_reflns.limit_k_min                  ? 
_reflns.limit_l_max                  ? 
_reflns.limit_l_min                  ? 
_reflns.observed_criterion_F_max     ? 
_reflns.observed_criterion_F_min     ? 
_reflns.pdbx_chi_squared             ? 
_reflns.pdbx_scaling_rejects         ? 
_reflns.pdbx_ordinal                 1 
_reflns.pdbx_diffrn_id               1 
# 
_reflns_shell.d_res_high             1.95 
_reflns_shell.d_res_low              2.05 
_reflns_shell.percent_possible_all   91.9 
_reflns_shell.Rmerge_I_obs           0.391 
_reflns_shell.pdbx_Rsym_value        0.391 
_reflns_shell.meanI_over_sigI_obs    3.3 
_reflns_shell.pdbx_redundancy        ? 
_reflns_shell.percent_possible_obs   ? 
_reflns_shell.number_unique_all      855 
_reflns_shell.number_measured_all    ? 
_reflns_shell.number_measured_obs    ? 
_reflns_shell.number_unique_obs      ? 
_reflns_shell.pdbx_chi_squared       ? 
_reflns_shell.pdbx_ordinal           1 
_reflns_shell.pdbx_diffrn_id         1 
# 
_refine.entry_id                                 1M47 
_refine.ls_number_reflns_obs                     9020 
_refine.ls_number_reflns_all                     9020 
_refine.pdbx_ls_sigma_I                          0 
_refine.pdbx_ls_sigma_F                          0 
_refine.pdbx_data_cutoff_high_absF               ? 
_refine.pdbx_data_cutoff_low_absF                ? 
_refine.ls_d_res_low                             15.00 
_refine.ls_d_res_high                            1.99 
_refine.ls_percent_reflns_obs                    98.08 
_refine.ls_R_factor_obs                          0.22118 
_refine.ls_R_factor_all                          0.22118 
_refine.ls_R_factor_R_work                       0.21995 
_refine.ls_R_factor_R_free                       0.24452 
_refine.ls_R_factor_R_free_error                 ? 
_refine.ls_R_factor_R_free_error_details         ? 
_refine.ls_percent_reflns_R_free                 5.0 
_refine.ls_number_reflns_R_free                  477 
_refine.ls_number_parameters                     ? 
_refine.ls_number_restraints                     ? 
_refine.occupancy_min                            ? 
_refine.occupancy_max                            ? 
_refine.correlation_coeff_Fo_to_Fc               0.930 
_refine.correlation_coeff_Fo_to_Fc_free          0.904 
_refine.B_iso_mean                               24.250 
_refine.aniso_B[1][1]                            -0.47 
_refine.aniso_B[2][2]                            0.41 
_refine.aniso_B[3][3]                            0.06 
_refine.aniso_B[1][2]                            0.00 
_refine.aniso_B[1][3]                            0.00 
_refine.aniso_B[2][3]                            0.00 
_refine.solvent_model_details                    MASK 
_refine.solvent_model_param_ksol                 ? 
_refine.solvent_model_param_bsol                 ? 
_refine.pdbx_solvent_vdw_probe_radii             1.40 
_refine.pdbx_solvent_ion_probe_radii             0.80 
_refine.pdbx_solvent_shrinkage_radii             0.80 
_refine.pdbx_ls_cross_valid_method               THROUGHOUT 
_refine.details                                  ? 
_refine.pdbx_starting_model                      ? 
_refine.pdbx_method_to_determine_struct          'MOLECULAR REPLACEMENT' 
_refine.pdbx_isotropic_thermal_model             isotropic 
_refine.pdbx_stereochemistry_target_values       'MAXIMUM LIKELIHOOD' 
_refine.pdbx_stereochem_target_val_spec_case     ? 
_refine.pdbx_R_Free_selection_details            RANDOM 
_refine.pdbx_overall_ESU_R_Free                  0.170 
_refine.overall_SU_B                             2.4 
_refine.ls_redundancy_reflns_obs                 ? 
_refine.B_iso_min                                ? 
_refine.B_iso_max                                ? 
_refine.overall_SU_R_Cruickshank_DPI             ? 
_refine.overall_SU_R_free                        ? 
_refine.overall_SU_ML                            0.068 
_refine.pdbx_overall_ESU_R                       0.210 
_refine.pdbx_data_cutoff_high_rms_absF           ? 
_refine.pdbx_refine_id                           'X-RAY DIFFRACTION' 
_refine.pdbx_overall_phase_error                 ? 
_refine.ls_wR_factor_R_free                      ? 
_refine.ls_wR_factor_R_work                      ? 
_refine.overall_FOM_free_R_set                   ? 
_refine.overall_FOM_work_R_set                   ? 
_refine.pdbx_diffrn_id                           1 
_refine.pdbx_TLS_residual_ADP_flag               ? 
_refine.pdbx_overall_SU_R_free_Cruickshank_DPI   ? 
_refine.pdbx_overall_SU_R_Blow_DPI               ? 
_refine.pdbx_overall_SU_R_free_Blow_DPI          ? 
# 
_refine_hist.pdbx_refine_id                   'X-RAY DIFFRACTION' 
_refine_hist.cycle_id                         LAST 
_refine_hist.pdbx_number_atoms_protein        999 
_refine_hist.pdbx_number_atoms_nucleic_acid   0 
_refine_hist.pdbx_number_atoms_ligand         10 
_refine_hist.number_atoms_solvent             46 
_refine_hist.number_atoms_total               1055 
_refine_hist.d_res_high                       1.99 
_refine_hist.d_res_low                        15.00 
# 
loop_
_refine_ls_restr.type 
_refine_ls_restr.dev_ideal 
_refine_ls_restr.dev_ideal_target 
_refine_ls_restr.weight 
_refine_ls_restr.number 
_refine_ls_restr.pdbx_refine_id 
_refine_ls_restr.pdbx_restraint_function 
r_bond_refined_d         0.003  0.022  ? 1023 'X-RAY DIFFRACTION' ? 
r_angle_refined_deg      0.971  1.990  ? 1381 'X-RAY DIFFRACTION' ? 
r_dihedral_angle_1_deg   2.168  3.000  ? 119  'X-RAY DIFFRACTION' ? 
r_dihedral_angle_3_deg   14.826 15.000 ? 206  'X-RAY DIFFRACTION' ? 
r_chiral_restr           0.090  0.200  ? 165  'X-RAY DIFFRACTION' ? 
r_gen_planes_refined     0.003  0.020  ? 717  'X-RAY DIFFRACTION' ? 
r_nbd_refined            0.236  0.300  ? 480  'X-RAY DIFFRACTION' ? 
r_xyhbond_nbd_refined    0.153  0.500  ? 54   'X-RAY DIFFRACTION' ? 
r_symmetry_vdw_refined   0.255  0.300  ? 37   'X-RAY DIFFRACTION' ? 
r_symmetry_hbond_refined 0.118  0.500  ? 2    'X-RAY DIFFRACTION' ? 
r_mcbond_it              2.008  2.500  ? 609  'X-RAY DIFFRACTION' ? 
r_mcangle_it             3.668  5.000  ? 991  'X-RAY DIFFRACTION' ? 
r_scbond_it              2.381  2.500  ? 414  'X-RAY DIFFRACTION' ? 
r_scangle_it             4.028  5.000  ? 390  'X-RAY DIFFRACTION' ? 
# 
_refine_ls_shell.pdbx_total_number_of_bins_used   15 
_refine_ls_shell.d_res_high                       1.99 
_refine_ls_shell.d_res_low                        2.054 
_refine_ls_shell.number_reflns_R_work             810 
_refine_ls_shell.R_factor_R_work                  0.282 
_refine_ls_shell.percent_reflns_obs               91.9 
_refine_ls_shell.R_factor_R_free                  0.319 
_refine_ls_shell.R_factor_R_free_error            ? 
_refine_ls_shell.percent_reflns_R_free            ? 
_refine_ls_shell.number_reflns_R_free             45 
_refine_ls_shell.number_reflns_obs                855 
_refine_ls_shell.redundancy_reflns_obs            ? 
_refine_ls_shell.number_reflns_all                ? 
_refine_ls_shell.pdbx_refine_id                   'X-RAY DIFFRACTION' 
_refine_ls_shell.R_factor_all                     ? 
# 
_struct.entry_id                  1M47 
_struct.title                     'Crystal Structure of Human Interleukin-2' 
_struct.pdbx_model_details        ? 
_struct.pdbx_CASP_flag            ? 
_struct.pdbx_model_type_details   ? 
# 
_struct_keywords.entry_id        1M47 
_struct_keywords.pdbx_keywords   CYTOKINE 
_struct_keywords.text            'cytokine, four-helix bundle' 
# 
loop_
_struct_asym.id 
_struct_asym.pdbx_blank_PDB_chainid_flag 
_struct_asym.pdbx_modified 
_struct_asym.entity_id 
_struct_asym.details 
A N N 1 ? 
B N N 2 ? 
C N N 2 ? 
D N N 3 ? 
# 
_struct_ref.id                         1 
_struct_ref.db_name                    UNP 
_struct_ref.db_code                    IL2_HUMAN 
_struct_ref.entity_id                  1 
_struct_ref.pdbx_seq_one_letter_code   
;APTSSSTKKTQLQLEHLLLDLQMILNGINNYKNPKLTRMLTFKFYMPKKATELKHLQCLEEELKPLEEVLNLAQSKNFHL
RPRDLISNINVIVLELKGSETTFMCEYADETATIVEFLNRWITFCQSIISTLT
;
_struct_ref.pdbx_align_begin           21 
_struct_ref.pdbx_db_accession          P60568 
_struct_ref.pdbx_db_isoform            ? 
# 
_struct_ref_seq.align_id                      1 
_struct_ref_seq.ref_id                        1 
_struct_ref_seq.pdbx_PDB_id_code              1M47 
_struct_ref_seq.pdbx_strand_id                A 
_struct_ref_seq.seq_align_beg                 1 
_struct_ref_seq.pdbx_seq_align_beg_ins_code   ? 
_struct_ref_seq.seq_align_end                 133 
_struct_ref_seq.pdbx_seq_align_end_ins_code   ? 
_struct_ref_seq.pdbx_db_accession             P60568 
_struct_ref_seq.db_align_beg                  21 
_struct_ref_seq.pdbx_db_align_beg_ins_code    ? 
_struct_ref_seq.db_align_end                  153 
_struct_ref_seq.pdbx_db_align_end_ins_code    ? 
_struct_ref_seq.pdbx_auth_seq_align_beg       1 
_struct_ref_seq.pdbx_auth_seq_align_end       133 
# 
_pdbx_struct_assembly.id                   1 
_pdbx_struct_assembly.details              author_defined_assembly 
_pdbx_struct_assembly.method_details       ? 
_pdbx_struct_assembly.oligomeric_details   monomeric 
_pdbx_struct_assembly.oligomeric_count     1 
# 
_pdbx_struct_assembly_gen.assembly_id       1 
_pdbx_struct_assembly_gen.oper_expression   1 
_pdbx_struct_assembly_gen.asym_id_list      A,B,C,D 
# 
_pdbx_struct_oper_list.id                   1 
_pdbx_struct_oper_list.type                 'identity operation' 
_pdbx_struct_oper_list.name                 1_555 
_pdbx_struct_oper_list.symmetry_operation   x,y,z 
_pdbx_struct_oper_list.matrix[1][1]         1.0000000000 
_pdbx_struct_oper_list.matrix[1][2]         0.0000000000 
_pdbx_struct_oper_list.matrix[1][3]         0.0000000000 
_pdbx_struct_oper_list.vector[1]            0.0000000000 
_pdbx_struct_oper_list.matrix[2][1]         0.0000000000 
_pdbx_struct_oper_list.matrix[2][2]         1.0000000000 
_pdbx_struct_oper_list.matrix[2][3]         0.0000000000 
_pdbx_struct_oper_list.vector[2]            0.0000000000 
_pdbx_struct_oper_list.matrix[3][1]         0.0000000000 
_pdbx_struct_oper_list.matrix[3][2]         0.0000000000 
_pdbx_struct_oper_list.matrix[3][3]         1.0000000000 
_pdbx_struct_oper_list.vector[3]            0.0000000000 
# 
_struct_biol.id   1 
# 
loop_
_struct_conf.conf_type_id 
_struct_conf.id 
_struct_conf.pdbx_PDB_helix_id 
_struct_conf.beg_label_comp_id 
_struct_conf.beg_label_asym_id 
_struct_conf.beg_label_seq_id 
_struct_conf.pdbx_beg_PDB_ins_code 
_struct_conf.end_label_comp_id 
_struct_conf.end_label_asym_id 
_struct_conf.end_label_seq_id 
_struct_conf.pdbx_end_PDB_ins_code 
_struct_conf.beg_auth_comp_id 
_struct_conf.beg_auth_asym_id 
_struct_conf.beg_auth_seq_id 
_struct_conf.end_auth_comp_id 
_struct_conf.end_auth_asym_id 
_struct_conf.end_auth_seq_id 
_struct_conf.pdbx_PDB_helix_class 
_struct_conf.details 
_struct_conf.pdbx_PDB_helix_length 
HELX_P HELX_P1 1 SER A 6   ? ASN A 30  ? SER A 6   ASN A 30  1 ? 25 
HELX_P HELX_P2 2 LYS A 32  ? LEU A 40  ? LYS A 32  LEU A 40  1 ? 9  
HELX_P HELX_P3 3 GLU A 52  ? HIS A 55  ? GLU A 52  HIS A 55  5 ? 4  
HELX_P HELX_P4 4 LEU A 56  ? GLU A 61  ? LEU A 56  GLU A 61  1 ? 6  
HELX_P HELX_P5 5 GLU A 62  ? GLN A 74  ? GLU A 62  GLN A 74  1 ? 13 
HELX_P HELX_P6 6 ARG A 81  ? GLY A 98  ? ARG A 81  GLY A 98  1 ? 18 
HELX_P HELX_P7 7 THR A 113 ? SER A 130 ? THR A 113 SER A 130 1 ? 18 
# 
_struct_conf_type.id          HELX_P 
_struct_conf_type.criteria    ? 
_struct_conf_type.reference   ? 
# 
_struct_conn.id                            disulf1 
_struct_conn.conn_type_id                  disulf 
_struct_conn.pdbx_leaving_atom_flag        ? 
_struct_conn.pdbx_PDB_id                   ? 
_struct_conn.ptnr1_label_asym_id           A 
_struct_conn.ptnr1_label_comp_id           CYS 
_struct_conn.ptnr1_label_seq_id            58 
_struct_conn.ptnr1_label_atom_id           SG 
_struct_conn.pdbx_ptnr1_label_alt_id       ? 
_struct_conn.pdbx_ptnr1_PDB_ins_code       ? 
_struct_conn.pdbx_ptnr1_standard_comp_id   ? 
_struct_conn.ptnr1_symmetry                1_555 
_struct_conn.ptnr2_label_asym_id           A 
_struct_conn.ptnr2_label_comp_id           CYS 
_struct_conn.ptnr2_label_seq_id            105 
_struct_conn.ptnr2_label_atom_id           SG 
_struct_conn.pdbx_ptnr2_label_alt_id       ? 
_struct_conn.pdbx_ptnr2_PDB_ins_code       ? 
_struct_conn.ptnr1_auth_asym_id            A 
_struct_conn.ptnr1_auth_comp_id            CYS 
_struct_conn.ptnr1_auth_seq_id             58 
_struct_conn.ptnr2_auth_asym_id            A 
_struct_conn.ptnr2_auth_comp_id            CYS 
_struct_conn.ptnr2_auth_seq_id             105 
_struct_conn.ptnr2_symmetry                1_555 
_struct_conn.pdbx_ptnr3_label_atom_id      ? 
_struct_conn.pdbx_ptnr3_label_seq_id       ? 
_struct_conn.pdbx_ptnr3_label_comp_id      ? 
_struct_conn.pdbx_ptnr3_label_asym_id      ? 
_struct_conn.pdbx_ptnr3_label_alt_id       ? 
_struct_conn.pdbx_ptnr3_PDB_ins_code       ? 
_struct_conn.details                       ? 
_struct_conn.pdbx_dist_value               2.020 
_struct_conn.pdbx_value_order              ? 
_struct_conn.pdbx_role                     ? 
# 
_struct_conn_type.id          disulf 
_struct_conn_type.criteria    ? 
_struct_conn_type.reference   ? 
# 
_pdbx_modification_feature.ordinal                            1 
_pdbx_modification_feature.label_comp_id                      CYS 
_pdbx_modification_feature.label_asym_id                      A 
_pdbx_modification_feature.label_seq_id                       58 
_pdbx_modification_feature.label_alt_id                       ? 
_pdbx_modification_feature.modified_residue_label_comp_id     CYS 
_pdbx_modification_feature.modified_residue_label_asym_id     A 
_pdbx_modification_feature.modified_residue_label_seq_id      105 
_pdbx_modification_feature.modified_residue_label_alt_id      ? 
_pdbx_modification_feature.auth_comp_id                       CYS 
_pdbx_modification_feature.auth_asym_id                       A 
_pdbx_modification_feature.auth_seq_id                        58 
_pdbx_modification_feature.PDB_ins_code                       ? 
_pdbx_modification_feature.symmetry                           1_555 
_pdbx_modification_feature.modified_residue_auth_comp_id      CYS 
_pdbx_modification_feature.modified_residue_auth_asym_id      A 
_pdbx_modification_feature.modified_residue_auth_seq_id       105 
_pdbx_modification_feature.modified_residue_PDB_ins_code      ? 
_pdbx_modification_feature.modified_residue_symmetry          1_555 
_pdbx_modification_feature.comp_id_linking_atom               SG 
_pdbx_modification_feature.modified_residue_id_linking_atom   SG 
_pdbx_modification_feature.modified_residue_id                . 
_pdbx_modification_feature.ref_pcm_id                         . 
_pdbx_modification_feature.ref_comp_id                        . 
_pdbx_modification_feature.type                               None 
_pdbx_modification_feature.category                           'Disulfide bridge' 
# 
loop_
_struct_site.id 
_struct_site.pdbx_evidence_code 
_struct_site.pdbx_auth_asym_id 
_struct_site.pdbx_auth_comp_id 
_struct_site.pdbx_auth_seq_id 
_struct_site.pdbx_auth_ins_code 
_struct_site.pdbx_num_residues 
_struct_site.details 
AC1 Software A SO4 134 ? 5 'BINDING SITE FOR RESIDUE SO4 A 134' 
AC2 Software A SO4 135 ? 3 'BINDING SITE FOR RESIDUE SO4 A 135' 
# 
loop_
_struct_site_gen.id 
_struct_site_gen.site_id 
_struct_site_gen.pdbx_num_res 
_struct_site_gen.label_comp_id 
_struct_site_gen.label_asym_id 
_struct_site_gen.label_seq_id 
_struct_site_gen.pdbx_auth_ins_code 
_struct_site_gen.auth_comp_id 
_struct_site_gen.auth_asym_id 
_struct_site_gen.auth_seq_id 
_struct_site_gen.label_atom_id 
_struct_site_gen.label_alt_id 
_struct_site_gen.symmetry 
_struct_site_gen.details 
1 AC1 5 LYS A 49  ? LYS A 49  . ? 1_555 ? 
2 AC1 5 LYS A 54  ? LYS A 54  . ? 1_555 ? 
3 AC1 5 HIS A 55  ? HIS A 55  . ? 1_555 ? 
4 AC1 5 PHE A 103 ? PHE A 103 . ? 1_555 ? 
5 AC1 5 THR A 133 ? THR A 133 . ? 2_565 ? 
6 AC2 3 TYR A 31  ? TYR A 31  . ? 1_555 ? 
7 AC2 3 LYS A 32  ? LYS A 32  . ? 1_555 ? 
8 AC2 3 LYS A 35  ? LYS A 35  . ? 1_555 ? 
# 
_pdbx_entry_details.entry_id                   1M47 
_pdbx_entry_details.compound_details           ? 
_pdbx_entry_details.source_details             ? 
_pdbx_entry_details.nonpolymer_details         ? 
_pdbx_entry_details.sequence_details           ? 
_pdbx_entry_details.has_ligand_of_interest     ? 
_pdbx_entry_details.has_protein_modification   Y 
# 
loop_
_pdbx_unobs_or_zero_occ_residues.id 
_pdbx_unobs_or_zero_occ_residues.PDB_model_num 
_pdbx_unobs_or_zero_occ_residues.polymer_flag 
_pdbx_unobs_or_zero_occ_residues.occupancy_flag 
_pdbx_unobs_or_zero_occ_residues.auth_asym_id 
_pdbx_unobs_or_zero_occ_residues.auth_comp_id 
_pdbx_unobs_or_zero_occ_residues.auth_seq_id 
_pdbx_unobs_or_zero_occ_residues.PDB_ins_code 
_pdbx_unobs_or_zero_occ_residues.label_asym_id 
_pdbx_unobs_or_zero_occ_residues.label_comp_id 
_pdbx_unobs_or_zero_occ_residues.label_seq_id 
1  1 Y 1 A ALA 1   ? A ALA 1   
2  1 Y 1 A PRO 2   ? A PRO 2   
3  1 Y 1 A THR 3   ? A THR 3   
4  1 Y 1 A SER 4   ? A SER 4   
5  1 Y 1 A SER 5   ? A SER 5   
6  1 Y 1 A SER 75  ? A SER 75  
7  1 Y 1 A LYS 76  ? A LYS 76  
8  1 Y 1 A SER 99  ? A SER 99  
9  1 Y 1 A GLU 100 ? A GLU 100 
10 1 Y 1 A THR 101 ? A THR 101 
11 1 Y 1 A THR 102 ? A THR 102 
# 
loop_
_chem_comp_atom.comp_id 
_chem_comp_atom.atom_id 
_chem_comp_atom.type_symbol 
_chem_comp_atom.pdbx_aromatic_flag 
_chem_comp_atom.pdbx_stereo_config 
_chem_comp_atom.pdbx_ordinal 
ALA N    N N N 1   
ALA CA   C N S 2   
ALA C    C N N 3   
ALA O    O N N 4   
ALA CB   C N N 5   
ALA OXT  O N N 6   
ALA H    H N N 7   
ALA H2   H N N 8   
ALA HA   H N N 9   
ALA HB1  H N N 10  
ALA HB2  H N N 11  
ALA HB3  H N N 12  
ALA HXT  H N N 13  
ARG N    N N N 14  
ARG CA   C N S 15  
ARG C    C N N 16  
ARG O    O N N 17  
ARG CB   C N N 18  
ARG CG   C N N 19  
ARG CD   C N N 20  
ARG NE   N N N 21  
ARG CZ   C N N 22  
ARG NH1  N N N 23  
ARG NH2  N N N 24  
ARG OXT  O N N 25  
ARG H    H N N 26  
ARG H2   H N N 27  
ARG HA   H N N 28  
ARG HB2  H N N 29  
ARG HB3  H N N 30  
ARG HG2  H N N 31  
ARG HG3  H N N 32  
ARG HD2  H N N 33  
ARG HD3  H N N 34  
ARG HE   H N N 35  
ARG HH11 H N N 36  
ARG HH12 H N N 37  
ARG HH21 H N N 38  
ARG HH22 H N N 39  
ARG HXT  H N N 40  
ASN N    N N N 41  
ASN CA   C N S 42  
ASN C    C N N 43  
ASN O    O N N 44  
ASN CB   C N N 45  
ASN CG   C N N 46  
ASN OD1  O N N 47  
ASN ND2  N N N 48  
ASN OXT  O N N 49  
ASN H    H N N 50  
ASN H2   H N N 51  
ASN HA   H N N 52  
ASN HB2  H N N 53  
ASN HB3  H N N 54  
ASN HD21 H N N 55  
ASN HD22 H N N 56  
ASN HXT  H N N 57  
ASP N    N N N 58  
ASP CA   C N S 59  
ASP C    C N N 60  
ASP O    O N N 61  
ASP CB   C N N 62  
ASP CG   C N N 63  
ASP OD1  O N N 64  
ASP OD2  O N N 65  
ASP OXT  O N N 66  
ASP H    H N N 67  
ASP H2   H N N 68  
ASP HA   H N N 69  
ASP HB2  H N N 70  
ASP HB3  H N N 71  
ASP HD2  H N N 72  
ASP HXT  H N N 73  
CYS N    N N N 74  
CYS CA   C N R 75  
CYS C    C N N 76  
CYS O    O N N 77  
CYS CB   C N N 78  
CYS SG   S N N 79  
CYS OXT  O N N 80  
CYS H    H N N 81  
CYS H2   H N N 82  
CYS HA   H N N 83  
CYS HB2  H N N 84  
CYS HB3  H N N 85  
CYS HG   H N N 86  
CYS HXT  H N N 87  
GLN N    N N N 88  
GLN CA   C N S 89  
GLN C    C N N 90  
GLN O    O N N 91  
GLN CB   C N N 92  
GLN CG   C N N 93  
GLN CD   C N N 94  
GLN OE1  O N N 95  
GLN NE2  N N N 96  
GLN OXT  O N N 97  
GLN H    H N N 98  
GLN H2   H N N 99  
GLN HA   H N N 100 
GLN HB2  H N N 101 
GLN HB3  H N N 102 
GLN HG2  H N N 103 
GLN HG3  H N N 104 
GLN HE21 H N N 105 
GLN HE22 H N N 106 
GLN HXT  H N N 107 
GLU N    N N N 108 
GLU CA   C N S 109 
GLU C    C N N 110 
GLU O    O N N 111 
GLU CB   C N N 112 
GLU CG   C N N 113 
GLU CD   C N N 114 
GLU OE1  O N N 115 
GLU OE2  O N N 116 
GLU OXT  O N N 117 
GLU H    H N N 118 
GLU H2   H N N 119 
GLU HA   H N N 120 
GLU HB2  H N N 121 
GLU HB3  H N N 122 
GLU HG2  H N N 123 
GLU HG3  H N N 124 
GLU HE2  H N N 125 
GLU HXT  H N N 126 
GLY N    N N N 127 
GLY CA   C N N 128 
GLY C    C N N 129 
GLY O    O N N 130 
GLY OXT  O N N 131 
GLY H    H N N 132 
GLY H2   H N N 133 
GLY HA2  H N N 134 
GLY HA3  H N N 135 
GLY HXT  H N N 136 
HIS N    N N N 137 
HIS CA   C N S 138 
HIS C    C N N 139 
HIS O    O N N 140 
HIS CB   C N N 141 
HIS CG   C Y N 142 
HIS ND1  N Y N 143 
HIS CD2  C Y N 144 
HIS CE1  C Y N 145 
HIS NE2  N Y N 146 
HIS OXT  O N N 147 
HIS H    H N N 148 
HIS H2   H N N 149 
HIS HA   H N N 150 
HIS HB2  H N N 151 
HIS HB3  H N N 152 
HIS HD1  H N N 153 
HIS HD2  H N N 154 
HIS HE1  H N N 155 
HIS HE2  H N N 156 
HIS HXT  H N N 157 
HOH O    O N N 158 
HOH H1   H N N 159 
HOH H2   H N N 160 
ILE N    N N N 161 
ILE CA   C N S 162 
ILE C    C N N 163 
ILE O    O N N 164 
ILE CB   C N S 165 
ILE CG1  C N N 166 
ILE CG2  C N N 167 
ILE CD1  C N N 168 
ILE OXT  O N N 169 
ILE H    H N N 170 
ILE H2   H N N 171 
ILE HA   H N N 172 
ILE HB   H N N 173 
ILE HG12 H N N 174 
ILE HG13 H N N 175 
ILE HG21 H N N 176 
ILE HG22 H N N 177 
ILE HG23 H N N 178 
ILE HD11 H N N 179 
ILE HD12 H N N 180 
ILE HD13 H N N 181 
ILE HXT  H N N 182 
LEU N    N N N 183 
LEU CA   C N S 184 
LEU C    C N N 185 
LEU O    O N N 186 
LEU CB   C N N 187 
LEU CG   C N N 188 
LEU CD1  C N N 189 
LEU CD2  C N N 190 
LEU OXT  O N N 191 
LEU H    H N N 192 
LEU H2   H N N 193 
LEU HA   H N N 194 
LEU HB2  H N N 195 
LEU HB3  H N N 196 
LEU HG   H N N 197 
LEU HD11 H N N 198 
LEU HD12 H N N 199 
LEU HD13 H N N 200 
LEU HD21 H N N 201 
LEU HD22 H N N 202 
LEU HD23 H N N 203 
LEU HXT  H N N 204 
LYS N    N N N 205 
LYS CA   C N S 206 
LYS C    C N N 207 
LYS O    O N N 208 
LYS CB   C N N 209 
LYS CG   C N N 210 
LYS CD   C N N 211 
LYS CE   C N N 212 
LYS NZ   N N N 213 
LYS OXT  O N N 214 
LYS H    H N N 215 
LYS H2   H N N 216 
LYS HA   H N N 217 
LYS HB2  H N N 218 
LYS HB3  H N N 219 
LYS HG2  H N N 220 
LYS HG3  H N N 221 
LYS HD2  H N N 222 
LYS HD3  H N N 223 
LYS HE2  H N N 224 
LYS HE3  H N N 225 
LYS HZ1  H N N 226 
LYS HZ2  H N N 227 
LYS HZ3  H N N 228 
LYS HXT  H N N 229 
MET N    N N N 230 
MET CA   C N S 231 
MET C    C N N 232 
MET O    O N N 233 
MET CB   C N N 234 
MET CG   C N N 235 
MET SD   S N N 236 
MET CE   C N N 237 
MET OXT  O N N 238 
MET H    H N N 239 
MET H2   H N N 240 
MET HA   H N N 241 
MET HB2  H N N 242 
MET HB3  H N N 243 
MET HG2  H N N 244 
MET HG3  H N N 245 
MET HE1  H N N 246 
MET HE2  H N N 247 
MET HE3  H N N 248 
MET HXT  H N N 249 
PHE N    N N N 250 
PHE CA   C N S 251 
PHE C    C N N 252 
PHE O    O N N 253 
PHE CB   C N N 254 
PHE CG   C Y N 255 
PHE CD1  C Y N 256 
PHE CD2  C Y N 257 
PHE CE1  C Y N 258 
PHE CE2  C Y N 259 
PHE CZ   C Y N 260 
PHE OXT  O N N 261 
PHE H    H N N 262 
PHE H2   H N N 263 
PHE HA   H N N 264 
PHE HB2  H N N 265 
PHE HB3  H N N 266 
PHE HD1  H N N 267 
PHE HD2  H N N 268 
PHE HE1  H N N 269 
PHE HE2  H N N 270 
PHE HZ   H N N 271 
PHE HXT  H N N 272 
PRO N    N N N 273 
PRO CA   C N S 274 
PRO C    C N N 275 
PRO O    O N N 276 
PRO CB   C N N 277 
PRO CG   C N N 278 
PRO CD   C N N 279 
PRO OXT  O N N 280 
PRO H    H N N 281 
PRO HA   H N N 282 
PRO HB2  H N N 283 
PRO HB3  H N N 284 
PRO HG2  H N N 285 
PRO HG3  H N N 286 
PRO HD2  H N N 287 
PRO HD3  H N N 288 
PRO HXT  H N N 289 
SER N    N N N 290 
SER CA   C N S 291 
SER C    C N N 292 
SER O    O N N 293 
SER CB   C N N 294 
SER OG   O N N 295 
SER OXT  O N N 296 
SER H    H N N 297 
SER H2   H N N 298 
SER HA   H N N 299 
SER HB2  H N N 300 
SER HB3  H N N 301 
SER HG   H N N 302 
SER HXT  H N N 303 
SO4 S    S N N 304 
SO4 O1   O N N 305 
SO4 O2   O N N 306 
SO4 O3   O N N 307 
SO4 O4   O N N 308 
THR N    N N N 309 
THR CA   C N S 310 
THR C    C N N 311 
THR O    O N N 312 
THR CB   C N R 313 
THR OG1  O N N 314 
THR CG2  C N N 315 
THR OXT  O N N 316 
THR H    H N N 317 
THR H2   H N N 318 
THR HA   H N N 319 
THR HB   H N N 320 
THR HG1  H N N 321 
THR HG21 H N N 322 
THR HG22 H N N 323 
THR HG23 H N N 324 
THR HXT  H N N 325 
TRP N    N N N 326 
TRP CA   C N S 327 
TRP C    C N N 328 
TRP O    O N N 329 
TRP CB   C N N 330 
TRP CG   C Y N 331 
TRP CD1  C Y N 332 
TRP CD2  C Y N 333 
TRP NE1  N Y N 334 
TRP CE2  C Y N 335 
TRP CE3  C Y N 336 
TRP CZ2  C Y N 337 
TRP CZ3  C Y N 338 
TRP CH2  C Y N 339 
TRP OXT  O N N 340 
TRP H    H N N 341 
TRP H2   H N N 342 
TRP HA   H N N 343 
TRP HB2  H N N 344 
TRP HB3  H N N 345 
TRP HD1  H N N 346 
TRP HE1  H N N 347 
TRP HE3  H N N 348 
TRP HZ2  H N N 349 
TRP HZ3  H N N 350 
TRP HH2  H N N 351 
TRP HXT  H N N 352 
TYR N    N N N 353 
TYR CA   C N S 354 
TYR C    C N N 355 
TYR O    O N N 356 
TYR CB   C N N 357 
TYR CG   C Y N 358 
TYR CD1  C Y N 359 
TYR CD2  C Y N 360 
TYR CE1  C Y N 361 
TYR CE2  C Y N 362 
TYR CZ   C Y N 363 
TYR OH   O N N 364 
TYR OXT  O N N 365 
TYR H    H N N 366 
TYR H2   H N N 367 
TYR HA   H N N 368 
TYR HB2  H N N 369 
TYR HB3  H N N 370 
TYR HD1  H N N 371 
TYR HD2  H N N 372 
TYR HE1  H N N 373 
TYR HE2  H N N 374 
TYR HH   H N N 375 
TYR HXT  H N N 376 
VAL N    N N N 377 
VAL CA   C N S 378 
VAL C    C N N 379 
VAL O    O N N 380 
VAL CB   C N N 381 
VAL CG1  C N N 382 
VAL CG2  C N N 383 
VAL OXT  O N N 384 
VAL H    H N N 385 
VAL H2   H N N 386 
VAL HA   H N N 387 
VAL HB   H N N 388 
VAL HG11 H N N 389 
VAL HG12 H N N 390 
VAL HG13 H N N 391 
VAL HG21 H N N 392 
VAL HG22 H N N 393 
VAL HG23 H N N 394 
VAL HXT  H N N 395 
# 
loop_
_chem_comp_bond.comp_id 
_chem_comp_bond.atom_id_1 
_chem_comp_bond.atom_id_2 
_chem_comp_bond.value_order 
_chem_comp_bond.pdbx_aromatic_flag 
_chem_comp_bond.pdbx_stereo_config 
_chem_comp_bond.pdbx_ordinal 
ALA N   CA   sing N N 1   
ALA N   H    sing N N 2   
ALA N   H2   sing N N 3   
ALA CA  C    sing N N 4   
ALA CA  CB   sing N N 5   
ALA CA  HA   sing N N 6   
ALA C   O    doub N N 7   
ALA C   OXT  sing N N 8   
ALA CB  HB1  sing N N 9   
ALA CB  HB2  sing N N 10  
ALA CB  HB3  sing N N 11  
ALA OXT HXT  sing N N 12  
ARG N   CA   sing N N 13  
ARG N   H    sing N N 14  
ARG N   H2   sing N N 15  
ARG CA  C    sing N N 16  
ARG CA  CB   sing N N 17  
ARG CA  HA   sing N N 18  
ARG C   O    doub N N 19  
ARG C   OXT  sing N N 20  
ARG CB  CG   sing N N 21  
ARG CB  HB2  sing N N 22  
ARG CB  HB3  sing N N 23  
ARG CG  CD   sing N N 24  
ARG CG  HG2  sing N N 25  
ARG CG  HG3  sing N N 26  
ARG CD  NE   sing N N 27  
ARG CD  HD2  sing N N 28  
ARG CD  HD3  sing N N 29  
ARG NE  CZ   sing N N 30  
ARG NE  HE   sing N N 31  
ARG CZ  NH1  sing N N 32  
ARG CZ  NH2  doub N N 33  
ARG NH1 HH11 sing N N 34  
ARG NH1 HH12 sing N N 35  
ARG NH2 HH21 sing N N 36  
ARG NH2 HH22 sing N N 37  
ARG OXT HXT  sing N N 38  
ASN N   CA   sing N N 39  
ASN N   H    sing N N 40  
ASN N   H2   sing N N 41  
ASN CA  C    sing N N 42  
ASN CA  CB   sing N N 43  
ASN CA  HA   sing N N 44  
ASN C   O    doub N N 45  
ASN C   OXT  sing N N 46  
ASN CB  CG   sing N N 47  
ASN CB  HB2  sing N N 48  
ASN CB  HB3  sing N N 49  
ASN CG  OD1  doub N N 50  
ASN CG  ND2  sing N N 51  
ASN ND2 HD21 sing N N 52  
ASN ND2 HD22 sing N N 53  
ASN OXT HXT  sing N N 54  
ASP N   CA   sing N N 55  
ASP N   H    sing N N 56  
ASP N   H2   sing N N 57  
ASP CA  C    sing N N 58  
ASP CA  CB   sing N N 59  
ASP CA  HA   sing N N 60  
ASP C   O    doub N N 61  
ASP C   OXT  sing N N 62  
ASP CB  CG   sing N N 63  
ASP CB  HB2  sing N N 64  
ASP CB  HB3  sing N N 65  
ASP CG  OD1  doub N N 66  
ASP CG  OD2  sing N N 67  
ASP OD2 HD2  sing N N 68  
ASP OXT HXT  sing N N 69  
CYS N   CA   sing N N 70  
CYS N   H    sing N N 71  
CYS N   H2   sing N N 72  
CYS CA  C    sing N N 73  
CYS CA  CB   sing N N 74  
CYS CA  HA   sing N N 75  
CYS C   O    doub N N 76  
CYS C   OXT  sing N N 77  
CYS CB  SG   sing N N 78  
CYS CB  HB2  sing N N 79  
CYS CB  HB3  sing N N 80  
CYS SG  HG   sing N N 81  
CYS OXT HXT  sing N N 82  
GLN N   CA   sing N N 83  
GLN N   H    sing N N 84  
GLN N   H2   sing N N 85  
GLN CA  C    sing N N 86  
GLN CA  CB   sing N N 87  
GLN CA  HA   sing N N 88  
GLN C   O    doub N N 89  
GLN C   OXT  sing N N 90  
GLN CB  CG   sing N N 91  
GLN CB  HB2  sing N N 92  
GLN CB  HB3  sing N N 93  
GLN CG  CD   sing N N 94  
GLN CG  HG2  sing N N 95  
GLN CG  HG3  sing N N 96  
GLN CD  OE1  doub N N 97  
GLN CD  NE2  sing N N 98  
GLN NE2 HE21 sing N N 99  
GLN NE2 HE22 sing N N 100 
GLN OXT HXT  sing N N 101 
GLU N   CA   sing N N 102 
GLU N   H    sing N N 103 
GLU N   H2   sing N N 104 
GLU CA  C    sing N N 105 
GLU CA  CB   sing N N 106 
GLU CA  HA   sing N N 107 
GLU C   O    doub N N 108 
GLU C   OXT  sing N N 109 
GLU CB  CG   sing N N 110 
GLU CB  HB2  sing N N 111 
GLU CB  HB3  sing N N 112 
GLU CG  CD   sing N N 113 
GLU CG  HG2  sing N N 114 
GLU CG  HG3  sing N N 115 
GLU CD  OE1  doub N N 116 
GLU CD  OE2  sing N N 117 
GLU OE2 HE2  sing N N 118 
GLU OXT HXT  sing N N 119 
GLY N   CA   sing N N 120 
GLY N   H    sing N N 121 
GLY N   H2   sing N N 122 
GLY CA  C    sing N N 123 
GLY CA  HA2  sing N N 124 
GLY CA  HA3  sing N N 125 
GLY C   O    doub N N 126 
GLY C   OXT  sing N N 127 
GLY OXT HXT  sing N N 128 
HIS N   CA   sing N N 129 
HIS N   H    sing N N 130 
HIS N   H2   sing N N 131 
HIS CA  C    sing N N 132 
HIS CA  CB   sing N N 133 
HIS CA  HA   sing N N 134 
HIS C   O    doub N N 135 
HIS C   OXT  sing N N 136 
HIS CB  CG   sing N N 137 
HIS CB  HB2  sing N N 138 
HIS CB  HB3  sing N N 139 
HIS CG  ND1  sing Y N 140 
HIS CG  CD2  doub Y N 141 
HIS ND1 CE1  doub Y N 142 
HIS ND1 HD1  sing N N 143 
HIS CD2 NE2  sing Y N 144 
HIS CD2 HD2  sing N N 145 
HIS CE1 NE2  sing Y N 146 
HIS CE1 HE1  sing N N 147 
HIS NE2 HE2  sing N N 148 
HIS OXT HXT  sing N N 149 
HOH O   H1   sing N N 150 
HOH O   H2   sing N N 151 
ILE N   CA   sing N N 152 
ILE N   H    sing N N 153 
ILE N   H2   sing N N 154 
ILE CA  C    sing N N 155 
ILE CA  CB   sing N N 156 
ILE CA  HA   sing N N 157 
ILE C   O    doub N N 158 
ILE C   OXT  sing N N 159 
ILE CB  CG1  sing N N 160 
ILE CB  CG2  sing N N 161 
ILE CB  HB   sing N N 162 
ILE CG1 CD1  sing N N 163 
ILE CG1 HG12 sing N N 164 
ILE CG1 HG13 sing N N 165 
ILE CG2 HG21 sing N N 166 
ILE CG2 HG22 sing N N 167 
ILE CG2 HG23 sing N N 168 
ILE CD1 HD11 sing N N 169 
ILE CD1 HD12 sing N N 170 
ILE CD1 HD13 sing N N 171 
ILE OXT HXT  sing N N 172 
LEU N   CA   sing N N 173 
LEU N   H    sing N N 174 
LEU N   H2   sing N N 175 
LEU CA  C    sing N N 176 
LEU CA  CB   sing N N 177 
LEU CA  HA   sing N N 178 
LEU C   O    doub N N 179 
LEU C   OXT  sing N N 180 
LEU CB  CG   sing N N 181 
LEU CB  HB2  sing N N 182 
LEU CB  HB3  sing N N 183 
LEU CG  CD1  sing N N 184 
LEU CG  CD2  sing N N 185 
LEU CG  HG   sing N N 186 
LEU CD1 HD11 sing N N 187 
LEU CD1 HD12 sing N N 188 
LEU CD1 HD13 sing N N 189 
LEU CD2 HD21 sing N N 190 
LEU CD2 HD22 sing N N 191 
LEU CD2 HD23 sing N N 192 
LEU OXT HXT  sing N N 193 
LYS N   CA   sing N N 194 
LYS N   H    sing N N 195 
LYS N   H2   sing N N 196 
LYS CA  C    sing N N 197 
LYS CA  CB   sing N N 198 
LYS CA  HA   sing N N 199 
LYS C   O    doub N N 200 
LYS C   OXT  sing N N 201 
LYS CB  CG   sing N N 202 
LYS CB  HB2  sing N N 203 
LYS CB  HB3  sing N N 204 
LYS CG  CD   sing N N 205 
LYS CG  HG2  sing N N 206 
LYS CG  HG3  sing N N 207 
LYS CD  CE   sing N N 208 
LYS CD  HD2  sing N N 209 
LYS CD  HD3  sing N N 210 
LYS CE  NZ   sing N N 211 
LYS CE  HE2  sing N N 212 
LYS CE  HE3  sing N N 213 
LYS NZ  HZ1  sing N N 214 
LYS NZ  HZ2  sing N N 215 
LYS NZ  HZ3  sing N N 216 
LYS OXT HXT  sing N N 217 
MET N   CA   sing N N 218 
MET N   H    sing N N 219 
MET N   H2   sing N N 220 
MET CA  C    sing N N 221 
MET CA  CB   sing N N 222 
MET CA  HA   sing N N 223 
MET C   O    doub N N 224 
MET C   OXT  sing N N 225 
MET CB  CG   sing N N 226 
MET CB  HB2  sing N N 227 
MET CB  HB3  sing N N 228 
MET CG  SD   sing N N 229 
MET CG  HG2  sing N N 230 
MET CG  HG3  sing N N 231 
MET SD  CE   sing N N 232 
MET CE  HE1  sing N N 233 
MET CE  HE2  sing N N 234 
MET CE  HE3  sing N N 235 
MET OXT HXT  sing N N 236 
PHE N   CA   sing N N 237 
PHE N   H    sing N N 238 
PHE N   H2   sing N N 239 
PHE CA  C    sing N N 240 
PHE CA  CB   sing N N 241 
PHE CA  HA   sing N N 242 
PHE C   O    doub N N 243 
PHE C   OXT  sing N N 244 
PHE CB  CG   sing N N 245 
PHE CB  HB2  sing N N 246 
PHE CB  HB3  sing N N 247 
PHE CG  CD1  doub Y N 248 
PHE CG  CD2  sing Y N 249 
PHE CD1 CE1  sing Y N 250 
PHE CD1 HD1  sing N N 251 
PHE CD2 CE2  doub Y N 252 
PHE CD2 HD2  sing N N 253 
PHE CE1 CZ   doub Y N 254 
PHE CE1 HE1  sing N N 255 
PHE CE2 CZ   sing Y N 256 
PHE CE2 HE2  sing N N 257 
PHE CZ  HZ   sing N N 258 
PHE OXT HXT  sing N N 259 
PRO N   CA   sing N N 260 
PRO N   CD   sing N N 261 
PRO N   H    sing N N 262 
PRO CA  C    sing N N 263 
PRO CA  CB   sing N N 264 
PRO CA  HA   sing N N 265 
PRO C   O    doub N N 266 
PRO C   OXT  sing N N 267 
PRO CB  CG   sing N N 268 
PRO CB  HB2  sing N N 269 
PRO CB  HB3  sing N N 270 
PRO CG  CD   sing N N 271 
PRO CG  HG2  sing N N 272 
PRO CG  HG3  sing N N 273 
PRO CD  HD2  sing N N 274 
PRO CD  HD3  sing N N 275 
PRO OXT HXT  sing N N 276 
SER N   CA   sing N N 277 
SER N   H    sing N N 278 
SER N   H2   sing N N 279 
SER CA  C    sing N N 280 
SER CA  CB   sing N N 281 
SER CA  HA   sing N N 282 
SER C   O    doub N N 283 
SER C   OXT  sing N N 284 
SER CB  OG   sing N N 285 
SER CB  HB2  sing N N 286 
SER CB  HB3  sing N N 287 
SER OG  HG   sing N N 288 
SER OXT HXT  sing N N 289 
SO4 S   O1   doub N N 290 
SO4 S   O2   doub N N 291 
SO4 S   O3   sing N N 292 
SO4 S   O4   sing N N 293 
THR N   CA   sing N N 294 
THR N   H    sing N N 295 
THR N   H2   sing N N 296 
THR CA  C    sing N N 297 
THR CA  CB   sing N N 298 
THR CA  HA   sing N N 299 
THR C   O    doub N N 300 
THR C   OXT  sing N N 301 
THR CB  OG1  sing N N 302 
THR CB  CG2  sing N N 303 
THR CB  HB   sing N N 304 
THR OG1 HG1  sing N N 305 
THR CG2 HG21 sing N N 306 
THR CG2 HG22 sing N N 307 
THR CG2 HG23 sing N N 308 
THR OXT HXT  sing N N 309 
TRP N   CA   sing N N 310 
TRP N   H    sing N N 311 
TRP N   H2   sing N N 312 
TRP CA  C    sing N N 313 
TRP CA  CB   sing N N 314 
TRP CA  HA   sing N N 315 
TRP C   O    doub N N 316 
TRP C   OXT  sing N N 317 
TRP CB  CG   sing N N 318 
TRP CB  HB2  sing N N 319 
TRP CB  HB3  sing N N 320 
TRP CG  CD1  doub Y N 321 
TRP CG  CD2  sing Y N 322 
TRP CD1 NE1  sing Y N 323 
TRP CD1 HD1  sing N N 324 
TRP CD2 CE2  doub Y N 325 
TRP CD2 CE3  sing Y N 326 
TRP NE1 CE2  sing Y N 327 
TRP NE1 HE1  sing N N 328 
TRP CE2 CZ2  sing Y N 329 
TRP CE3 CZ3  doub Y N 330 
TRP CE3 HE3  sing N N 331 
TRP CZ2 CH2  doub Y N 332 
TRP CZ2 HZ2  sing N N 333 
TRP CZ3 CH2  sing Y N 334 
TRP CZ3 HZ3  sing N N 335 
TRP CH2 HH2  sing N N 336 
TRP OXT HXT  sing N N 337 
TYR N   CA   sing N N 338 
TYR N   H    sing N N 339 
TYR N   H2   sing N N 340 
TYR CA  C    sing N N 341 
TYR CA  CB   sing N N 342 
TYR CA  HA   sing N N 343 
TYR C   O    doub N N 344 
TYR C   OXT  sing N N 345 
TYR CB  CG   sing N N 346 
TYR CB  HB2  sing N N 347 
TYR CB  HB3  sing N N 348 
TYR CG  CD1  doub Y N 349 
TYR CG  CD2  sing Y N 350 
TYR CD1 CE1  sing Y N 351 
TYR CD1 HD1  sing N N 352 
TYR CD2 CE2  doub Y N 353 
TYR CD2 HD2  sing N N 354 
TYR CE1 CZ   doub Y N 355 
TYR CE1 HE1  sing N N 356 
TYR CE2 CZ   sing Y N 357 
TYR CE2 HE2  sing N N 358 
TYR CZ  OH   sing N N 359 
TYR OH  HH   sing N N 360 
TYR OXT HXT  sing N N 361 
VAL N   CA   sing N N 362 
VAL N   H    sing N N 363 
VAL N   H2   sing N N 364 
VAL CA  C    sing N N 365 
VAL CA  CB   sing N N 366 
VAL CA  HA   sing N N 367 
VAL C   O    doub N N 368 
VAL C   OXT  sing N N 369 
VAL CB  CG1  sing N N 370 
VAL CB  CG2  sing N N 371 
VAL CB  HB   sing N N 372 
VAL CG1 HG11 sing N N 373 
VAL CG1 HG12 sing N N 374 
VAL CG1 HG13 sing N N 375 
VAL CG2 HG21 sing N N 376 
VAL CG2 HG22 sing N N 377 
VAL CG2 HG23 sing N N 378 
VAL OXT HXT  sing N N 379 
# 
_atom_sites.entry_id                    1M47 
_atom_sites.fract_transf_matrix[1][1]   -0.01313285 
_atom_sites.fract_transf_matrix[1][2]   -0.00126433 
_atom_sites.fract_transf_matrix[1][3]   0.01531851 
_atom_sites.fract_transf_matrix[2][1]   -0.00896549 
_atom_sites.fract_transf_matrix[2][2]   0.00033738 
_atom_sites.fract_transf_matrix[2][3]   -0.00765844 
_atom_sites.fract_transf_matrix[3][1]   0.00059697 
_atom_sites.fract_transf_matrix[3][2]   -0.03145935 
_atom_sites.fract_transf_matrix[3][3]   -0.00208473 
_atom_sites.fract_transf_vector[1]      0.134068 
_atom_sites.fract_transf_vector[2]      0.305949 
_atom_sites.fract_transf_vector[3]      0.447881 
# 
loop_
_atom_type.symbol 
C 
N 
O 
S 
# 
loop_
_atom_site.group_PDB 
_atom_site.id 
_atom_site.type_symbol 
_atom_site.label_atom_id 
_atom_site.label_alt_id 
_atom_site.label_comp_id 
_atom_site.label_asym_id 
_atom_site.label_entity_id 
_atom_site.label_seq_id 
_atom_site.pdbx_PDB_ins_code 
_atom_site.Cartn_x 
_atom_site.Cartn_y 
_atom_site.Cartn_z 
_atom_site.occupancy 
_atom_site.B_iso_or_equiv 
_atom_site.pdbx_formal_charge 
_atom_site.auth_seq_id 
_atom_site.auth_comp_id 
_atom_site.auth_asym_id 
_atom_site.auth_atom_id 
_atom_site.pdbx_PDB_model_num 
ATOM   1    N N   . SER A 1 6   ? 1.027   20.429  -13.476 1.00 45.47 ? 6   SER A N   1 
ATOM   2    C CA  . SER A 1 6   ? 0.234   19.948  -12.307 1.00 45.68 ? 6   SER A CA  1 
ATOM   3    C C   . SER A 1 6   ? -0.057  18.454  -12.414 1.00 43.17 ? 6   SER A C   1 
ATOM   4    O O   . SER A 1 6   ? 0.034   17.723  -11.428 1.00 42.51 ? 6   SER A O   1 
ATOM   5    C CB  . SER A 1 6   ? -1.072  20.738  -12.178 1.00 47.46 ? 6   SER A CB  1 
ATOM   6    O OG  . SER A 1 6   ? -1.681  20.511  -10.919 1.00 48.16 ? 6   SER A OG  1 
ATOM   7    N N   . THR A 1 7   ? -0.412  18.003  -13.611 1.00 41.38 ? 7   THR A N   1 
ATOM   8    C CA  . THR A 1 7   ? -0.674  16.586  -13.831 1.00 40.16 ? 7   THR A CA  1 
ATOM   9    C C   . THR A 1 7   ? 0.619   15.794  -13.651 1.00 37.86 ? 7   THR A C   1 
ATOM   10   O O   . THR A 1 7   ? 0.611   14.678  -13.130 1.00 34.57 ? 7   THR A O   1 
ATOM   11   C CB  . THR A 1 7   ? -1.285  16.354  -15.230 1.00 41.57 ? 7   THR A CB  1 
ATOM   12   O OG1 . THR A 1 7   ? -2.711  16.463  -15.151 1.00 41.82 ? 7   THR A OG1 1 
ATOM   13   C CG2 . THR A 1 7   ? -1.077  14.916  -15.683 1.00 41.68 ? 7   THR A CG2 1 
ATOM   14   N N   . LYS A 1 8   ? 1.732   16.392  -14.064 1.00 37.11 ? 8   LYS A N   1 
ATOM   15   C CA  . LYS A 1 8   ? 3.041   15.763  -13.942 1.00 36.58 ? 8   LYS A CA  1 
ATOM   16   C C   . LYS A 1 8   ? 3.453   15.554  -12.487 1.00 32.33 ? 8   LYS A C   1 
ATOM   17   O O   . LYS A 1 8   ? 4.023   14.521  -12.138 1.00 29.95 ? 8   LYS A O   1 
ATOM   18   C CB  . LYS A 1 8   ? 4.102   16.590  -14.671 1.00 40.58 ? 8   LYS A CB  1 
ATOM   19   C CG  . LYS A 1 8   ? 4.045   16.474  -16.185 1.00 44.83 ? 8   LYS A CG  1 
ATOM   20   C CD  . LYS A 1 8   ? 4.176   15.024  -16.622 1.00 47.95 ? 8   LYS A CD  1 
ATOM   21   C CE  . LYS A 1 8   ? 4.382   14.911  -18.123 1.00 51.05 ? 8   LYS A CE  1 
ATOM   22   N NZ  . LYS A 1 8   ? 4.434   13.489  -18.561 1.00 52.75 ? 8   LYS A NZ  1 
ATOM   23   N N   . LYS A 1 9   ? 3.169   16.542  -11.645 1.00 29.41 ? 9   LYS A N   1 
ATOM   24   C CA  . LYS A 1 9   ? 3.503   16.460  -10.228 1.00 29.23 ? 9   LYS A CA  1 
ATOM   25   C C   . LYS A 1 9   ? 2.736   15.311  -9.585  1.00 25.27 ? 9   LYS A C   1 
ATOM   26   O O   . LYS A 1 9   ? 3.266   14.577  -8.751  1.00 21.87 ? 9   LYS A O   1 
ATOM   27   C CB  . LYS A 1 9   ? 3.166   17.777  -9.530  1.00 32.84 ? 9   LYS A CB  1 
ATOM   28   C CG  . LYS A 1 9   ? 3.130   17.703  -8.014  1.00 39.04 ? 9   LYS A CG  1 
ATOM   29   C CD  . LYS A 1 9   ? 2.535   18.975  -7.431  1.00 43.23 ? 9   LYS A CD  1 
ATOM   30   C CE  . LYS A 1 9   ? 2.207   18.819  -5.956  1.00 45.48 ? 9   LYS A CE  1 
ATOM   31   N NZ  . LYS A 1 9   ? 1.493   20.017  -5.430  1.00 45.83 ? 9   LYS A NZ  1 
ATOM   32   N N   . THR A 1 10  ? 1.485   15.163  -9.997  1.00 21.63 ? 10  THR A N   1 
ATOM   33   C CA  . THR A 1 10  ? 0.620   14.106  -9.499  1.00 18.95 ? 10  THR A CA  1 
ATOM   34   C C   . THR A 1 10  ? 1.122   12.736  -9.942  1.00 15.96 ? 10  THR A C   1 
ATOM   35   O O   . THR A 1 10  ? 1.153   11.788  -9.154  1.00 13.26 ? 10  THR A O   1 
ATOM   36   C CB  . THR A 1 10  ? -0.808  14.340  -10.004 1.00 19.47 ? 10  THR A CB  1 
ATOM   37   O OG1 . THR A 1 10  ? -1.346  15.506  -9.368  1.00 20.54 ? 10  THR A OG1 1 
ATOM   38   C CG2 . THR A 1 10  ? -1.732  13.229  -9.538  1.00 18.31 ? 10  THR A CG2 1 
ATOM   39   N N   . GLN A 1 11  ? 1.517   12.633  -11.204 1.00 15.61 ? 11  GLN A N   1 
ATOM   40   C CA  . GLN A 1 11  ? 2.028   11.376  -11.724 1.00 15.81 ? 11  GLN A CA  1 
ATOM   41   C C   . GLN A 1 11  ? 3.273   10.945  -10.958 1.00 14.37 ? 11  GLN A C   1 
ATOM   42   O O   . GLN A 1 11  ? 3.416   9.780   -10.597 1.00 13.06 ? 11  GLN A O   1 
ATOM   43   C CB  . GLN A 1 11  ? 2.348   11.492  -13.211 1.00 18.67 ? 11  GLN A CB  1 
ATOM   44   C CG  . GLN A 1 11  ? 2.598   10.150  -13.873 1.00 21.69 ? 11  GLN A CG  1 
ATOM   45   C CD  . GLN A 1 11  ? 3.057   10.286  -15.308 1.00 25.18 ? 11  GLN A CD  1 
ATOM   46   O OE1 . GLN A 1 11  ? 3.837   11.181  -15.631 1.00 24.35 ? 11  GLN A OE1 1 
ATOM   47   N NE2 . GLN A 1 11  ? 2.577   9.398   -16.172 1.00 26.11 ? 11  GLN A NE2 1 
ATOM   48   N N   . LEU A 1 12  ? 4.165   11.898  -10.702 1.00 14.21 ? 12  LEU A N   1 
ATOM   49   C CA  . LEU A 1 12  ? 5.411   11.614  -9.995  1.00 14.80 ? 12  LEU A CA  1 
ATOM   50   C C   . LEU A 1 12  ? 5.168   11.130  -8.564  1.00 14.34 ? 12  LEU A C   1 
ATOM   51   O O   . LEU A 1 12  ? 5.881   10.259  -8.066  1.00 12.49 ? 12  LEU A O   1 
ATOM   52   C CB  . LEU A 1 12  ? 6.324   12.845  -10.004 1.00 15.61 ? 12  LEU A CB  1 
ATOM   53   C CG  . LEU A 1 12  ? 7.752   12.688  -9.473  1.00 14.44 ? 12  LEU A CG  1 
ATOM   54   C CD1 . LEU A 1 12  ? 8.446   11.489  -10.109 1.00 13.95 ? 12  LEU A CD1 1 
ATOM   55   C CD2 . LEU A 1 12  ? 8.546   13.964  -9.717  1.00 15.11 ? 12  LEU A CD2 1 
ATOM   56   N N   . GLN A 1 13  ? 4.162   11.697  -7.907  1.00 15.04 ? 13  GLN A N   1 
ATOM   57   C CA  . GLN A 1 13  ? 3.813   11.288  -6.552  1.00 14.39 ? 13  GLN A CA  1 
ATOM   58   C C   . GLN A 1 13  ? 3.314   9.850   -6.551  1.00 11.67 ? 13  GLN A C   1 
ATOM   59   O O   . GLN A 1 13  ? 3.690   9.050   -5.694  1.00 9.89  ? 13  GLN A O   1 
ATOM   60   C CB  . GLN A 1 13  ? 2.747   12.213  -5.970  1.00 18.61 ? 13  GLN A CB  1 
ATOM   61   C CG  . GLN A 1 13  ? 3.270   13.581  -5.588  1.00 23.89 ? 13  GLN A CG  1 
ATOM   62   C CD  . GLN A 1 13  ? 2.165   14.514  -5.156  1.00 29.43 ? 13  GLN A CD  1 
ATOM   63   O OE1 . GLN A 1 13  ? 1.293   14.859  -5.954  1.00 34.08 ? 13  GLN A OE1 1 
ATOM   64   N NE2 . GLN A 1 13  ? 2.192   14.925  -3.894  1.00 29.81 ? 13  GLN A NE2 1 
ATOM   65   N N   . LEU A 1 14  ? 2.466   9.531   -7.523  1.00 9.66  ? 14  LEU A N   1 
ATOM   66   C CA  . LEU A 1 14  ? 1.931   8.182   -7.663  1.00 10.67 ? 14  LEU A CA  1 
ATOM   67   C C   . LEU A 1 14  ? 3.041   7.182   -7.958  1.00 9.88  ? 14  LEU A C   1 
ATOM   68   O O   . LEU A 1 14  ? 2.993   6.035   -7.511  1.00 8.15  ? 14  LEU A O   1 
ATOM   69   C CB  . LEU A 1 14  ? 0.884   8.139   -8.775  1.00 8.96  ? 14  LEU A CB  1 
ATOM   70   C CG  . LEU A 1 14  ? -0.475  8.748   -8.430  1.00 10.67 ? 14  LEU A CG  1 
ATOM   71   C CD1 . LEU A 1 14  ? -1.271  9.019   -9.691  1.00 10.17 ? 14  LEU A CD1 1 
ATOM   72   C CD2 . LEU A 1 14  ? -1.242  7.826   -7.488  1.00 11.89 ? 14  LEU A CD2 1 
ATOM   73   N N   . GLU A 1 15  ? 4.038   7.620   -8.721  1.00 8.89  ? 15  GLU A N   1 
ATOM   74   C CA  . GLU A 1 15  ? 5.154   6.753   -9.071  1.00 10.49 ? 15  GLU A CA  1 
ATOM   75   C C   . GLU A 1 15  ? 5.984   6.447   -7.831  1.00 10.98 ? 15  GLU A C   1 
ATOM   76   O O   . GLU A 1 15  ? 6.448   5.323   -7.644  1.00 8.85  ? 15  GLU A O   1 
ATOM   77   C CB  . GLU A 1 15  ? 5.998   7.377   -10.189 1.00 12.24 ? 15  GLU A CB  1 
ATOM   78   C CG  . GLU A 1 15  ? 5.228   7.536   -11.493 1.00 13.87 ? 15  GLU A CG  1 
ATOM   79   C CD  . GLU A 1 15  ? 6.020   8.225   -12.588 1.00 16.91 ? 15  GLU A CD  1 
ATOM   80   O OE1 . GLU A 1 15  ? 7.047   8.864   -12.281 1.00 16.35 ? 15  GLU A OE1 1 
ATOM   81   O OE2 . GLU A 1 15  ? 5.607   8.128   -13.764 1.00 17.61 ? 15  GLU A OE2 1 
ATOM   82   N N   . HIS A 1 16  ? 6.157   7.444   -6.970  1.00 10.20 ? 16  HIS A N   1 
ATOM   83   C CA  . HIS A 1 16  ? 6.893   7.222   -5.734  1.00 11.91 ? 16  HIS A CA  1 
ATOM   84   C C   . HIS A 1 16  ? 6.121   6.290   -4.800  1.00 11.60 ? 16  HIS A C   1 
ATOM   85   O O   . HIS A 1 16  ? 6.717   5.445   -4.135  1.00 10.62 ? 16  HIS A O   1 
ATOM   86   C CB  . HIS A 1 16  ? 7.236   8.544   -5.045  1.00 12.90 ? 16  HIS A CB  1 
ATOM   87   C CG  . HIS A 1 16  ? 8.476   9.191   -5.577  1.00 13.32 ? 16  HIS A CG  1 
ATOM   88   N ND1 . HIS A 1 16  ? 9.735   8.891   -5.098  1.00 13.36 ? 16  HIS A ND1 1 
ATOM   89   C CD2 . HIS A 1 16  ? 8.654   10.114  -6.552  1.00 13.57 ? 16  HIS A CD2 1 
ATOM   90   C CE1 . HIS A 1 16  ? 10.633  9.606   -5.752  1.00 14.68 ? 16  HIS A CE1 1 
ATOM   91   N NE2 . HIS A 1 16  ? 10.004  10.358  -6.638  1.00 12.58 ? 16  HIS A NE2 1 
ATOM   92   N N   . LEU A 1 17  ? 4.799   6.443   -4.760  1.00 11.20 ? 17  LEU A N   1 
ATOM   93   C CA  . LEU A 1 17  ? 3.950   5.569   -3.948  1.00 11.24 ? 17  LEU A CA  1 
ATOM   94   C C   . LEU A 1 17  ? 4.076   4.143   -4.464  1.00 12.23 ? 17  LEU A C   1 
ATOM   95   O O   . LEU A 1 17  ? 4.216   3.196   -3.689  1.00 13.80 ? 17  LEU A O   1 
ATOM   96   C CB  . LEU A 1 17  ? 2.488   6.022   -4.010  1.00 10.51 ? 17  LEU A CB  1 
ATOM   97   C CG  . LEU A 1 17  ? 1.436   5.152   -3.312  1.00 9.83  ? 17  LEU A CG  1 
ATOM   98   C CD1 . LEU A 1 17  ? 1.745   4.999   -1.825  1.00 11.45 ? 17  LEU A CD1 1 
ATOM   99   C CD2 . LEU A 1 17  ? 0.038   5.735   -3.513  1.00 9.23  ? 17  LEU A CD2 1 
ATOM   100  N N   . LEU A 1 18  ? 4.031   4.005   -5.785  1.00 12.62 ? 18  LEU A N   1 
ATOM   101  C CA  . LEU A 1 18  ? 4.167   2.710   -6.437  1.00 12.09 ? 18  LEU A CA  1 
ATOM   102  C C   . LEU A 1 18  ? 5.464   2.018   -6.037  1.00 10.22 ? 18  LEU A C   1 
ATOM   103  O O   . LEU A 1 18  ? 5.456   0.848   -5.658  1.00 9.87  ? 18  LEU A O   1 
ATOM   104  C CB  . LEU A 1 18  ? 4.108   2.868   -7.959  1.00 13.37 ? 18  LEU A CB  1 
ATOM   105  C CG  . LEU A 1 18  ? 4.485   1.648   -8.808  1.00 15.14 ? 18  LEU A CG  1 
ATOM   106  C CD1 . LEU A 1 18  ? 3.625   0.448   -8.451  1.00 14.38 ? 18  LEU A CD1 1 
ATOM   107  C CD2 . LEU A 1 18  ? 4.365   1.968   -10.295 1.00 15.65 ? 18  LEU A CD2 1 
ATOM   108  N N   . LEU A 1 19  ? 6.579   2.734   -6.130  1.00 9.66  ? 19  LEU A N   1 
ATOM   109  C CA  . LEU A 1 19  ? 7.868   2.150   -5.767  1.00 11.40 ? 19  LEU A CA  1 
ATOM   110  C C   . LEU A 1 19  ? 7.940   1.824   -4.280  1.00 11.16 ? 19  LEU A C   1 
ATOM   111  O O   . LEU A 1 19  ? 8.524   0.812   -3.892  1.00 9.03  ? 19  LEU A O   1 
ATOM   112  C CB  . LEU A 1 19  ? 9.019   3.070   -6.169  1.00 13.75 ? 19  LEU A CB  1 
ATOM   113  C CG  . LEU A 1 19  ? 9.366   3.032   -7.656  1.00 17.62 ? 19  LEU A CG  1 
ATOM   114  C CD1 . LEU A 1 19  ? 10.006  4.333   -8.081  1.00 20.09 ? 19  LEU A CD1 1 
ATOM   115  C CD2 . LEU A 1 19  ? 10.273  1.847   -7.970  1.00 18.07 ? 19  LEU A CD2 1 
ATOM   116  N N   . ASP A 1 20  ? 7.346   2.680   -3.451  1.00 10.62 ? 20  ASP A N   1 
ATOM   117  C CA  . ASP A 1 20  ? 7.328   2.451   -2.011  1.00 10.72 ? 20  ASP A CA  1 
ATOM   118  C C   . ASP A 1 20  ? 6.605   1.147   -1.699  1.00 10.42 ? 20  ASP A C   1 
ATOM   119  O O   . ASP A 1 20  ? 7.072   0.349   -0.886  1.00 11.90 ? 20  ASP A O   1 
ATOM   120  C CB  . ASP A 1 20  ? 6.628   3.595   -1.276  1.00 12.84 ? 20  ASP A CB  1 
ATOM   121  C CG  . ASP A 1 20  ? 7.480   4.848   -1.179  1.00 16.74 ? 20  ASP A CG  1 
ATOM   122  O OD1 . ASP A 1 20  ? 8.694   4.790   -1.470  1.00 16.31 ? 20  ASP A OD1 1 
ATOM   123  O OD2 . ASP A 1 20  ? 7.008   5.945   -0.815  1.00 19.20 ? 20  ASP A OD2 1 
ATOM   124  N N   . LEU A 1 21  ? 5.461   0.941   -2.340  1.00 10.05 ? 21  LEU A N   1 
ATOM   125  C CA  . LEU A 1 21  ? 4.675   -0.268  -2.115  1.00 11.14 ? 21  LEU A CA  1 
ATOM   126  C C   . LEU A 1 21  ? 5.393   -1.510  -2.641  1.00 10.88 ? 21  LEU A C   1 
ATOM   127  O O   . LEU A 1 21  ? 5.353   -2.565  -2.011  1.00 10.39 ? 21  LEU A O   1 
ATOM   128  C CB  . LEU A 1 21  ? 3.279   -0.146  -2.733  1.00 9.61  ? 21  LEU A CB  1 
ATOM   129  C CG  . LEU A 1 21  ? 2.337   0.898   -2.128  1.00 10.30 ? 21  LEU A CG  1 
ATOM   130  C CD1 . LEU A 1 21  ? 1.132   1.130   -3.036  1.00 10.29 ? 21  LEU A CD1 1 
ATOM   131  C CD2 . LEU A 1 21  ? 1.896   0.492   -0.729  1.00 10.08 ? 21  LEU A CD2 1 
ATOM   132  N N   . GLN A 1 22  ? 6.053   -1.386  -3.789  1.00 11.25 ? 22  GLN A N   1 
ATOM   133  C CA  . GLN A 1 22  ? 6.805   -2.510  -4.347  1.00 12.77 ? 22  GLN A CA  1 
ATOM   134  C C   . GLN A 1 22  ? 7.960   -2.905  -3.424  1.00 13.08 ? 22  GLN A C   1 
ATOM   135  O O   . GLN A 1 22  ? 8.262   -4.087  -3.268  1.00 13.52 ? 22  GLN A O   1 
ATOM   136  C CB  . GLN A 1 22  ? 7.314   -2.192  -5.759  1.00 12.17 ? 22  GLN A CB  1 
ATOM   137  C CG  . GLN A 1 22  ? 6.208   -2.050  -6.798  1.00 12.80 ? 22  GLN A CG  1 
ATOM   138  C CD  . GLN A 1 22  ? 6.728   -1.677  -8.174  1.00 13.57 ? 22  GLN A CD  1 
ATOM   139  O OE1 . GLN A 1 22  ? 6.276   -2.222  -9.181  1.00 16.72 ? 22  GLN A OE1 1 
ATOM   140  N NE2 . GLN A 1 22  ? 7.673   -0.749  -8.223  1.00 12.89 ? 22  GLN A NE2 1 
ATOM   141  N N   . MET A 1 23  ? 8.591   -1.917  -2.796  1.00 15.42 ? 23  MET A N   1 
ATOM   142  C CA  . MET A 1 23  ? 9.695   -2.195  -1.880  1.00 18.37 ? 23  MET A CA  1 
ATOM   143  C C   . MET A 1 23  ? 9.236   -3.020  -0.677  1.00 17.14 ? 23  MET A C   1 
ATOM   144  O O   . MET A 1 23  ? 9.967   -3.888  -0.199  1.00 14.58 ? 23  MET A O   1 
ATOM   145  C CB  . MET A 1 23  ? 10.369  -0.906  -1.410  1.00 21.02 ? 23  MET A CB  1 
ATOM   146  C CG  . MET A 1 23  ? 11.580  -1.146  -0.517  1.00 27.72 ? 23  MET A CG  1 
ATOM   147  S SD  . MET A 1 23  ? 12.395  0.369   0.003   1.00 33.63 ? 23  MET A SD  1 
ATOM   148  C CE  . MET A 1 23  ? 12.235  1.336   -1.467  1.00 33.36 ? 23  MET A CE  1 
ATOM   149  N N   . ILE A 1 24  ? 8.030   -2.748  -0.183  1.00 15.00 ? 24  ILE A N   1 
ATOM   150  C CA  . ILE A 1 24  ? 7.494   -3.527  0.926   1.00 13.90 ? 24  ILE A CA  1 
ATOM   151  C C   . ILE A 1 24  ? 7.241   -4.952  0.456   1.00 12.74 ? 24  ILE A C   1 
ATOM   152  O O   . ILE A 1 24  ? 7.650   -5.913  1.105   1.00 12.25 ? 24  ILE A O   1 
ATOM   153  C CB  . ILE A 1 24  ? 6.178   -2.933  1.456   1.00 15.08 ? 24  ILE A CB  1 
ATOM   154  C CG1 . ILE A 1 24  ? 6.379   -1.497  1.941   1.00 15.77 ? 24  ILE A CG1 1 
ATOM   155  C CG2 . ILE A 1 24  ? 5.634   -3.801  2.585   1.00 15.44 ? 24  ILE A CG2 1 
ATOM   156  C CD1 . ILE A 1 24  ? 5.184   -0.939  2.699   1.00 16.10 ? 24  ILE A CD1 1 
ATOM   157  N N   . LEU A 1 25  ? 6.571   -5.074  -0.684  1.00 10.95 ? 25  LEU A N   1 
ATOM   158  C CA  . LEU A 1 25  ? 6.243   -6.379  -1.244  1.00 10.23 ? 25  LEU A CA  1 
ATOM   159  C C   . LEU A 1 25  ? 7.494   -7.207  -1.533  1.00 12.84 ? 25  LEU A C   1 
ATOM   160  O O   . LEU A 1 25  ? 7.547   -8.395  -1.208  1.00 14.39 ? 25  LEU A O   1 
ATOM   161  C CB  . LEU A 1 25  ? 5.393   -6.229  -2.508  1.00 10.03 ? 25  LEU A CB  1 
ATOM   162  C CG  . LEU A 1 25  ? 5.080   -7.538  -3.231  1.00 9.94  ? 25  LEU A CG  1 
ATOM   163  C CD1 . LEU A 1 25  ? 4.252   -8.472  -2.345  1.00 8.59  ? 25  LEU A CD1 1 
ATOM   164  C CD2 . LEU A 1 25  ? 4.372   -7.267  -4.550  1.00 9.63  ? 25  LEU A CD2 1 
ATOM   165  N N   . ASN A 1 26  ? 8.501   -6.579  -2.134  1.00 11.93 ? 26  ASN A N   1 
ATOM   166  C CA  . ASN A 1 26  ? 9.753   -7.271  -2.421  1.00 14.35 ? 26  ASN A CA  1 
ATOM   167  C C   . ASN A 1 26  ? 10.436  -7.744  -1.134  1.00 15.93 ? 26  ASN A C   1 
ATOM   168  O O   . ASN A 1 26  ? 10.941  -8.863  -1.065  1.00 18.27 ? 26  ASN A O   1 
ATOM   169  C CB  . ASN A 1 26  ? 10.688  -6.398  -3.270  1.00 13.42 ? 26  ASN A CB  1 
ATOM   170  C CG  . ASN A 1 26  ? 10.156  -6.164  -4.678  1.00 15.14 ? 26  ASN A CG  1 
ATOM   171  O OD1 . ASN A 1 26  ? 9.390   -6.970  -5.207  1.00 18.04 ? 26  ASN A OD1 1 
ATOM   172  N ND2 . ASN A 1 26  ? 10.559  -5.057  -5.290  1.00 16.21 ? 26  ASN A ND2 1 
ATOM   173  N N   . GLY A 1 27  ? 10.428  -6.898  -0.108  1.00 16.40 ? 27  GLY A N   1 
ATOM   174  C CA  . GLY A 1 27  ? 11.008  -7.256  1.175   1.00 17.12 ? 27  GLY A CA  1 
ATOM   175  C C   . GLY A 1 27  ? 10.297  -8.443  1.810   1.00 18.92 ? 27  GLY A C   1 
ATOM   176  O O   . GLY A 1 27  ? 10.937  -9.379  2.288   1.00 19.08 ? 27  GLY A O   1 
ATOM   177  N N   . ILE A 1 28  ? 8.968   -8.398  1.807   1.00 18.62 ? 28  ILE A N   1 
ATOM   178  C CA  . ILE A 1 28  ? 8.146   -9.471  2.366   1.00 19.81 ? 28  ILE A CA  1 
ATOM   179  C C   . ILE A 1 28  ? 8.362   -10.798 1.636   1.00 18.97 ? 28  ILE A C   1 
ATOM   180  O O   . ILE A 1 28  ? 8.456   -11.855 2.264   1.00 16.94 ? 28  ILE A O   1 
ATOM   181  C CB  . ILE A 1 28  ? 6.664   -9.062  2.333   1.00 20.61 ? 28  ILE A CB  1 
ATOM   182  C CG1 . ILE A 1 28  ? 6.397   -7.984  3.382   1.00 20.95 ? 28  ILE A CG1 1 
ATOM   183  C CG2 . ILE A 1 28  ? 5.764   -10.258 2.575   1.00 22.49 ? 28  ILE A CG2 1 
ATOM   184  C CD1 . ILE A 1 28  ? 5.032   -7.366  3.262   1.00 22.13 ? 28  ILE A CD1 1 
ATOM   185  N N   . ASN A 1 29  ? 8.444   -10.739 0.310   1.00 19.94 ? 29  ASN A N   1 
ATOM   186  C CA  . ASN A 1 29  ? 8.707   -11.928 -0.494  1.00 22.32 ? 29  ASN A CA  1 
ATOM   187  C C   . ASN A 1 29  ? 10.042  -12.574 -0.131  1.00 24.57 ? 29  ASN A C   1 
ATOM   188  O O   . ASN A 1 29  ? 10.266  -13.752 -0.414  1.00 24.97 ? 29  ASN A O   1 
ATOM   189  C CB  . ASN A 1 29  ? 8.714   -11.581 -1.984  1.00 22.84 ? 29  ASN A CB  1 
ATOM   190  C CG  . ASN A 1 29  ? 7.322   -11.397 -2.551  1.00 24.87 ? 29  ASN A CG  1 
ATOM   191  O OD1 . ASN A 1 29  ? 6.335   -11.841 -1.966  1.00 24.81 ? 29  ASN A OD1 1 
ATOM   192  N ND2 . ASN A 1 29  ? 7.239   -10.742 -3.706  1.00 24.70 ? 29  ASN A ND2 1 
ATOM   193  N N   . ASN A 1 30  ? 10.930  -11.798 0.482   1.00 25.53 ? 30  ASN A N   1 
ATOM   194  C CA  . ASN A 1 30  ? 12.250  -12.299 0.851   1.00 28.86 ? 30  ASN A CA  1 
ATOM   195  C C   . ASN A 1 30  ? 12.333  -12.881 2.264   1.00 28.88 ? 30  ASN A C   1 
ATOM   196  O O   . ASN A 1 30  ? 13.390  -13.351 2.683   1.00 28.69 ? 30  ASN A O   1 
ATOM   197  C CB  . ASN A 1 30  ? 13.321  -11.226 0.635   1.00 33.09 ? 30  ASN A CB  1 
ATOM   198  C CG  . ASN A 1 30  ? 13.863  -11.222 -0.785  1.00 36.75 ? 30  ASN A CG  1 
ATOM   199  O OD1 . ASN A 1 30  ? 14.998  -11.631 -1.027  1.00 39.80 ? 30  ASN A OD1 1 
ATOM   200  N ND2 . ASN A 1 30  ? 13.051  -10.765 -1.732  1.00 38.51 ? 30  ASN A ND2 1 
ATOM   201  N N   . TYR A 1 31  ? 11.223  -12.847 2.994   1.00 27.86 ? 31  TYR A N   1 
ATOM   202  C CA  . TYR A 1 31  ? 11.179  -13.431 4.330   1.00 29.28 ? 31  TYR A CA  1 
ATOM   203  C C   . TYR A 1 31  ? 11.348  -14.934 4.205   1.00 27.39 ? 31  TYR A C   1 
ATOM   204  O O   . TYR A 1 31  ? 11.045  -15.510 3.161   1.00 25.78 ? 31  TYR A O   1 
ATOM   205  C CB  . TYR A 1 31  ? 9.819   -13.188 4.987   1.00 30.11 ? 31  TYR A CB  1 
ATOM   206  C CG  . TYR A 1 31  ? 9.555   -11.788 5.490   1.00 31.77 ? 31  TYR A CG  1 
ATOM   207  C CD1 . TYR A 1 31  ? 10.566  -10.839 5.563   1.00 32.81 ? 31  TYR A CD1 1 
ATOM   208  C CD2 . TYR A 1 31  ? 8.281   -11.421 5.904   1.00 32.10 ? 31  TYR A CD2 1 
ATOM   209  C CE1 . TYR A 1 31  ? 10.309  -9.563  6.029   1.00 32.12 ? 31  TYR A CE1 1 
ATOM   210  C CE2 . TYR A 1 31  ? 8.017   -10.155 6.369   1.00 31.81 ? 31  TYR A CE2 1 
ATOM   211  C CZ  . TYR A 1 31  ? 9.033   -9.230  6.430   1.00 32.75 ? 31  TYR A CZ  1 
ATOM   212  O OH  . TYR A 1 31  ? 8.768   -7.965  6.894   1.00 35.25 ? 31  TYR A OH  1 
ATOM   213  N N   . LYS A 1 32  ? 11.822  -15.581 5.264   1.00 27.15 ? 32  LYS A N   1 
ATOM   214  C CA  . LYS A 1 32  ? 11.877  -17.035 5.259   1.00 28.73 ? 32  LYS A CA  1 
ATOM   215  C C   . LYS A 1 32  ? 10.434  -17.540 5.267   1.00 24.81 ? 32  LYS A C   1 
ATOM   216  O O   . LYS A 1 32  ? 9.536   -16.846 5.744   1.00 22.11 ? 32  LYS A O   1 
ATOM   217  C CB  . LYS A 1 32  ? 12.682  -17.571 6.444   1.00 32.66 ? 32  LYS A CB  1 
ATOM   218  C CG  . LYS A 1 32  ? 14.158  -17.779 6.126   1.00 37.19 ? 32  LYS A CG  1 
ATOM   219  C CD  . LYS A 1 32  ? 14.919  -18.343 7.314   1.00 41.08 ? 32  LYS A CD  1 
ATOM   220  C CE  . LYS A 1 32  ? 15.715  -17.264 8.030   1.00 43.18 ? 32  LYS A CE  1 
ATOM   221  N NZ  . LYS A 1 32  ? 16.875  -16.811 7.209   1.00 44.60 ? 32  LYS A NZ  1 
ATOM   222  N N   . ASN A 1 33  ? 10.209  -18.736 4.734   1.00 22.19 ? 33  ASN A N   1 
ATOM   223  C CA  . ASN A 1 33  ? 8.848   -19.258 4.586   1.00 22.10 ? 33  ASN A CA  1 
ATOM   224  C C   . ASN A 1 33  ? 7.999   -19.432 5.861   1.00 20.25 ? 33  ASN A C   1 
ATOM   225  O O   . ASN A 1 33  ? 6.838   -19.025 5.878   1.00 18.97 ? 33  ASN A O   1 
ATOM   226  C CB  . ASN A 1 33  ? 8.831   -20.508 3.697   1.00 23.58 ? 33  ASN A CB  1 
ATOM   227  C CG  . ASN A 1 33  ? 9.247   -20.202 2.266   1.00 24.76 ? 33  ASN A CG  1 
ATOM   228  O OD1 . ASN A 1 33  ? 8.908   -19.152 1.720   1.00 25.62 ? 33  ASN A OD1 1 
ATOM   229  N ND2 . ASN A 1 33  ? 9.994   -21.113 1.658   1.00 25.53 ? 33  ASN A ND2 1 
ATOM   230  N N   . PRO A 1 34  ? 8.552   -20.039 6.910   1.00 20.86 ? 34  PRO A N   1 
ATOM   231  C CA  . PRO A 1 34  ? 7.826   -20.152 8.180   1.00 21.22 ? 34  PRO A CA  1 
ATOM   232  C C   . PRO A 1 34  ? 7.328   -18.785 8.637   1.00 22.69 ? 34  PRO A C   1 
ATOM   233  O O   . PRO A 1 34  ? 6.171   -18.644 9.029   1.00 22.43 ? 34  PRO A O   1 
ATOM   234  C CB  . PRO A 1 34  ? 8.893   -20.667 9.145   1.00 19.89 ? 34  PRO A CB  1 
ATOM   235  C CG  . PRO A 1 34  ? 9.825   -21.438 8.278   1.00 20.00 ? 34  PRO A CG  1 
ATOM   236  C CD  . PRO A 1 34  ? 9.869   -20.698 6.967   1.00 19.82 ? 34  PRO A CD  1 
ATOM   237  N N   . LYS A 1 35  ? 8.208   -17.788 8.574   1.00 23.11 ? 35  LYS A N   1 
ATOM   238  C CA  . LYS A 1 35  ? 7.867   -16.423 8.950   1.00 24.38 ? 35  LYS A CA  1 
ATOM   239  C C   . LYS A 1 35  ? 6.783   -15.867 8.037   1.00 21.72 ? 35  LYS A C   1 
ATOM   240  O O   . LYS A 1 35  ? 5.795   -15.296 8.501   1.00 20.43 ? 35  LYS A O   1 
ATOM   241  C CB  . LYS A 1 35  ? 9.107   -15.534 8.873   1.00 27.22 ? 35  LYS A CB  1 
ATOM   242  C CG  . LYS A 1 35  ? 8.876   -14.095 9.291   1.00 32.16 ? 35  LYS A CG  1 
ATOM   243  C CD  . LYS A 1 35  ? 10.167  -13.301 9.203   1.00 35.61 ? 35  LYS A CD  1 
ATOM   244  C CE  . LYS A 1 35  ? 10.058  -11.995 9.960   1.00 38.31 ? 35  LYS A CE  1 
ATOM   245  N NZ  . LYS A 1 35  ? 11.351  -11.260 9.986   1.00 40.69 ? 35  LYS A NZ  1 
ATOM   246  N N   . LEU A 1 36  ? 6.973   -16.041 6.733   1.00 17.51 ? 36  LEU A N   1 
ATOM   247  C CA  . LEU A 1 36  ? 6.017   -15.546 5.753   1.00 15.30 ? 36  LEU A CA  1 
ATOM   248  C C   . LEU A 1 36  ? 4.653   -16.189 5.965   1.00 14.77 ? 36  LEU A C   1 
ATOM   249  O O   . LEU A 1 36  ? 3.623   -15.547 5.788   1.00 13.31 ? 36  LEU A O   1 
ATOM   250  C CB  . LEU A 1 36  ? 6.522   -15.801 4.332   1.00 13.70 ? 36  LEU A CB  1 
ATOM   251  C CG  . LEU A 1 36  ? 5.711   -15.215 3.173   1.00 13.38 ? 36  LEU A CG  1 
ATOM   252  C CD1 . LEU A 1 36  ? 5.284   -13.782 3.460   1.00 9.83  ? 36  LEU A CD1 1 
ATOM   253  C CD2 . LEU A 1 36  ? 6.516   -15.286 1.889   1.00 12.74 ? 36  LEU A CD2 1 
ATOM   254  N N   . THR A 1 37  ? 4.651   -17.457 6.360   1.00 15.03 ? 37  THR A N   1 
ATOM   255  C CA  . THR A 1 37  ? 3.401   -18.167 6.596   1.00 16.73 ? 37  THR A CA  1 
ATOM   256  C C   . THR A 1 37  ? 2.615   -17.513 7.731   1.00 15.63 ? 37  THR A C   1 
ATOM   257  O O   . THR A 1 37  ? 1.396   -17.376 7.647   1.00 17.16 ? 37  THR A O   1 
ATOM   258  C CB  . THR A 1 37  ? 3.660   -19.659 6.875   1.00 20.18 ? 37  THR A CB  1 
ATOM   259  O OG1 . THR A 1 37  ? 4.157   -20.284 5.684   1.00 19.96 ? 37  THR A OG1 1 
ATOM   260  C CG2 . THR A 1 37  ? 2.351   -20.394 7.128   1.00 22.97 ? 37  THR A CG2 1 
ATOM   261  N N   . ARG A 1 38  ? 3.311   -17.098 8.784   1.00 15.15 ? 38  ARG A N   1 
ATOM   262  C CA  . ARG A 1 38  ? 2.651   -16.416 9.895   1.00 15.37 ? 38  ARG A CA  1 
ATOM   263  C C   . ARG A 1 38  ? 2.136   -15.050 9.439   1.00 14.59 ? 38  ARG A C   1 
ATOM   264  O O   . ARG A 1 38  ? 1.008   -14.667 9.740   1.00 15.01 ? 38  ARG A O   1 
ATOM   265  C CB  . ARG A 1 38  ? 3.598   -16.260 11.088  1.00 16.78 ? 38  ARG A CB  1 
ATOM   266  C CG  . ARG A 1 38  ? 3.968   -17.570 11.769  1.00 19.89 ? 38  ARG A CG  1 
ATOM   267  C CD  . ARG A 1 38  ? 4.782   -17.404 13.052  1.00 24.68 ? 38  ARG A CD  1 
ATOM   268  N NE  . ARG A 1 38  ? 5.900   -16.481 12.878  1.00 29.10 ? 38  ARG A NE  1 
ATOM   269  C CZ  . ARG A 1 38  ? 7.163   -16.854 12.713  1.00 31.01 ? 38  ARG A CZ  1 
ATOM   270  N NH1 . ARG A 1 38  ? 7.482   -18.141 12.697  1.00 31.20 ? 38  ARG A NH1 1 
ATOM   271  N NH2 . ARG A 1 38  ? 8.111   -15.939 12.563  1.00 33.18 ? 38  ARG A NH2 1 
ATOM   272  N N   . MET A 1 39  ? 2.964   -14.326 8.696   1.00 14.83 ? 39  MET A N   1 
ATOM   273  C CA  . MET A 1 39  ? 2.591   -13.007 8.196   1.00 16.40 ? 39  MET A CA  1 
ATOM   274  C C   . MET A 1 39  ? 1.339   -13.046 7.318   1.00 14.35 ? 39  MET A C   1 
ATOM   275  O O   . MET A 1 39  ? 0.516   -12.130 7.359   1.00 12.94 ? 39  MET A O   1 
ATOM   276  C CB  . MET A 1 39  ? 3.762   -12.377 7.443   1.00 20.23 ? 39  MET A CB  1 
ATOM   277  C CG  . MET A 1 39  ? 4.999   -12.192 8.306   1.00 27.80 ? 39  MET A CG  1 
ATOM   278  S SD  . MET A 1 39  ? 4.701   -11.055 9.672   1.00 34.76 ? 39  MET A SD  1 
ATOM   279  C CE  . MET A 1 39  ? 4.432   -9.553  8.748   1.00 35.51 ? 39  MET A CE  1 
ATOM   280  N N   . LEU A 1 40  ? 1.184   -14.117 6.543   1.00 11.78 ? 40  LEU A N   1 
ATOM   281  C CA  . LEU A 1 40  ? 0.037   -14.247 5.650   1.00 10.70 ? 40  LEU A CA  1 
ATOM   282  C C   . LEU A 1 40  ? -1.285  -14.509 6.377   1.00 12.24 ? 40  LEU A C   1 
ATOM   283  O O   . LEU A 1 40  ? -2.342  -14.515 5.751   1.00 12.68 ? 40  LEU A O   1 
ATOM   284  C CB  . LEU A 1 40  ? 0.289   -15.318 4.576   1.00 10.93 ? 40  LEU A CB  1 
ATOM   285  C CG  . LEU A 1 40  ? 1.360   -14.988 3.530   1.00 10.85 ? 40  LEU A CG  1 
ATOM   286  C CD1 . LEU A 1 40  ? 1.707   -16.213 2.686   1.00 10.66 ? 40  LEU A CD1 1 
ATOM   287  C CD2 . LEU A 1 40  ? 0.933   -13.827 2.640   1.00 9.36  ? 40  LEU A CD2 1 
ATOM   288  N N   . THR A 1 41  ? -1.236  -14.720 7.689   1.00 11.36 ? 41  THR A N   1 
ATOM   289  C CA  . THR A 1 41  ? -2.473  -14.931 8.439   1.00 10.95 ? 41  THR A CA  1 
ATOM   290  C C   . THR A 1 41  ? -3.145  -13.618 8.825   1.00 11.33 ? 41  THR A C   1 
ATOM   291  O O   . THR A 1 41  ? -4.295  -13.623 9.243   1.00 12.17 ? 41  THR A O   1 
ATOM   292  C CB  . THR A 1 41  ? -2.253  -15.778 9.716   1.00 11.50 ? 41  THR A CB  1 
ATOM   293  O OG1 . THR A 1 41  ? -1.488  -15.032 10.672  1.00 11.78 ? 41  THR A OG1 1 
ATOM   294  C CG2 . THR A 1 41  ? -1.400  -17.003 9.424   1.00 10.37 ? 41  THR A CG2 1 
ATOM   295  N N   . PHE A 1 42  ? -2.435  -12.499 8.703   1.00 11.60 ? 42  PHE A N   1 
ATOM   296  C CA  . PHE A 1 42  ? -3.019  -11.205 9.072   1.00 11.30 ? 42  PHE A CA  1 
ATOM   297  C C   . PHE A 1 42  ? -4.002  -10.714 8.005   1.00 12.84 ? 42  PHE A C   1 
ATOM   298  O O   . PHE A 1 42  ? -3.731  -10.800 6.809   1.00 13.82 ? 42  PHE A O   1 
ATOM   299  C CB  . PHE A 1 42  ? -1.930  -10.168 9.372   1.00 10.48 ? 42  PHE A CB  1 
ATOM   300  C CG  . PHE A 1 42  ? -1.043  -10.548 10.529  1.00 11.12 ? 42  PHE A CG  1 
ATOM   301  C CD1 . PHE A 1 42  ? 0.316   -10.748 10.348  1.00 10.85 ? 42  PHE A CD1 1 
ATOM   302  C CD2 . PHE A 1 42  ? -1.576  -10.730 11.795  1.00 12.40 ? 42  PHE A CD2 1 
ATOM   303  C CE1 . PHE A 1 42  ? 1.128   -11.109 11.411  1.00 10.87 ? 42  PHE A CE1 1 
ATOM   304  C CE2 . PHE A 1 42  ? -0.769  -11.090 12.862  1.00 11.03 ? 42  PHE A CE2 1 
ATOM   305  C CZ  . PHE A 1 42  ? 0.583   -11.280 12.671  1.00 11.83 ? 42  PHE A CZ  1 
ATOM   306  N N   . LYS A 1 43  ? -5.151  -10.212 8.445   1.00 14.69 ? 43  LYS A N   1 
ATOM   307  C CA  . LYS A 1 43  ? -6.186  -9.771  7.513   1.00 18.47 ? 43  LYS A CA  1 
ATOM   308  C C   . LYS A 1 43  ? -6.112  -8.291  7.166   1.00 15.96 ? 43  LYS A C   1 
ATOM   309  O O   . LYS A 1 43  ? -5.995  -7.441  8.045   1.00 15.13 ? 43  LYS A O   1 
ATOM   310  C CB  . LYS A 1 43  ? -7.579  -10.087 8.063   1.00 23.08 ? 43  LYS A CB  1 
ATOM   311  C CG  . LYS A 1 43  ? -7.941  -11.561 8.042   1.00 29.11 ? 43  LYS A CG  1 
ATOM   312  C CD  . LYS A 1 43  ? -9.407  -11.772 8.389   1.00 33.42 ? 43  LYS A CD  1 
ATOM   313  C CE  . LYS A 1 43  ? -9.722  -13.250 8.559   1.00 37.80 ? 43  LYS A CE  1 
ATOM   314  N NZ  . LYS A 1 43  ? -11.168 -13.486 8.826   1.00 40.45 ? 43  LYS A NZ  1 
ATOM   315  N N   . PHE A 1 44  ? -6.188  -7.996  5.874   1.00 14.66 ? 44  PHE A N   1 
ATOM   316  C CA  . PHE A 1 44  ? -6.213  -6.618  5.406   1.00 14.43 ? 44  PHE A CA  1 
ATOM   317  C C   . PHE A 1 44  ? -7.521  -6.352  4.683   1.00 14.26 ? 44  PHE A C   1 
ATOM   318  O O   . PHE A 1 44  ? -8.106  -7.252  4.079   1.00 15.01 ? 44  PHE A O   1 
ATOM   319  C CB  . PHE A 1 44  ? -5.007  -6.313  4.515   1.00 14.90 ? 44  PHE A CB  1 
ATOM   320  C CG  . PHE A 1 44  ? -3.734  -6.152  5.284   1.00 13.07 ? 44  PHE A CG  1 
ATOM   321  C CD1 . PHE A 1 44  ? -3.305  -4.900  5.681   1.00 12.22 ? 44  PHE A CD1 1 
ATOM   322  C CD2 . PHE A 1 44  ? -2.985  -7.259  5.644   1.00 12.92 ? 44  PHE A CD2 1 
ATOM   323  C CE1 . PHE A 1 44  ? -2.143  -4.750  6.410   1.00 11.10 ? 44  PHE A CE1 1 
ATOM   324  C CE2 . PHE A 1 44  ? -1.824  -7.117  6.369   1.00 11.78 ? 44  PHE A CE2 1 
ATOM   325  C CZ  . PHE A 1 44  ? -1.399  -5.860  6.752   1.00 11.54 ? 44  PHE A CZ  1 
ATOM   326  N N   . TYR A 1 45  ? -7.998  -5.119  4.761   1.00 15.18 ? 45  TYR A N   1 
ATOM   327  C CA  . TYR A 1 45  ? -9.262  -4.790  4.128   1.00 16.89 ? 45  TYR A CA  1 
ATOM   328  C C   . TYR A 1 45  ? -9.064  -4.115  2.780   1.00 17.06 ? 45  TYR A C   1 
ATOM   329  O O   . TYR A 1 45  ? -8.163  -3.294  2.603   1.00 16.89 ? 45  TYR A O   1 
ATOM   330  C CB  . TYR A 1 45  ? -10.157 -4.012  5.087   1.00 17.82 ? 45  TYR A CB  1 
ATOM   331  C CG  . TYR A 1 45  ? -10.571 -4.889  6.243   1.00 19.31 ? 45  TYR A CG  1 
ATOM   332  C CD1 . TYR A 1 45  ? -11.788 -5.559  6.232   1.00 19.34 ? 45  TYR A CD1 1 
ATOM   333  C CD2 . TYR A 1 45  ? -9.721  -5.091  7.323   1.00 19.66 ? 45  TYR A CD2 1 
ATOM   334  C CE1 . TYR A 1 45  ? -12.162 -6.379  7.279   1.00 20.45 ? 45  TYR A CE1 1 
ATOM   335  C CE2 . TYR A 1 45  ? -10.084 -5.911  8.371   1.00 22.42 ? 45  TYR A CE2 1 
ATOM   336  C CZ  . TYR A 1 45  ? -11.305 -6.553  8.344   1.00 22.46 ? 45  TYR A CZ  1 
ATOM   337  O OH  . TYR A 1 45  ? -11.669 -7.371  9.389   1.00 23.65 ? 45  TYR A OH  1 
ATOM   338  N N   . MET A 1 46  ? -9.906  -4.502  1.830   1.00 16.48 ? 46  MET A N   1 
ATOM   339  C CA  . MET A 1 46  ? -9.776  -4.064  0.453   1.00 17.85 ? 46  MET A CA  1 
ATOM   340  C C   . MET A 1 46  ? -10.906 -3.152  0.028   1.00 18.68 ? 46  MET A C   1 
ATOM   341  O O   . MET A 1 46  ? -12.035 -3.282  0.496   1.00 18.63 ? 46  MET A O   1 
ATOM   342  C CB  . MET A 1 46  ? -9.759  -5.289  -0.459  1.00 17.87 ? 46  MET A CB  1 
ATOM   343  C CG  . MET A 1 46  ? -8.789  -6.351  -0.003  1.00 19.61 ? 46  MET A CG  1 
ATOM   344  S SD  . MET A 1 46  ? -7.119  -5.944  -0.505  1.00 22.09 ? 46  MET A SD  1 
ATOM   345  C CE  . MET A 1 46  ? -7.114  -6.647  -2.128  1.00 20.04 ? 46  MET A CE  1 
ATOM   346  N N   . PRO A 1 47  ? -10.594 -2.240  -0.883  1.00 17.55 ? 47  PRO A N   1 
ATOM   347  C CA  . PRO A 1 47  ? -11.588 -1.311  -1.422  1.00 19.04 ? 47  PRO A CA  1 
ATOM   348  C C   . PRO A 1 47  ? -12.539 -2.047  -2.355  1.00 20.64 ? 47  PRO A C   1 
ATOM   349  O O   . PRO A 1 47  ? -12.089 -2.890  -3.133  1.00 17.40 ? 47  PRO A O   1 
ATOM   350  C CB  . PRO A 1 47  ? -10.741 -0.324  -2.225  1.00 16.56 ? 47  PRO A CB  1 
ATOM   351  C CG  . PRO A 1 47  ? -9.502  -1.073  -2.578  1.00 16.93 ? 47  PRO A CG  1 
ATOM   352  C CD  . PRO A 1 47  ? -9.259  -2.051  -1.476  1.00 16.60 ? 47  PRO A CD  1 
ATOM   353  N N   . LYS A 1 48  ? -13.833 -1.756  -2.270  1.00 25.75 ? 48  LYS A N   1 
ATOM   354  C CA  . LYS A 1 48  ? -14.782 -2.371  -3.185  1.00 30.26 ? 48  LYS A CA  1 
ATOM   355  C C   . LYS A 1 48  ? -14.446 -1.879  -4.581  1.00 28.43 ? 48  LYS A C   1 
ATOM   356  O O   . LYS A 1 48  ? -14.468 -2.639  -5.551  1.00 26.78 ? 48  LYS A O   1 
ATOM   357  C CB  . LYS A 1 48  ? -16.223 -1.999  -2.832  1.00 36.30 ? 48  LYS A CB  1 
ATOM   358  C CG  . LYS A 1 48  ? -17.247 -2.695  -3.716  1.00 43.03 ? 48  LYS A CG  1 
ATOM   359  C CD  . LYS A 1 48  ? -18.673 -2.285  -3.394  1.00 48.74 ? 48  LYS A CD  1 
ATOM   360  C CE  . LYS A 1 48  ? -19.663 -3.255  -4.028  1.00 52.74 ? 48  LYS A CE  1 
ATOM   361  N NZ  . LYS A 1 48  ? -21.069 -2.784  -3.899  1.00 55.31 ? 48  LYS A NZ  1 
ATOM   362  N N   . LYS A 1 49  ? -14.119 -0.593  -4.663  1.00 28.97 ? 49  LYS A N   1 
ATOM   363  C CA  . LYS A 1 49  ? -13.744 0.044   -5.916  1.00 30.27 ? 49  LYS A CA  1 
ATOM   364  C C   . LYS A 1 49  ? -12.597 1.023   -5.676  1.00 27.32 ? 49  LYS A C   1 
ATOM   365  O O   . LYS A 1 49  ? -12.595 1.759   -4.688  1.00 27.52 ? 49  LYS A O   1 
ATOM   366  C CB  . LYS A 1 49  ? -14.946 0.780   -6.513  1.00 33.84 ? 49  LYS A CB  1 
ATOM   367  C CG  . LYS A 1 49  ? -14.696 1.381   -7.886  1.00 37.43 ? 49  LYS A CG  1 
ATOM   368  C CD  . LYS A 1 49  ? -15.819 2.327   -8.286  1.00 39.54 ? 49  LYS A CD  1 
ATOM   369  C CE  . LYS A 1 49  ? -15.489 3.061   -9.577  1.00 40.07 ? 49  LYS A CE  1 
ATOM   370  N NZ  . LYS A 1 49  ? -16.460 4.152   -9.868  1.00 40.55 ? 49  LYS A NZ  1 
ATOM   371  N N   . ALA A 1 50  ? -11.618 1.020   -6.572  1.00 23.02 ? 50  ALA A N   1 
ATOM   372  C CA  . ALA A 1 50  ? -10.482 1.930   -6.472  1.00 21.09 ? 50  ALA A CA  1 
ATOM   373  C C   . ALA A 1 50  ? -10.063 2.365   -7.868  1.00 19.02 ? 50  ALA A C   1 
ATOM   374  O O   . ALA A 1 50  ? -9.349  1.641   -8.562  1.00 19.03 ? 50  ALA A O   1 
ATOM   375  C CB  . ALA A 1 50  ? -9.325  1.262   -5.745  1.00 20.13 ? 50  ALA A CB  1 
ATOM   376  N N   . THR A 1 51  ? -10.517 3.545   -8.283  1.00 17.49 ? 51  THR A N   1 
ATOM   377  C CA  . THR A 1 51  ? -10.230 4.049   -9.624  1.00 17.61 ? 51  THR A CA  1 
ATOM   378  C C   . THR A 1 51  ? -9.873  5.527   -9.638  1.00 17.08 ? 51  THR A C   1 
ATOM   379  O O   . THR A 1 51  ? -9.501  6.065   -10.677 1.00 18.73 ? 51  THR A O   1 
ATOM   380  C CB  . THR A 1 51  ? -11.443 3.834   -10.549 1.00 18.96 ? 51  THR A CB  1 
ATOM   381  O OG1 . THR A 1 51  ? -12.603 4.438   -9.964  1.00 20.20 ? 51  THR A OG1 1 
ATOM   382  C CG2 . THR A 1 51  ? -11.814 2.365   -10.623 1.00 19.06 ? 51  THR A CG2 1 
ATOM   383  N N   . GLU A 1 52  ? -10.007 6.187   -8.491  1.00 16.90 ? 52  GLU A N   1 
ATOM   384  C CA  . GLU A 1 52  ? -9.727  7.615   -8.389  1.00 17.89 ? 52  GLU A CA  1 
ATOM   385  C C   . GLU A 1 52  ? -8.901  7.909   -7.153  1.00 16.98 ? 52  GLU A C   1 
ATOM   386  O O   . GLU A 1 52  ? -8.924  7.149   -6.186  1.00 18.34 ? 52  GLU A O   1 
ATOM   387  C CB  . GLU A 1 52  ? -11.027 8.415   -8.307  1.00 20.40 ? 52  GLU A CB  1 
ATOM   388  C CG  . GLU A 1 52  ? -12.089 8.025   -9.318  1.00 25.22 ? 52  GLU A CG  1 
ATOM   389  C CD  . GLU A 1 52  ? -13.322 8.898   -9.208  1.00 28.86 ? 52  GLU A CD  1 
ATOM   390  O OE1 . GLU A 1 52  ? -13.345 9.779   -8.325  1.00 31.12 ? 52  GLU A OE1 1 
ATOM   391  O OE2 . GLU A 1 52  ? -14.266 8.707   -10.003 1.00 29.29 ? 52  GLU A OE2 1 
ATOM   392  N N   . LEU A 1 53  ? -8.193  9.033   -7.174  1.00 14.66 ? 53  LEU A N   1 
ATOM   393  C CA  . LEU A 1 53  ? -7.351  9.414   -6.050  1.00 14.66 ? 53  LEU A CA  1 
ATOM   394  C C   . LEU A 1 53  ? -8.102  9.393   -4.717  1.00 14.96 ? 53  LEU A C   1 
ATOM   395  O O   . LEU A 1 53  ? -7.551  8.966   -3.703  1.00 14.05 ? 53  LEU A O   1 
ATOM   396  C CB  . LEU A 1 53  ? -6.713  10.781  -6.298  1.00 14.63 ? 53  LEU A CB  1 
ATOM   397  C CG  . LEU A 1 53  ? -5.769  10.855  -7.500  1.00 15.41 ? 53  LEU A CG  1 
ATOM   398  C CD1 . LEU A 1 53  ? -5.344  12.290  -7.755  1.00 16.97 ? 53  LEU A CD1 1 
ATOM   399  C CD2 . LEU A 1 53  ? -4.552  9.965   -7.294  1.00 14.56 ? 53  LEU A CD2 1 
ATOM   400  N N   . LYS A 1 54  ? -9.359  9.832   -4.719  1.00 15.38 ? 54  LYS A N   1 
ATOM   401  C CA  . LYS A 1 54  ? -10.149 9.865   -3.487  1.00 17.84 ? 54  LYS A CA  1 
ATOM   402  C C   . LYS A 1 54  ? -10.230 8.483   -2.843  1.00 16.93 ? 54  LYS A C   1 
ATOM   403  O O   . LYS A 1 54  ? -10.344 8.359   -1.625  1.00 15.77 ? 54  LYS A O   1 
ATOM   404  C CB  . LYS A 1 54  ? -11.555 10.420  -3.740  1.00 20.62 ? 54  LYS A CB  1 
ATOM   405  C CG  . LYS A 1 54  ? -12.487 9.456   -4.447  1.00 24.19 ? 54  LYS A CG  1 
ATOM   406  C CD  . LYS A 1 54  ? -13.875 10.045  -4.645  1.00 28.67 ? 54  LYS A CD  1 
ATOM   407  C CE  . LYS A 1 54  ? -14.776 9.041   -5.350  1.00 32.67 ? 54  LYS A CE  1 
ATOM   408  N NZ  . LYS A 1 54  ? -16.136 9.572   -5.639  1.00 34.95 ? 54  LYS A NZ  1 
ATOM   409  N N   . HIS A 1 55  ? -10.155 7.445   -3.667  1.00 17.38 ? 55  HIS A N   1 
ATOM   410  C CA  . HIS A 1 55  ? -10.222 6.080   -3.164  1.00 17.29 ? 55  HIS A CA  1 
ATOM   411  C C   . HIS A 1 55  ? -9.006  5.727   -2.309  1.00 15.81 ? 55  HIS A C   1 
ATOM   412  O O   . HIS A 1 55  ? -9.000  4.707   -1.619  1.00 13.22 ? 55  HIS A O   1 
ATOM   413  C CB  . HIS A 1 55  ? -10.408 5.090   -4.316  1.00 19.57 ? 55  HIS A CB  1 
ATOM   414  C CG  . HIS A 1 55  ? -11.719 5.239   -5.027  1.00 22.19 ? 55  HIS A CG  1 
ATOM   415  N ND1 . HIS A 1 55  ? -11.834 5.188   -6.399  1.00 21.67 ? 55  HIS A ND1 1 
ATOM   416  C CD2 . HIS A 1 55  ? -12.970 5.444   -4.552  1.00 23.13 ? 55  HIS A CD2 1 
ATOM   417  C CE1 . HIS A 1 55  ? -13.100 5.352   -6.739  1.00 21.74 ? 55  HIS A CE1 1 
ATOM   418  N NE2 . HIS A 1 55  ? -13.811 5.508   -5.637  1.00 22.60 ? 55  HIS A NE2 1 
ATOM   419  N N   . LEU A 1 56  ? -7.987  6.581   -2.340  1.00 12.89 ? 56  LEU A N   1 
ATOM   420  C CA  . LEU A 1 56  ? -6.788  6.364   -1.534  1.00 12.68 ? 56  LEU A CA  1 
ATOM   421  C C   . LEU A 1 56  ? -7.102  6.393   -0.037  1.00 12.74 ? 56  LEU A C   1 
ATOM   422  O O   . LEU A 1 56  ? -6.290  5.972   0.784   1.00 11.74 ? 56  LEU A O   1 
ATOM   423  C CB  . LEU A 1 56  ? -5.689  7.372   -1.885  1.00 12.69 ? 56  LEU A CB  1 
ATOM   424  C CG  . LEU A 1 56  ? -4.832  7.036   -3.110  1.00 11.03 ? 56  LEU A CG  1 
ATOM   425  C CD1 . LEU A 1 56  ? -3.980  8.227   -3.530  1.00 12.52 ? 56  LEU A CD1 1 
ATOM   426  C CD2 . LEU A 1 56  ? -3.956  5.823   -2.835  1.00 10.98 ? 56  LEU A CD2 1 
ATOM   427  N N   . GLN A 1 57  ? -8.285  6.887   0.317   1.00 14.50 ? 57  GLN A N   1 
ATOM   428  C CA  . GLN A 1 57  ? -8.710  6.871   1.710   1.00 17.47 ? 57  GLN A CA  1 
ATOM   429  C C   . GLN A 1 57  ? -8.698  5.423   2.196   1.00 17.38 ? 57  GLN A C   1 
ATOM   430  O O   . GLN A 1 57  ? -8.363  5.142   3.346   1.00 15.66 ? 57  GLN A O   1 
ATOM   431  C CB  . GLN A 1 57  ? -10.112 7.471   1.851   1.00 19.63 ? 57  GLN A CB  1 
ATOM   432  C CG  . GLN A 1 57  ? -10.687 7.428   3.264   1.00 24.59 ? 57  GLN A CG  1 
ATOM   433  C CD  . GLN A 1 57  ? -10.072 8.466   4.188   1.00 27.81 ? 57  GLN A CD  1 
ATOM   434  O OE1 . GLN A 1 57  ? -9.529  9.472   3.729   1.00 29.41 ? 57  GLN A OE1 1 
ATOM   435  N NE2 . GLN A 1 57  ? -10.162 8.225   5.493   1.00 26.86 ? 57  GLN A NE2 1 
ATOM   436  N N   . CYS A 1 58  ? -9.050  4.508   1.298   1.00 18.07 ? 58  CYS A N   1 
ATOM   437  C CA  . CYS A 1 58  ? -9.084  3.084   1.613   1.00 18.84 ? 58  CYS A CA  1 
ATOM   438  C C   . CYS A 1 58  ? -7.699  2.552   1.957   1.00 17.71 ? 58  CYS A C   1 
ATOM   439  O O   . CYS A 1 58  ? -7.561  1.639   2.772   1.00 16.68 ? 58  CYS A O   1 
ATOM   440  C CB  . CYS A 1 58  ? -9.673  2.293   0.443   1.00 24.00 ? 58  CYS A CB  1 
ATOM   441  S SG  . CYS A 1 58  ? -11.423 2.622   0.150   1.00 29.62 ? 58  CYS A SG  1 
ATOM   442  N N   . LEU A 1 59  ? -6.675  3.112   1.321   1.00 14.84 ? 59  LEU A N   1 
ATOM   443  C CA  . LEU A 1 59  ? -5.302  2.726   1.618   1.00 13.52 ? 59  LEU A CA  1 
ATOM   444  C C   . LEU A 1 59  ? -4.855  3.391   2.918   1.00 14.01 ? 59  LEU A C   1 
ATOM   445  O O   . LEU A 1 59  ? -4.231  2.759   3.770   1.00 12.06 ? 59  LEU A O   1 
ATOM   446  C CB  . LEU A 1 59  ? -4.368  3.113   0.466   1.00 11.52 ? 59  LEU A CB  1 
ATOM   447  C CG  . LEU A 1 59  ? -2.863  2.910   0.678   1.00 12.28 ? 59  LEU A CG  1 
ATOM   448  C CD1 . LEU A 1 59  ? -2.541  1.472   1.074   1.00 12.20 ? 59  LEU A CD1 1 
ATOM   449  C CD2 . LEU A 1 59  ? -2.078  3.304   -0.569  1.00 10.55 ? 59  LEU A CD2 1 
ATOM   450  N N   . GLU A 1 60  ? -5.193  4.668   3.071   1.00 15.10 ? 60  GLU A N   1 
ATOM   451  C CA  . GLU A 1 60  ? -4.812  5.425   4.260   1.00 18.66 ? 60  GLU A CA  1 
ATOM   452  C C   . GLU A 1 60  ? -5.244  4.736   5.550   1.00 18.52 ? 60  GLU A C   1 
ATOM   453  O O   . GLU A 1 60  ? -4.462  4.617   6.492   1.00 17.95 ? 60  GLU A O   1 
ATOM   454  C CB  . GLU A 1 60  ? -5.401  6.836   4.222   1.00 22.03 ? 60  GLU A CB  1 
ATOM   455  C CG  . GLU A 1 60  ? -4.985  7.701   5.401   1.00 28.50 ? 60  GLU A CG  1 
ATOM   456  C CD  . GLU A 1 60  ? -5.800  8.973   5.510   1.00 34.62 ? 60  GLU A CD  1 
ATOM   457  O OE1 . GLU A 1 60  ? -6.634  9.223   4.616   1.00 37.56 ? 60  GLU A OE1 1 
ATOM   458  O OE2 . GLU A 1 60  ? -5.608  9.722   6.492   1.00 37.79 ? 60  GLU A OE2 1 
ATOM   459  N N   . GLU A 1 61  ? -6.492  4.281   5.585   1.00 17.79 ? 61  GLU A N   1 
ATOM   460  C CA  . GLU A 1 61  ? -7.036  3.640   6.778   1.00 17.70 ? 61  GLU A CA  1 
ATOM   461  C C   . GLU A 1 61  ? -6.326  2.333   7.134   1.00 16.65 ? 61  GLU A C   1 
ATOM   462  O O   . GLU A 1 61  ? -6.321  1.921   8.291   1.00 16.70 ? 61  GLU A O   1 
ATOM   463  C CB  . GLU A 1 61  ? -8.550  3.438   6.642   1.00 20.34 ? 61  GLU A CB  1 
ATOM   464  C CG  . GLU A 1 61  ? -9.329  4.747   6.659   1.00 25.82 ? 61  GLU A CG  1 
ATOM   465  C CD  . GLU A 1 61  ? -10.811 4.580   6.367   1.00 29.02 ? 61  GLU A CD  1 
ATOM   466  O OE1 . GLU A 1 61  ? -11.311 3.437   6.389   1.00 30.76 ? 61  GLU A OE1 1 
ATOM   467  O OE2 . GLU A 1 61  ? -11.479 5.605   6.116   1.00 31.23 ? 61  GLU A OE2 1 
ATOM   468  N N   . GLU A 1 62  ? -5.709  1.694   6.147   1.00 13.22 ? 62  GLU A N   1 
ATOM   469  C CA  . GLU A 1 62  ? -5.010  0.439   6.399   1.00 9.87  ? 62  GLU A CA  1 
ATOM   470  C C   . GLU A 1 62  ? -3.514  0.609   6.660   1.00 10.68 ? 62  GLU A C   1 
ATOM   471  O O   . GLU A 1 62  ? -2.808  -0.378  6.856   1.00 10.62 ? 62  GLU A O   1 
ATOM   472  C CB  . GLU A 1 62  ? -5.224  -0.536  5.240   1.00 11.27 ? 62  GLU A CB  1 
ATOM   473  C CG  . GLU A 1 62  ? -6.624  -1.122  5.172   1.00 13.05 ? 62  GLU A CG  1 
ATOM   474  C CD  . GLU A 1 62  ? -6.968  -1.937  6.404   1.00 15.49 ? 62  GLU A CD  1 
ATOM   475  O OE1 . GLU A 1 62  ? -6.560  -3.115  6.470   1.00 14.38 ? 62  GLU A OE1 1 
ATOM   476  O OE2 . GLU A 1 62  ? -7.646  -1.399  7.304   1.00 17.57 ? 62  GLU A OE2 1 
ATOM   477  N N   . LEU A 1 63  ? -3.027  1.846   6.668   1.00 11.61 ? 63  LEU A N   1 
ATOM   478  C CA  . LEU A 1 63  ? -1.602  2.084   6.906   1.00 13.30 ? 63  LEU A CA  1 
ATOM   479  C C   . LEU A 1 63  ? -1.140  1.716   8.323   1.00 14.82 ? 63  LEU A C   1 
ATOM   480  O O   . LEU A 1 63  ? -0.017  1.253   8.507   1.00 14.37 ? 63  LEU A O   1 
ATOM   481  C CB  . LEU A 1 63  ? -1.210  3.523   6.557   1.00 12.88 ? 63  LEU A CB  1 
ATOM   482  C CG  . LEU A 1 63  ? -1.261  3.850   5.062   1.00 15.30 ? 63  LEU A CG  1 
ATOM   483  C CD1 . LEU A 1 63  ? -0.850  5.294   4.810   1.00 15.04 ? 63  LEU A CD1 1 
ATOM   484  C CD2 . LEU A 1 63  ? -0.395  2.888   4.246   1.00 11.25 ? 63  LEU A CD2 1 
ATOM   485  N N   . LYS A 1 64  ? -2.002  1.911   9.317   1.00 15.31 ? 64  LYS A N   1 
ATOM   486  C CA  . LYS A 1 64  ? -1.642  1.556   10.691  1.00 17.72 ? 64  LYS A CA  1 
ATOM   487  C C   . LYS A 1 64  ? -1.383  0.052   10.872  1.00 14.29 ? 64  LYS A C   1 
ATOM   488  O O   . LYS A 1 64  ? -0.299  -0.328  11.308  1.00 15.16 ? 64  LYS A O   1 
ATOM   489  C CB  . LYS A 1 64  ? -2.661  2.091   11.702  1.00 21.45 ? 64  LYS A CB  1 
ATOM   490  C CG  . LYS A 1 64  ? -2.495  3.574   11.993  1.00 27.29 ? 64  LYS A CG  1 
ATOM   491  C CD  . LYS A 1 64  ? -3.664  4.120   12.794  1.00 32.99 ? 64  LYS A CD  1 
ATOM   492  C CE  . LYS A 1 64  ? -3.604  5.637   12.881  1.00 36.79 ? 64  LYS A CE  1 
ATOM   493  N NZ  . LYS A 1 64  ? -4.712  6.188   13.708  1.00 40.51 ? 64  LYS A NZ  1 
ATOM   494  N N   . PRO A 1 65  ? -2.357  -0.802  10.554  1.00 12.37 ? 65  PRO A N   1 
ATOM   495  C CA  . PRO A 1 65  ? -2.139  -2.255  10.624  1.00 11.65 ? 65  PRO A CA  1 
ATOM   496  C C   . PRO A 1 65  ? -0.975  -2.705  9.744   1.00 11.43 ? 65  PRO A C   1 
ATOM   497  O O   . PRO A 1 65  ? -0.275  -3.655  10.087  1.00 12.16 ? 65  PRO A O   1 
ATOM   498  C CB  . PRO A 1 65  ? -3.458  -2.849  10.112  1.00 9.74  ? 65  PRO A CB  1 
ATOM   499  C CG  . PRO A 1 65  ? -4.198  -1.720  9.485   1.00 11.41 ? 65  PRO A CG  1 
ATOM   500  C CD  . PRO A 1 65  ? -3.733  -0.467  10.151  1.00 10.13 ? 65  PRO A CD  1 
ATOM   501  N N   . LEU A 1 66  ? -0.771  -2.030  8.619   1.00 12.02 ? 66  LEU A N   1 
ATOM   502  C CA  . LEU A 1 66  ? 0.338   -2.365  7.738   1.00 11.77 ? 66  LEU A CA  1 
ATOM   503  C C   . LEU A 1 66  ? 1.661   -2.158  8.468   1.00 11.74 ? 66  LEU A C   1 
ATOM   504  O O   . LEU A 1 66  ? 2.517   -3.042  8.485   1.00 11.42 ? 66  LEU A O   1 
ATOM   505  C CB  . LEU A 1 66  ? 0.298   -1.517  6.469   1.00 11.08 ? 66  LEU A CB  1 
ATOM   506  C CG  . LEU A 1 66  ? 1.463   -1.764  5.513   1.00 11.16 ? 66  LEU A CG  1 
ATOM   507  C CD1 . LEU A 1 66  ? 1.497   -3.224  5.086   1.00 11.50 ? 66  LEU A CD1 1 
ATOM   508  C CD2 . LEU A 1 66  ? 1.373   -0.845  4.306   1.00 11.11 ? 66  LEU A CD2 1 
ATOM   509  N N   . GLU A 1 67  ? 1.814   -0.987  9.081   1.00 12.04 ? 67  GLU A N   1 
ATOM   510  C CA  . GLU A 1 67  ? 3.024   -0.662  9.830   1.00 14.86 ? 67  GLU A CA  1 
ATOM   511  C C   . GLU A 1 67  ? 3.215   -1.599  11.024  1.00 13.05 ? 67  GLU A C   1 
ATOM   512  O O   . GLU A 1 67  ? 4.336   -1.995  11.339  1.00 12.36 ? 67  GLU A O   1 
ATOM   513  C CB  . GLU A 1 67  ? 2.994   0.798   10.298  1.00 17.64 ? 67  GLU A CB  1 
ATOM   514  C CG  . GLU A 1 67  ? 4.191   1.209   11.142  1.00 21.15 ? 67  GLU A CG  1 
ATOM   515  C CD  . GLU A 1 67  ? 4.159   2.673   11.538  1.00 25.67 ? 67  GLU A CD  1 
ATOM   516  O OE1 . GLU A 1 67  ? 3.260   3.402   11.069  1.00 27.58 ? 67  GLU A OE1 1 
ATOM   517  O OE2 . GLU A 1 67  ? 5.036   3.096   12.320  1.00 27.35 ? 67  GLU A OE2 1 
ATOM   518  N N   . GLU A 1 68  ? 2.118   -1.954  11.686  1.00 14.64 ? 68  GLU A N   1 
ATOM   519  C CA  . GLU A 1 68  ? 2.191   -2.854  12.831  1.00 14.94 ? 68  GLU A CA  1 
ATOM   520  C C   . GLU A 1 68  ? 2.715   -4.220  12.408  1.00 14.27 ? 68  GLU A C   1 
ATOM   521  O O   . GLU A 1 68  ? 3.626   -4.773  13.024  1.00 13.34 ? 68  GLU A O   1 
ATOM   522  C CB  . GLU A 1 68  ? 0.822   -3.011  13.487  1.00 16.14 ? 68  GLU A CB  1 
ATOM   523  C CG  . GLU A 1 68  ? 0.845   -3.922  14.701  1.00 18.43 ? 68  GLU A CG  1 
ATOM   524  C CD  . GLU A 1 68  ? 1.809   -3.440  15.765  1.00 20.52 ? 68  GLU A CD  1 
ATOM   525  O OE1 . GLU A 1 68  ? 1.755   -2.246  16.124  1.00 20.32 ? 68  GLU A OE1 1 
ATOM   526  O OE2 . GLU A 1 68  ? 2.621   -4.257  16.244  1.00 22.12 ? 68  GLU A OE2 1 
ATOM   527  N N   . VAL A 1 69  ? 2.131   -4.759  11.348  1.00 12.64 ? 69  VAL A N   1 
ATOM   528  C CA  . VAL A 1 69  ? 2.546   -6.055  10.842  1.00 12.67 ? 69  VAL A CA  1 
ATOM   529  C C   . VAL A 1 69  ? 4.022   -6.013  10.443  1.00 13.88 ? 69  VAL A C   1 
ATOM   530  O O   . VAL A 1 69  ? 4.794   -6.908  10.795  1.00 15.51 ? 69  VAL A O   1 
ATOM   531  C CB  . VAL A 1 69  ? 1.643   -6.503  9.676   1.00 13.59 ? 69  VAL A CB  1 
ATOM   532  C CG1 . VAL A 1 69  ? 2.192   -7.747  9.002   1.00 13.68 ? 69  VAL A CG1 1 
ATOM   533  C CG2 . VAL A 1 69  ? 0.234   -6.756  10.185  1.00 13.64 ? 69  VAL A CG2 1 
ATOM   534  N N   . LEU A 1 70  ? 4.422   -4.962  9.737   1.00 13.73 ? 70  LEU A N   1 
ATOM   535  C CA  . LEU A 1 70  ? 5.817   -4.818  9.338   1.00 14.74 ? 70  LEU A CA  1 
ATOM   536  C C   . LEU A 1 70  ? 6.724   -4.766  10.566  1.00 16.20 ? 70  LEU A C   1 
ATOM   537  O O   . LEU A 1 70  ? 7.777   -5.404  10.592  1.00 16.18 ? 70  LEU A O   1 
ATOM   538  C CB  . LEU A 1 70  ? 6.013   -3.583  8.459   1.00 12.56 ? 70  LEU A CB  1 
ATOM   539  C CG  . LEU A 1 70  ? 5.387   -3.674  7.065   1.00 12.75 ? 70  LEU A CG  1 
ATOM   540  C CD1 . LEU A 1 70  ? 5.665   -2.412  6.269   1.00 13.16 ? 70  LEU A CD1 1 
ATOM   541  C CD2 . LEU A 1 70  ? 5.899   -4.896  6.320   1.00 12.61 ? 70  LEU A CD2 1 
ATOM   542  N N   . ASN A 1 71  ? 6.311   -4.016  11.583  1.00 17.88 ? 71  ASN A N   1 
ATOM   543  C CA  . ASN A 1 71  ? 7.073   -3.942  12.825  1.00 20.39 ? 71  ASN A CA  1 
ATOM   544  C C   . ASN A 1 71  ? 7.223   -5.322  13.464  1.00 21.41 ? 71  ASN A C   1 
ATOM   545  O O   . ASN A 1 71  ? 8.305   -5.693  13.917  1.00 19.06 ? 71  ASN A O   1 
ATOM   546  C CB  . ASN A 1 71  ? 6.414   -2.980  13.817  1.00 23.62 ? 71  ASN A CB  1 
ATOM   547  C CG  . ASN A 1 71  ? 6.782   -1.531  13.561  1.00 26.02 ? 71  ASN A CG  1 
ATOM   548  O OD1 . ASN A 1 71  ? 6.001   -0.620  13.843  1.00 25.97 ? 71  ASN A OD1 1 
ATOM   549  N ND2 . ASN A 1 71  ? 7.979   -1.309  13.038  1.00 26.64 ? 71  ASN A ND2 1 
ATOM   550  N N   . LEU A 1 72  ? 6.129   -6.079  13.487  1.00 21.22 ? 72  LEU A N   1 
ATOM   551  C CA  . LEU A 1 72  ? 6.126   -7.410  14.083  1.00 23.46 ? 72  LEU A CA  1 
ATOM   552  C C   . LEU A 1 72  ? 7.056   -8.369  13.350  1.00 27.20 ? 72  LEU A C   1 
ATOM   553  O O   . LEU A 1 72  ? 7.597   -9.301  13.945  1.00 26.16 ? 72  LEU A O   1 
ATOM   554  C CB  . LEU A 1 72  ? 4.708   -7.983  14.093  1.00 22.10 ? 72  LEU A CB  1 
ATOM   555  C CG  . LEU A 1 72  ? 3.682   -7.264  14.968  1.00 20.52 ? 72  LEU A CG  1 
ATOM   556  C CD1 . LEU A 1 72  ? 2.318   -7.915  14.821  1.00 20.65 ? 72  LEU A CD1 1 
ATOM   557  C CD2 . LEU A 1 72  ? 4.127   -7.260  16.421  1.00 18.55 ? 72  LEU A CD2 1 
ATOM   558  N N   . ALA A 1 73  ? 7.236   -8.131  12.055  1.00 31.58 ? 73  ALA A N   1 
ATOM   559  C CA  . ALA A 1 73  ? 8.072   -8.981  11.216  1.00 36.72 ? 73  ALA A CA  1 
ATOM   560  C C   . ALA A 1 73  ? 9.560   -8.791  11.497  1.00 42.51 ? 73  ALA A C   1 
ATOM   561  O O   . ALA A 1 73  ? 10.210  -9.690  12.021  1.00 44.54 ? 73  ALA A O   1 
ATOM   562  C CB  . ALA A 1 73  ? 7.773   -8.724  9.755   1.00 35.83 ? 73  ALA A CB  1 
ATOM   563  N N   . GLN A 1 74  ? 10.080  -7.621  11.132  1.00 48.69 ? 74  GLN A N   1 
ATOM   564  C CA  . GLN A 1 74  ? 11.482  -7.233  11.337  1.00 54.27 ? 74  GLN A CA  1 
ATOM   565  C C   . GLN A 1 74  ? 12.062  -6.621  10.064  1.00 57.03 ? 74  GLN A C   1 
ATOM   566  O O   . GLN A 1 74  ? 13.201  -6.903  9.688   1.00 59.32 ? 74  GLN A O   1 
ATOM   567  C CB  . GLN A 1 74  ? 12.370  -8.396  11.807  1.00 57.34 ? 74  GLN A CB  1 
ATOM   568  C CG  . GLN A 1 74  ? 12.141  -8.891  13.242  1.00 60.19 ? 74  GLN A CG  1 
ATOM   569  C CD  . GLN A 1 74  ? 11.362  -7.915  14.109  1.00 61.76 ? 74  GLN A CD  1 
ATOM   570  O OE1 . GLN A 1 74  ? 11.455  -6.702  13.931  1.00 63.50 ? 74  GLN A OE1 1 
ATOM   571  N NE2 . GLN A 1 74  ? 10.587  -8.449  15.046  1.00 61.94 ? 74  GLN A NE2 1 
ATOM   572  N N   . ASN A 1 77  ? 16.092  -8.221  6.497   1.00 77.60 ? 77  ASN A N   1 
ATOM   573  C CA  . ASN A 1 77  ? 16.769  -7.022  6.008   1.00 77.48 ? 77  ASN A CA  1 
ATOM   574  C C   . ASN A 1 77  ? 15.947  -6.116  5.099   1.00 75.49 ? 77  ASN A C   1 
ATOM   575  O O   . ASN A 1 77  ? 15.749  -6.365  3.908   1.00 75.02 ? 77  ASN A O   1 
ATOM   576  C CB  . ASN A 1 77  ? 18.139  -7.337  5.412   1.00 79.89 ? 77  ASN A CB  1 
ATOM   577  C CG  . ASN A 1 77  ? 19.256  -6.613  6.137   1.00 81.69 ? 77  ASN A CG  1 
ATOM   578  O OD1 . ASN A 1 77  ? 19.014  -5.643  6.857   1.00 82.20 ? 77  ASN A OD1 1 
ATOM   579  N ND2 . ASN A 1 77  ? 20.487  -7.071  5.943   1.00 82.29 ? 77  ASN A ND2 1 
ATOM   580  N N   . PHE A 1 78  ? 15.502  -5.044  5.730   1.00 73.69 ? 78  PHE A N   1 
ATOM   581  C CA  . PHE A 1 78  ? 14.656  -4.011  5.190   1.00 71.69 ? 78  PHE A CA  1 
ATOM   582  C C   . PHE A 1 78  ? 15.616  -2.832  5.214   1.00 69.40 ? 78  PHE A C   1 
ATOM   583  O O   . PHE A 1 78  ? 16.240  -2.599  6.248   1.00 68.80 ? 78  PHE A O   1 
ATOM   584  C CB  . PHE A 1 78  ? 13.586  -3.797  6.258   1.00 72.40 ? 78  PHE A CB  1 
ATOM   585  C CG  . PHE A 1 78  ? 12.246  -3.398  5.739   1.00 73.10 ? 78  PHE A CG  1 
ATOM   586  C CD1 . PHE A 1 78  ? 11.628  -4.103  4.722   1.00 73.55 ? 78  PHE A CD1 1 
ATOM   587  C CD2 . PHE A 1 78  ? 11.578  -2.337  6.315   1.00 73.40 ? 78  PHE A CD2 1 
ATOM   588  C CE1 . PHE A 1 78  ? 10.378  -3.726  4.271   1.00 73.55 ? 78  PHE A CE1 1 
ATOM   589  C CE2 . PHE A 1 78  ? 10.337  -1.955  5.872   1.00 73.40 ? 78  PHE A CE2 1 
ATOM   590  C CZ  . PHE A 1 78  ? 9.733   -2.649  4.848   1.00 73.33 ? 78  PHE A CZ  1 
ATOM   591  N N   . HIS A 1 79  ? 15.793  -2.092  4.118   1.00 66.60 ? 79  HIS A N   1 
ATOM   592  C CA  . HIS A 1 79  ? 16.712  -0.951  4.243   1.00 63.67 ? 79  HIS A CA  1 
ATOM   593  C C   . HIS A 1 79  ? 16.139  0.322   4.877   1.00 60.22 ? 79  HIS A C   1 
ATOM   594  O O   . HIS A 1 79  ? 16.830  1.331   4.983   1.00 59.77 ? 79  HIS A O   1 
ATOM   595  C CB  . HIS A 1 79  ? 17.649  -0.657  3.044   1.00 64.60 ? 79  HIS A CB  1 
ATOM   596  C CG  . HIS A 1 79  ? 17.254  -1.284  1.742   1.00 64.70 ? 79  HIS A CG  1 
ATOM   597  N ND1 . HIS A 1 79  ? 16.913  -2.613  1.613   1.00 65.36 ? 79  HIS A ND1 1 
ATOM   598  C CD2 . HIS A 1 79  ? 17.220  -0.766  0.492   1.00 64.94 ? 79  HIS A CD2 1 
ATOM   599  C CE1 . HIS A 1 79  ? 16.651  -2.876  0.345   1.00 65.08 ? 79  HIS A CE1 1 
ATOM   600  N NE2 . HIS A 1 79  ? 16.832  -1.772  -0.357  1.00 64.88 ? 79  HIS A NE2 1 
ATOM   601  N N   . LEU A 1 80  ? 14.880  0.260   5.303   1.00 56.61 ? 80  LEU A N   1 
ATOM   602  C CA  . LEU A 1 80  ? 14.262  1.369   6.024   1.00 53.90 ? 80  LEU A CA  1 
ATOM   603  C C   . LEU A 1 80  ? 13.396  0.863   7.175   1.00 50.11 ? 80  LEU A C   1 
ATOM   604  O O   . LEU A 1 80  ? 12.753  -0.178  7.066   1.00 49.42 ? 80  LEU A O   1 
ATOM   605  C CB  . LEU A 1 80  ? 13.423  2.248   5.092   1.00 55.78 ? 80  LEU A CB  1 
ATOM   606  C CG  . LEU A 1 80  ? 14.169  3.101   4.063   1.00 56.87 ? 80  LEU A CG  1 
ATOM   607  C CD1 . LEU A 1 80  ? 13.207  4.040   3.352   1.00 57.18 ? 80  LEU A CD1 1 
ATOM   608  C CD2 . LEU A 1 80  ? 15.292  3.887   4.723   1.00 57.55 ? 80  LEU A CD2 1 
ATOM   609  N N   . ARG A 1 81  ? 13.397  1.597   8.284   1.00 44.74 ? 81  ARG A N   1 
ATOM   610  C CA  . ARG A 1 81  ? 12.543  1.257   9.413   1.00 40.32 ? 81  ARG A CA  1 
ATOM   611  C C   . ARG A 1 81  ? 11.098  1.412   8.956   1.00 37.59 ? 81  ARG A C   1 
ATOM   612  O O   . ARG A 1 81  ? 10.768  2.370   8.260   1.00 36.38 ? 81  ARG A O   1 
ATOM   613  C CB  . ARG A 1 81  ? 12.831  2.172   10.590  1.00 40.40 ? 81  ARG A CB  1 
ATOM   614  N N   . PRO A 1 82  ? 10.245  0.461   9.319   1.00 35.09 ? 82  PRO A N   1 
ATOM   615  C CA  . PRO A 1 82  ? 8.834   0.514   8.927   1.00 33.74 ? 82  PRO A CA  1 
ATOM   616  C C   . PRO A 1 82  ? 8.212   1.887   9.171   1.00 32.93 ? 82  PRO A C   1 
ATOM   617  O O   . PRO A 1 82  ? 7.547   2.408   8.276   1.00 31.87 ? 82  PRO A O   1 
ATOM   618  C CB  . PRO A 1 82  ? 8.190   -0.541  9.826   1.00 33.51 ? 82  PRO A CB  1 
ATOM   619  C CG  . PRO A 1 82  ? 9.279   -1.541  10.031  1.00 33.34 ? 82  PRO A CG  1 
ATOM   620  C CD  . PRO A 1 82  ? 10.557  -0.740  10.112  1.00 33.94 ? 82  PRO A CD  1 
ATOM   621  N N   . ARG A 1 83  ? 8.435   2.470   10.346  1.00 33.30 ? 83  ARG A N   1 
ATOM   622  C CA  . ARG A 1 83  ? 7.859   3.778   10.650  1.00 35.08 ? 83  ARG A CA  1 
ATOM   623  C C   . ARG A 1 83  ? 8.245   4.824   9.601   1.00 31.98 ? 83  ARG A C   1 
ATOM   624  O O   . ARG A 1 83  ? 7.439   5.685   9.255   1.00 30.26 ? 83  ARG A O   1 
ATOM   625  C CB  . ARG A 1 83  ? 8.223   4.249   12.069  1.00 40.32 ? 83  ARG A CB  1 
ATOM   626  C CG  . ARG A 1 83  ? 9.526   5.031   12.184  1.00 46.45 ? 83  ARG A CG  1 
ATOM   627  C CD  . ARG A 1 83  ? 9.815   5.582   13.581  1.00 50.32 ? 83  ARG A CD  1 
ATOM   628  N NE  . ARG A 1 83  ? 8.892   6.647   13.973  1.00 53.32 ? 83  ARG A NE  1 
ATOM   629  C CZ  . ARG A 1 83  ? 9.177   7.944   13.919  1.00 54.23 ? 83  ARG A CZ  1 
ATOM   630  N NH1 . ARG A 1 83  ? 10.364  8.348   13.485  1.00 54.15 ? 83  ARG A NH1 1 
ATOM   631  N NH2 . ARG A 1 83  ? 8.276   8.841   14.299  1.00 53.73 ? 83  ARG A NH2 1 
ATOM   632  N N   . ASP A 1 84  ? 9.471   4.738   9.092   1.00 29.77 ? 84  ASP A N   1 
ATOM   633  C CA  . ASP A 1 84  ? 9.942   5.677   8.077   1.00 28.78 ? 84  ASP A CA  1 
ATOM   634  C C   . ASP A 1 84  ? 9.289   5.397   6.726   1.00 26.38 ? 84  ASP A C   1 
ATOM   635  O O   . ASP A 1 84  ? 8.787   6.310   6.070   1.00 24.60 ? 84  ASP A O   1 
ATOM   636  C CB  . ASP A 1 84  ? 11.468  5.625   7.955   1.00 30.47 ? 84  ASP A CB  1 
ATOM   637  C CG  . ASP A 1 84  ? 12.171  6.155   9.192   1.00 33.63 ? 84  ASP A CG  1 
ATOM   638  O OD1 . ASP A 1 84  ? 11.686  7.148   9.778   1.00 34.14 ? 84  ASP A OD1 1 
ATOM   639  O OD2 . ASP A 1 84  ? 13.214  5.646   9.652   1.00 34.91 ? 84  ASP A OD2 1 
ATOM   640  N N   . LEU A 1 85  ? 9.295   4.130   6.325   1.00 23.43 ? 85  LEU A N   1 
ATOM   641  C CA  . LEU A 1 85  ? 8.694   3.708   5.064   1.00 23.55 ? 85  LEU A CA  1 
ATOM   642  C C   . LEU A 1 85  ? 7.217   4.068   4.990   1.00 20.17 ? 85  LEU A C   1 
ATOM   643  O O   . LEU A 1 85  ? 6.746   4.601   3.986   1.00 18.65 ? 85  LEU A O   1 
ATOM   644  C CB  . LEU A 1 85  ? 8.861   2.200   4.886   1.00 28.32 ? 85  LEU A CB  1 
ATOM   645  C CG  . LEU A 1 85  ? 8.696   1.641   3.474   1.00 32.84 ? 85  LEU A CG  1 
ATOM   646  C CD1 . LEU A 1 85  ? 8.735   2.742   2.425   1.00 34.41 ? 85  LEU A CD1 1 
ATOM   647  C CD2 . LEU A 1 85  ? 9.775   0.602   3.209   1.00 36.07 ? 85  LEU A CD2 1 
ATOM   648  N N   . ILE A 1 86  ? 6.485   3.772   6.057   1.00 18.11 ? 86  ILE A N   1 
ATOM   649  C CA  . ILE A 1 86  ? 5.059   4.045   6.085   1.00 16.18 ? 86  ILE A CA  1 
ATOM   650  C C   . ILE A 1 86  ? 4.793   5.544   6.167   1.00 15.80 ? 86  ILE A C   1 
ATOM   651  O O   . ILE A 1 86  ? 3.807   6.034   5.622   1.00 15.91 ? 86  ILE A O   1 
ATOM   652  C CB  . ILE A 1 86  ? 4.380   3.279   7.236   1.00 16.92 ? 86  ILE A CB  1 
ATOM   653  C CG1 . ILE A 1 86  ? 4.633   1.778   7.080   1.00 16.31 ? 86  ILE A CG1 1 
ATOM   654  C CG2 . ILE A 1 86  ? 2.881   3.563   7.268   1.00 15.59 ? 86  ILE A CG2 1 
ATOM   655  C CD1 . ILE A 1 86  ? 4.171   1.212   5.753   1.00 16.88 ? 86  ILE A CD1 1 
ATOM   656  N N   . SER A 1 87  ? 5.681   6.274   6.838   1.00 16.62 ? 87  SER A N   1 
ATOM   657  C CA  . SER A 1 87  ? 5.543   7.726   6.911   1.00 20.16 ? 87  SER A CA  1 
ATOM   658  C C   . SER A 1 87  ? 5.620   8.348   5.519   1.00 19.01 ? 87  SER A C   1 
ATOM   659  O O   . SER A 1 87  ? 4.863   9.264   5.201   1.00 18.88 ? 87  SER A O   1 
ATOM   660  C CB  . SER A 1 87  ? 6.602   8.349   7.824   1.00 21.21 ? 87  SER A CB  1 
ATOM   661  O OG  . SER A 1 87  ? 6.198   8.289   9.180   1.00 25.79 ? 87  SER A OG  1 
ATOM   662  N N   . ASN A 1 88  ? 6.535   7.853   4.689   1.00 17.88 ? 88  ASN A N   1 
ATOM   663  C CA  . ASN A 1 88  ? 6.671   8.389   3.341   1.00 20.54 ? 88  ASN A CA  1 
ATOM   664  C C   . ASN A 1 88  ? 5.428   8.092   2.532   1.00 18.57 ? 88  ASN A C   1 
ATOM   665  O O   . ASN A 1 88  ? 4.952   8.931   1.770   1.00 19.30 ? 88  ASN A O   1 
ATOM   666  C CB  . ASN A 1 88  ? 7.898   7.828   2.622   1.00 26.24 ? 88  ASN A CB  1 
ATOM   667  C CG  . ASN A 1 88  ? 8.095   8.449   1.246   1.00 31.25 ? 88  ASN A CG  1 
ATOM   668  O OD1 . ASN A 1 88  ? 7.803   9.631   1.040   1.00 32.78 ? 88  ASN A OD1 1 
ATOM   669  N ND2 . ASN A 1 88  ? 8.584   7.657   0.299   1.00 32.36 ? 88  ASN A ND2 1 
ATOM   670  N N   . ILE A 1 89  ? 4.908   6.883   2.698   1.00 15.98 ? 89  ILE A N   1 
ATOM   671  C CA  . ILE A 1 89  ? 3.694   6.491   2.008   1.00 15.64 ? 89  ILE A CA  1 
ATOM   672  C C   . ILE A 1 89  ? 2.549   7.356   2.511   1.00 14.60 ? 89  ILE A C   1 
ATOM   673  O O   . ILE A 1 89  ? 1.748   7.858   1.727   1.00 12.73 ? 89  ILE A O   1 
ATOM   674  C CB  . ILE A 1 89  ? 3.401   5.000   2.250   1.00 15.46 ? 89  ILE A CB  1 
ATOM   675  C CG1 . ILE A 1 89  ? 4.377   4.137   1.446   1.00 15.52 ? 89  ILE A CG1 1 
ATOM   676  C CG2 . ILE A 1 89  ? 1.963   4.666   1.876   1.00 13.97 ? 89  ILE A CG2 1 
ATOM   677  C CD1 . ILE A 1 89  ? 4.288   2.653   1.757   1.00 18.19 ? 89  ILE A CD1 1 
ATOM   678  N N   . ASN A 1 90  ? 2.498   7.548   3.825   1.00 15.15 ? 90  ASN A N   1 
ATOM   679  C CA  . ASN A 1 90  ? 1.438   8.342   4.436   1.00 15.55 ? 90  ASN A CA  1 
ATOM   680  C C   . ASN A 1 90  ? 1.377   9.752   3.862   1.00 13.97 ? 90  ASN A C   1 
ATOM   681  O O   . ASN A 1 90  ? 0.303   10.237  3.515   1.00 14.07 ? 90  ASN A O   1 
ATOM   682  C CB  . ASN A 1 90  ? 1.609   8.394   5.953   1.00 19.57 ? 90  ASN A CB  1 
ATOM   683  C CG  . ASN A 1 90  ? 0.296   8.606   6.682   1.00 25.14 ? 90  ASN A CG  1 
ATOM   684  O OD1 . ASN A 1 90  ? 0.177   8.288   7.865   1.00 30.09 ? 90  ASN A OD1 1 
ATOM   685  N ND2 . ASN A 1 90  ? -0.699  9.138   5.980   1.00 24.10 ? 90  ASN A ND2 1 
ATOM   686  N N   . VAL A 1 91  ? 2.531   10.402  3.756   1.00 12.21 ? 91  VAL A N   1 
ATOM   687  C CA  . VAL A 1 91  ? 2.594   11.755  3.216   1.00 12.06 ? 91  VAL A CA  1 
ATOM   688  C C   . VAL A 1 91  ? 2.045   11.836  1.795   1.00 12.77 ? 91  VAL A C   1 
ATOM   689  O O   . VAL A 1 91  ? 1.242   12.715  1.478   1.00 12.79 ? 91  VAL A O   1 
ATOM   690  C CB  . VAL A 1 91  ? 4.037   12.293  3.203   1.00 13.74 ? 91  VAL A CB  1 
ATOM   691  C CG1 . VAL A 1 91  ? 4.116   13.592  2.411   1.00 14.59 ? 91  VAL A CG1 1 
ATOM   692  C CG2 . VAL A 1 91  ? 4.556   12.492  4.615   1.00 14.57 ? 91  VAL A CG2 1 
ATOM   693  N N   . ILE A 1 92  ? 2.487   10.921  0.939   1.00 12.35 ? 92  ILE A N   1 
ATOM   694  C CA  . ILE A 1 92  ? 2.072   10.917  -0.457  1.00 12.99 ? 92  ILE A CA  1 
ATOM   695  C C   . ILE A 1 92  ? 0.570   10.699  -0.583  1.00 13.52 ? 92  ILE A C   1 
ATOM   696  O O   . ILE A 1 92  ? -0.106  11.378  -1.355  1.00 12.81 ? 92  ILE A O   1 
ATOM   697  C CB  . ILE A 1 92  ? 2.856   9.850   -1.247  1.00 12.77 ? 92  ILE A CB  1 
ATOM   698  C CG1 . ILE A 1 92  ? 4.354   10.166  -1.212  1.00 10.98 ? 92  ILE A CG1 1 
ATOM   699  C CG2 . ILE A 1 92  ? 2.360   9.767   -2.681  1.00 12.17 ? 92  ILE A CG2 1 
ATOM   700  C CD1 . ILE A 1 92  ? 5.232   9.047   -1.762  1.00 10.89 ? 92  ILE A CD1 1 
ATOM   701  N N   . VAL A 1 93  ? 0.050   9.754   0.192   1.00 14.12 ? 93  VAL A N   1 
ATOM   702  C CA  . VAL A 1 93  ? -1.374  9.461   0.174   1.00 16.72 ? 93  VAL A CA  1 
ATOM   703  C C   . VAL A 1 93  ? -2.189  10.668  0.637   1.00 19.03 ? 93  VAL A C   1 
ATOM   704  O O   . VAL A 1 93  ? -3.205  11.001  0.033   1.00 19.48 ? 93  VAL A O   1 
ATOM   705  C CB  . VAL A 1 93  ? -1.705  8.219   1.023   1.00 17.34 ? 93  VAL A CB  1 
ATOM   706  C CG1 . VAL A 1 93  ? -3.210  8.078   1.223   1.00 18.13 ? 93  VAL A CG1 1 
ATOM   707  C CG2 . VAL A 1 93  ? -1.120  6.970   0.370   1.00 16.79 ? 93  VAL A CG2 1 
ATOM   708  N N   . LEU A 1 94  ? -1.734  11.333  1.694   1.00 19.70 ? 94  LEU A N   1 
ATOM   709  C CA  . LEU A 1 94  ? -2.438  12.509  2.197   1.00 21.89 ? 94  LEU A CA  1 
ATOM   710  C C   . LEU A 1 94  ? -2.444  13.649  1.181   1.00 23.23 ? 94  LEU A C   1 
ATOM   711  O O   . LEU A 1 94  ? -3.431  14.368  1.055   1.00 27.17 ? 94  LEU A O   1 
ATOM   712  C CB  . LEU A 1 94  ? -1.840  12.982  3.524   1.00 20.87 ? 94  LEU A CB  1 
ATOM   713  C CG  . LEU A 1 94  ? -2.129  12.088  4.728   1.00 21.01 ? 94  LEU A CG  1 
ATOM   714  C CD1 . LEU A 1 94  ? -1.437  12.622  5.969   1.00 21.23 ? 94  LEU A CD1 1 
ATOM   715  C CD2 . LEU A 1 94  ? -3.630  11.964  4.961   1.00 22.28 ? 94  LEU A CD2 1 
ATOM   716  N N   . GLU A 1 95  ? -1.348  13.808  0.451   1.00 20.48 ? 95  GLU A N   1 
ATOM   717  C CA  . GLU A 1 95  ? -1.252  14.889  -0.522  1.00 21.89 ? 95  GLU A CA  1 
ATOM   718  C C   . GLU A 1 95  ? -1.990  14.595  -1.832  1.00 23.40 ? 95  GLU A C   1 
ATOM   719  O O   . GLU A 1 95  ? -2.355  15.516  -2.559  1.00 23.62 ? 95  GLU A O   1 
ATOM   720  C CB  . GLU A 1 95  ? 0.216   15.251  -0.777  1.00 20.59 ? 95  GLU A CB  1 
ATOM   721  C CG  . GLU A 1 95  ? 0.914   15.789  0.465   1.00 21.25 ? 95  GLU A CG  1 
ATOM   722  C CD  . GLU A 1 95  ? 2.339   16.236  0.209   1.00 22.26 ? 95  GLU A CD  1 
ATOM   723  O OE1 . GLU A 1 95  ? 2.908   15.877  -0.844  1.00 22.10 ? 95  GLU A OE1 1 
ATOM   724  O OE2 . GLU A 1 95  ? 2.895   16.945  1.072   1.00 23.37 ? 95  GLU A OE2 1 
ATOM   725  N N   . LEU A 1 96  ? -2.225  13.318  -2.120  1.00 23.03 ? 96  LEU A N   1 
ATOM   726  C CA  . LEU A 1 96  ? -2.882  12.924  -3.367  1.00 23.37 ? 96  LEU A CA  1 
ATOM   727  C C   . LEU A 1 96  ? -4.412  12.933  -3.323  1.00 27.02 ? 96  LEU A C   1 
ATOM   728  O O   . LEU A 1 96  ? -5.060  13.415  -4.251  1.00 28.15 ? 96  LEU A O   1 
ATOM   729  C CB  . LEU A 1 96  ? -2.399  11.541  -3.813  1.00 21.15 ? 96  LEU A CB  1 
ATOM   730  C CG  . LEU A 1 96  ? -1.086  11.486  -4.595  1.00 19.81 ? 96  LEU A CG  1 
ATOM   731  C CD1 . LEU A 1 96  ? -0.664  10.042  -4.823  1.00 19.27 ? 96  LEU A CD1 1 
ATOM   732  C CD2 . LEU A 1 96  ? -1.210  12.230  -5.915  1.00 17.11 ? 96  LEU A CD2 1 
ATOM   733  N N   . LYS A 1 97  ? -4.985  12.396  -2.251  1.00 30.19 ? 97  LYS A N   1 
ATOM   734  C CA  . LYS A 1 97  ? -6.439  12.282  -2.147  1.00 36.19 ? 97  LYS A CA  1 
ATOM   735  C C   . LYS A 1 97  ? -7.130  13.567  -1.698  1.00 37.48 ? 97  LYS A C   1 
ATOM   736  O O   . LYS A 1 97  ? -8.358  13.650  -1.697  1.00 38.75 ? 97  LYS A O   1 
ATOM   737  C CB  . LYS A 1 97  ? -6.821  11.105  -1.243  1.00 38.62 ? 97  LYS A CB  1 
ATOM   738  C CG  . LYS A 1 97  ? -6.347  11.216  0.192   1.00 40.97 ? 97  LYS A CG  1 
ATOM   739  C CD  . LYS A 1 97  ? -7.417  11.829  1.073   1.00 44.06 ? 97  LYS A CD  1 
ATOM   740  C CE  . LYS A 1 97  ? -7.152  11.546  2.539   1.00 44.85 ? 97  LYS A CE  1 
ATOM   741  N NZ  . LYS A 1 97  ? -8.190  12.167  3.400   1.00 46.21 ? 97  LYS A NZ  1 
ATOM   742  N N   . GLY A 1 98  ? -6.337  14.568  -1.331  1.00 40.14 ? 98  GLY A N   1 
ATOM   743  C CA  . GLY A 1 98  ? -6.879  15.842  -0.896  1.00 42.21 ? 98  GLY A CA  1 
ATOM   744  C C   . GLY A 1 98  ? -7.948  15.702  0.170   1.00 43.16 ? 98  GLY A C   1 
ATOM   745  O O   . GLY A 1 98  ? -7.717  15.109  1.224   1.00 43.37 ? 98  GLY A O   1 
ATOM   746  N N   . PHE A 1 103 ? -15.903 11.656  1.343   1.00 69.08 ? 103 PHE A N   1 
ATOM   747  C CA  . PHE A 1 103 ? -15.955 10.283  0.854   1.00 68.35 ? 103 PHE A CA  1 
ATOM   748  C C   . PHE A 1 103 ? -15.573 9.292   1.941   1.00 66.64 ? 103 PHE A C   1 
ATOM   749  O O   . PHE A 1 103 ? -14.494 9.383   2.529   1.00 66.70 ? 103 PHE A O   1 
ATOM   750  C CB  . PHE A 1 103 ? -15.034 10.092  -0.356  1.00 69.34 ? 103 PHE A CB  1 
ATOM   751  C CG  . PHE A 1 103 ? -14.903 8.658   -0.792  1.00 70.21 ? 103 PHE A CG  1 
ATOM   752  C CD1 . PHE A 1 103 ? -15.744 8.134   -1.759  1.00 70.72 ? 103 PHE A CD1 1 
ATOM   753  C CD2 . PHE A 1 103 ? -13.945 7.831   -0.226  1.00 70.50 ? 103 PHE A CD2 1 
ATOM   754  C CE1 . PHE A 1 103 ? -15.628 6.814   -2.157  1.00 71.07 ? 103 PHE A CE1 1 
ATOM   755  C CE2 . PHE A 1 103 ? -13.826 6.512   -0.618  1.00 70.91 ? 103 PHE A CE2 1 
ATOM   756  C CZ  . PHE A 1 103 ? -14.669 6.001   -1.585  1.00 71.15 ? 103 PHE A CZ  1 
ATOM   757  N N   . MET A 1 104 ? -16.462 8.344   2.206   1.00 64.24 ? 104 MET A N   1 
ATOM   758  C CA  . MET A 1 104 ? -16.184 7.306   3.185   1.00 61.87 ? 104 MET A CA  1 
ATOM   759  C C   . MET A 1 104 ? -15.911 5.996   2.461   1.00 56.03 ? 104 MET A C   1 
ATOM   760  O O   . MET A 1 104 ? -16.767 5.469   1.751   1.00 55.25 ? 104 MET A O   1 
ATOM   761  C CB  . MET A 1 104 ? -17.327 7.178   4.193   1.00 65.66 ? 104 MET A CB  1 
ATOM   762  C CG  . MET A 1 104 ? -17.402 8.355   5.159   1.00 70.08 ? 104 MET A CG  1 
ATOM   763  S SD  . MET A 1 104 ? -18.864 8.357   6.212   1.00 73.56 ? 104 MET A SD  1 
ATOM   764  C CE  . MET A 1 104 ? -20.168 8.273   4.983   1.00 73.85 ? 104 MET A CE  1 
ATOM   765  N N   . CYS A 1 105 ? -14.693 5.496   2.635   1.00 50.03 ? 105 CYS A N   1 
ATOM   766  C CA  . CYS A 1 105 ? -14.241 4.277   1.979   1.00 44.08 ? 105 CYS A CA  1 
ATOM   767  C C   . CYS A 1 105 ? -15.213 3.114   2.083   1.00 41.42 ? 105 CYS A C   1 
ATOM   768  O O   . CYS A 1 105 ? -15.686 2.780   3.166   1.00 40.53 ? 105 CYS A O   1 
ATOM   769  C CB  . CYS A 1 105 ? -12.900 3.836   2.554   1.00 40.32 ? 105 CYS A CB  1 
ATOM   770  S SG  . CYS A 1 105 ? -12.367 2.247   1.896   1.00 36.65 ? 105 CYS A SG  1 
ATOM   771  N N   . GLU A 1 106 ? -15.496 2.490   0.947   1.00 40.38 ? 106 GLU A N   1 
ATOM   772  C CA  . GLU A 1 106 ? -16.354 1.318   0.921   1.00 41.16 ? 106 GLU A CA  1 
ATOM   773  C C   . GLU A 1 106 ? -15.465 0.083   0.784   1.00 37.26 ? 106 GLU A C   1 
ATOM   774  O O   . GLU A 1 106 ? -14.706 -0.037  -0.176  1.00 35.73 ? 106 GLU A O   1 
ATOM   775  C CB  . GLU A 1 106 ? -17.348 1.408   -0.236  1.00 46.12 ? 106 GLU A CB  1 
ATOM   776  C CG  . GLU A 1 106 ? -18.679 0.729   0.042   1.00 52.78 ? 106 GLU A CG  1 
ATOM   777  C CD  . GLU A 1 106 ? -19.750 1.117   -0.958  1.00 56.61 ? 106 GLU A CD  1 
ATOM   778  O OE1 . GLU A 1 106 ? -19.723 2.266   -1.448  1.00 57.31 ? 106 GLU A OE1 1 
ATOM   779  O OE2 . GLU A 1 106 ? -20.619 0.270   -1.252  1.00 58.98 ? 106 GLU A OE2 1 
ATOM   780  N N   . TYR A 1 107 ? -15.553 -0.829  1.748   1.00 33.46 ? 107 TYR A N   1 
ATOM   781  C CA  . TYR A 1 107 ? -14.713 -2.026  1.737   1.00 29.93 ? 107 TYR A CA  1 
ATOM   782  C C   . TYR A 1 107 ? -15.414 -3.269  1.209   1.00 29.35 ? 107 TYR A C   1 
ATOM   783  O O   . TYR A 1 107 ? -16.626 -3.422  1.352   1.00 29.45 ? 107 TYR A O   1 
ATOM   784  C CB  . TYR A 1 107 ? -14.173 -2.318  3.138   1.00 28.37 ? 107 TYR A CB  1 
ATOM   785  C CG  . TYR A 1 107 ? -13.165 -1.313  3.633   1.00 27.24 ? 107 TYR A CG  1 
ATOM   786  C CD1 . TYR A 1 107 ? -11.822 -1.429  3.301   1.00 27.51 ? 107 TYR A CD1 1 
ATOM   787  C CD2 . TYR A 1 107 ? -13.553 -0.252  4.436   1.00 26.24 ? 107 TYR A CD2 1 
ATOM   788  C CE1 . TYR A 1 107 ? -10.895 -0.515  3.753   1.00 27.16 ? 107 TYR A CE1 1 
ATOM   789  C CE2 . TYR A 1 107 ? -12.634 0.667   4.894   1.00 26.66 ? 107 TYR A CE2 1 
ATOM   790  C CZ  . TYR A 1 107 ? -11.307 0.532   4.549   1.00 27.11 ? 107 TYR A CZ  1 
ATOM   791  O OH  . TYR A 1 107 ? -10.387 1.445   5.000   1.00 27.93 ? 107 TYR A OH  1 
ATOM   792  N N   . ALA A 1 108 ? -14.639 -4.157  0.597   1.00 28.49 ? 108 ALA A N   1 
ATOM   793  C CA  . ALA A 1 108 ? -15.168 -5.419  0.105   1.00 29.40 ? 108 ALA A CA  1 
ATOM   794  C C   . ALA A 1 108 ? -15.364 -6.351  1.293   1.00 30.41 ? 108 ALA A C   1 
ATOM   795  O O   . ALA A 1 108 ? -14.732 -6.177  2.334   1.00 28.93 ? 108 ALA A O   1 
ATOM   796  C CB  . ALA A 1 108 ? -14.220 -6.035  -0.901  1.00 28.48 ? 108 ALA A CB  1 
ATOM   797  N N   . ASP A 1 109 ? -16.246 -7.334  1.142   1.00 33.71 ? 109 ASP A N   1 
ATOM   798  C CA  . ASP A 1 109 ? -16.522 -8.277  2.222   1.00 37.17 ? 109 ASP A CA  1 
ATOM   799  C C   . ASP A 1 109 ? -15.325 -9.171  2.517   1.00 35.49 ? 109 ASP A C   1 
ATOM   800  O O   . ASP A 1 109 ? -15.004 -9.434  3.676   1.00 35.34 ? 109 ASP A O   1 
ATOM   801  C CB  . ASP A 1 109 ? -17.739 -9.144  1.886   1.00 43.30 ? 109 ASP A CB  1 
ATOM   802  C CG  . ASP A 1 109 ? -19.048 -8.486  2.271   1.00 47.81 ? 109 ASP A CG  1 
ATOM   803  O OD1 . ASP A 1 109 ? -19.434 -8.579  3.456   1.00 50.54 ? 109 ASP A OD1 1 
ATOM   804  O OD2 . ASP A 1 109 ? -19.760 -7.859  1.459   1.00 48.80 ? 109 ASP A OD2 1 
ATOM   805  N N   . GLU A 1 110 ? -14.671 -9.637  1.460   1.00 34.03 ? 110 GLU A N   1 
ATOM   806  C CA  . GLU A 1 110 ? -13.528 -10.527 1.596   1.00 33.82 ? 110 GLU A CA  1 
ATOM   807  C C   . GLU A 1 110 ? -12.259 -9.777  1.969   1.00 29.22 ? 110 GLU A C   1 
ATOM   808  O O   . GLU A 1 110 ? -11.926 -8.754  1.369   1.00 27.53 ? 110 GLU A O   1 
ATOM   809  C CB  . GLU A 1 110 ? -13.292 -11.295 0.293   1.00 39.46 ? 110 GLU A CB  1 
ATOM   810  C CG  . GLU A 1 110 ? -14.445 -12.184 -0.140  1.00 46.61 ? 110 GLU A CG  1 
ATOM   811  C CD  . GLU A 1 110 ? -14.547 -13.456 0.679   1.00 50.82 ? 110 GLU A CD  1 
ATOM   812  O OE1 . GLU A 1 110 ? -13.557 -13.814 1.355   1.00 52.98 ? 110 GLU A OE1 1 
ATOM   813  O OE2 . GLU A 1 110 ? -15.615 -14.102 0.644   1.00 51.96 ? 110 GLU A OE2 1 
ATOM   814  N N   . THR A 1 111 ? -11.552 -10.293 2.967   1.00 24.75 ? 111 THR A N   1 
ATOM   815  C CA  . THR A 1 111 ? -10.280 -9.717  3.359   1.00 22.48 ? 111 THR A CA  1 
ATOM   816  C C   . THR A 1 111 ? -9.199  -10.337 2.493   1.00 21.43 ? 111 THR A C   1 
ATOM   817  O O   . THR A 1 111 ? -9.462  -11.266 1.726   1.00 19.45 ? 111 THR A O   1 
ATOM   818  C CB  . THR A 1 111 ? -9.991  -9.989  4.836   1.00 23.70 ? 111 THR A CB  1 
ATOM   819  O OG1 . THR A 1 111 ? -10.152 -11.386 5.103   1.00 25.03 ? 111 THR A OG1 1 
ATOM   820  C CG2 . THR A 1 111 ? -11.047 -9.336  5.711   1.00 22.95 ? 111 THR A CG2 1 
ATOM   821  N N   . ALA A 1 112 ? -7.983  -9.827  2.617   1.00 17.03 ? 112 ALA A N   1 
ATOM   822  C CA  . ALA A 1 112 ? -6.883  -10.331 1.814   1.00 16.07 ? 112 ALA A CA  1 
ATOM   823  C C   . ALA A 1 112 ? -5.620  -10.388 2.644   1.00 14.44 ? 112 ALA A C   1 
ATOM   824  O O   . ALA A 1 112 ? -5.542  -9.778  3.712   1.00 14.70 ? 112 ALA A O   1 
ATOM   825  C CB  . ALA A 1 112 ? -6.675  -9.442  0.604   1.00 18.06 ? 112 ALA A CB  1 
ATOM   826  N N   . THR A 1 113 ? -4.629  -11.127 2.163   1.00 10.69 ? 113 THR A N   1 
ATOM   827  C CA  . THR A 1 113 ? -3.356  -11.184 2.860   1.00 11.02 ? 113 THR A CA  1 
ATOM   828  C C   . THR A 1 113 ? -2.609  -9.898  2.567   1.00 11.02 ? 113 THR A C   1 
ATOM   829  O O   . THR A 1 113 ? -3.016  -9.115  1.711   1.00 11.31 ? 113 THR A O   1 
ATOM   830  C CB  . THR A 1 113 ? -2.509  -12.358 2.371   1.00 10.84 ? 113 THR A CB  1 
ATOM   831  O OG1 . THR A 1 113 ? -2.092  -12.111 1.023   1.00 11.18 ? 113 THR A OG1 1 
ATOM   832  C CG2 . THR A 1 113 ? -3.341  -13.633 2.286   1.00 9.82  ? 113 THR A CG2 1 
ATOM   833  N N   . ILE A 1 114 ? -1.504  -9.694  3.271   1.00 11.35 ? 114 ILE A N   1 
ATOM   834  C CA  . ILE A 1 114 ? -0.697  -8.506  3.063   1.00 10.69 ? 114 ILE A CA  1 
ATOM   835  C C   . ILE A 1 114 ? -0.172  -8.484  1.635   1.00 11.86 ? 114 ILE A C   1 
ATOM   836  O O   . ILE A 1 114 ? -0.018  -7.421  1.041   1.00 10.84 ? 114 ILE A O   1 
ATOM   837  C CB  . ILE A 1 114 ? 0.461   -8.459  4.079   1.00 11.79 ? 114 ILE A CB  1 
ATOM   838  C CG1 . ILE A 1 114 ? 1.261   -7.165  3.928   1.00 10.70 ? 114 ILE A CG1 1 
ATOM   839  C CG2 . ILE A 1 114 ? 1.356   -9.684  3.938   1.00 12.86 ? 114 ILE A CG2 1 
ATOM   840  C CD1 . ILE A 1 114 ? 2.295   -6.968  5.016   1.00 10.11 ? 114 ILE A CD1 1 
ATOM   841  N N   . VAL A 1 115 ? 0.085   -9.665  1.080   1.00 11.57 ? 115 VAL A N   1 
ATOM   842  C CA  . VAL A 1 115 ? 0.576   -9.764  -0.289  1.00 10.49 ? 115 VAL A CA  1 
ATOM   843  C C   . VAL A 1 115 ? -0.484  -9.320  -1.303  1.00 12.17 ? 115 VAL A C   1 
ATOM   844  O O   . VAL A 1 115 ? -0.194  -8.528  -2.201  1.00 12.38 ? 115 VAL A O   1 
ATOM   845  C CB  . VAL A 1 115 ? 1.071   -11.192 -0.616  1.00 10.06 ? 115 VAL A CB  1 
ATOM   846  C CG1 . VAL A 1 115 ? 1.290   -11.361 -2.109  1.00 9.56  ? 115 VAL A CG1 1 
ATOM   847  C CG2 . VAL A 1 115 ? 2.352   -11.497 0.147   1.00 9.51  ? 115 VAL A CG2 1 
ATOM   848  N N   . GLU A 1 116 ? -1.710  -9.814  -1.151  1.00 11.78 ? 116 GLU A N   1 
ATOM   849  C CA  . GLU A 1 116 ? -2.796  -9.461  -2.065  1.00 13.20 ? 116 GLU A CA  1 
ATOM   850  C C   . GLU A 1 116 ? -3.133  -7.973  -1.961  1.00 12.40 ? 116 GLU A C   1 
ATOM   851  O O   . GLU A 1 116 ? -3.426  -7.315  -2.958  1.00 10.54 ? 116 GLU A O   1 
ATOM   852  C CB  . GLU A 1 116 ? -4.038  -10.308 -1.776  1.00 17.82 ? 116 GLU A CB  1 
ATOM   853  C CG  . GLU A 1 116 ? -3.733  -11.787 -1.608  1.00 23.43 ? 116 GLU A CG  1 
ATOM   854  C CD  . GLU A 1 116 ? -4.942  -12.616 -1.215  1.00 27.26 ? 116 GLU A CD  1 
ATOM   855  O OE1 . GLU A 1 116 ? -5.586  -12.312 -0.189  1.00 23.05 ? 116 GLU A OE1 1 
ATOM   856  O OE2 . GLU A 1 116 ? -5.240  -13.589 -1.934  1.00 32.30 ? 116 GLU A OE2 1 
ATOM   857  N N   . PHE A 1 117 ? -3.084  -7.462  -0.738  1.00 11.88 ? 117 PHE A N   1 
ATOM   858  C CA  . PHE A 1 117 ? -3.343  -6.059  -0.447  1.00 10.47 ? 117 PHE A CA  1 
ATOM   859  C C   . PHE A 1 117 ? -2.326  -5.165  -1.160  1.00 9.24  ? 117 PHE A C   1 
ATOM   860  O O   . PHE A 1 117 ? -2.702  -4.189  -1.806  1.00 9.46  ? 117 PHE A O   1 
ATOM   861  C CB  . PHE A 1 117 ? -3.318  -5.874  1.074   1.00 9.38  ? 117 PHE A CB  1 
ATOM   862  C CG  . PHE A 1 117 ? -3.221  -4.448  1.539   1.00 9.76  ? 117 PHE A CG  1 
ATOM   863  C CD1 . PHE A 1 117 ? -4.357  -3.668  1.673   1.00 9.95  ? 117 PHE A CD1 1 
ATOM   864  C CD2 . PHE A 1 117 ? -2.000  -3.912  1.908   1.00 10.52 ? 117 PHE A CD2 1 
ATOM   865  C CE1 . PHE A 1 117 ? -4.269  -2.365  2.134   1.00 10.15 ? 117 PHE A CE1 1 
ATOM   866  C CE2 . PHE A 1 117 ? -1.904  -2.615  2.368   1.00 12.61 ? 117 PHE A CE2 1 
ATOM   867  C CZ  . PHE A 1 117 ? -3.039  -1.840  2.480   1.00 11.65 ? 117 PHE A CZ  1 
ATOM   868  N N   . LEU A 1 118 ? -1.046  -5.510  -1.063  1.00 9.77  ? 118 LEU A N   1 
ATOM   869  C CA  . LEU A 1 118 ? -0.001  -4.737  -1.732  1.00 9.66  ? 118 LEU A CA  1 
ATOM   870  C C   . LEU A 1 118 ? -0.165  -4.786  -3.250  1.00 11.37 ? 118 LEU A C   1 
ATOM   871  O O   . LEU A 1 118 ? -0.089  -3.756  -3.921  1.00 10.17 ? 118 LEU A O   1 
ATOM   872  C CB  . LEU A 1 118 ? 1.393   -5.214  -1.314  1.00 10.32 ? 118 LEU A CB  1 
ATOM   873  C CG  . LEU A 1 118 ? 1.780   -4.894  0.133   1.00 11.66 ? 118 LEU A CG  1 
ATOM   874  C CD1 . LEU A 1 118 ? 3.025   -5.660  0.554   1.00 12.30 ? 118 LEU A CD1 1 
ATOM   875  C CD2 . LEU A 1 118 ? 1.977   -3.395  0.330   1.00 11.79 ? 118 LEU A CD2 1 
ATOM   876  N N   . ASN A 1 119 ? -0.399  -5.983  -3.785  1.00 13.07 ? 119 ASN A N   1 
ATOM   877  C CA  . ASN A 1 119 ? -0.616  -6.156  -5.222  1.00 14.72 ? 119 ASN A CA  1 
ATOM   878  C C   . ASN A 1 119 ? -1.732  -5.246  -5.728  1.00 14.70 ? 119 ASN A C   1 
ATOM   879  O O   . ASN A 1 119 ? -1.587  -4.567  -6.746  1.00 14.70 ? 119 ASN A O   1 
ATOM   880  C CB  . ASN A 1 119 ? -0.985  -7.608  -5.544  1.00 16.25 ? 119 ASN A CB  1 
ATOM   881  C CG  . ASN A 1 119 ? 0.212   -8.536  -5.536  1.00 17.32 ? 119 ASN A CG  1 
ATOM   882  O OD1 . ASN A 1 119 ? 0.087   -9.721  -5.226  1.00 22.03 ? 119 ASN A OD1 1 
ATOM   883  N ND2 . ASN A 1 119 ? 1.372   -8.010  -5.895  1.00 15.25 ? 119 ASN A ND2 1 
ATOM   884  N N   . ARG A 1 120 ? -2.846  -5.254  -5.005  1.00 14.66 ? 120 ARG A N   1 
ATOM   885  C CA  . ARG A 1 120 ? -4.022  -4.471  -5.359  1.00 15.42 ? 120 ARG A CA  1 
ATOM   886  C C   . ARG A 1 120 ? -3.716  -2.982  -5.430  1.00 14.48 ? 120 ARG A C   1 
ATOM   887  O O   . ARG A 1 120 ? -4.159  -2.290  -6.347  1.00 12.34 ? 120 ARG A O   1 
ATOM   888  C CB  . ARG A 1 120 ? -5.133  -4.716  -4.338  1.00 18.55 ? 120 ARG A CB  1 
ATOM   889  C CG  . ARG A 1 120 ? -6.416  -3.949  -4.617  1.00 21.71 ? 120 ARG A CG  1 
ATOM   890  C CD  . ARG A 1 120 ? -7.175  -4.453  -5.832  1.00 23.61 ? 120 ARG A CD  1 
ATOM   891  N NE  . ARG A 1 120 ? -8.284  -3.577  -6.201  1.00 25.67 ? 120 ARG A NE  1 
ATOM   892  C CZ  . ARG A 1 120 ? -8.161  -2.504  -6.969  1.00 27.63 ? 120 ARG A CZ  1 
ATOM   893  N NH1 . ARG A 1 120 ? -6.972  -2.161  -7.448  1.00 27.78 ? 120 ARG A NH1 1 
ATOM   894  N NH2 . ARG A 1 120 ? -9.225  -1.769  -7.261  1.00 28.28 ? 120 ARG A NH2 1 
ATOM   895  N N   . TRP A 1 121 ? -2.965  -2.490  -4.452  1.00 13.72 ? 121 TRP A N   1 
ATOM   896  C CA  . TRP A 1 121 ? -2.621  -1.075  -4.413  1.00 11.76 ? 121 TRP A CA  1 
ATOM   897  C C   . TRP A 1 121 ? -1.532  -0.733  -5.423  1.00 11.38 ? 121 TRP A C   1 
ATOM   898  O O   . TRP A 1 121 ? -1.474  0.387   -5.930  1.00 10.58 ? 121 TRP A O   1 
ATOM   899  C CB  . TRP A 1 121 ? -2.283  -0.626  -2.990  1.00 11.07 ? 121 TRP A CB  1 
ATOM   900  C CG  . TRP A 1 121 ? -3.523  -0.493  -2.170  1.00 10.81 ? 121 TRP A CG  1 
ATOM   901  C CD1 . TRP A 1 121 ? -3.898  -1.264  -1.111  1.00 10.49 ? 121 TRP A CD1 1 
ATOM   902  C CD2 . TRP A 1 121 ? -4.581  0.447   -2.375  1.00 10.25 ? 121 TRP A CD2 1 
ATOM   903  N NE1 . TRP A 1 121 ? -5.118  -0.849  -0.632  1.00 9.73  ? 121 TRP A NE1 1 
ATOM   904  C CE2 . TRP A 1 121 ? -5.559  0.201   -1.393  1.00 9.00  ? 121 TRP A CE2 1 
ATOM   905  C CE3 . TRP A 1 121 ? -4.797  1.485   -3.287  1.00 11.19 ? 121 TRP A CE3 1 
ATOM   906  C CZ2 . TRP A 1 121 ? -6.728  0.951   -1.299  1.00 10.32 ? 121 TRP A CZ2 1 
ATOM   907  C CZ3 . TRP A 1 121 ? -5.958  2.227   -3.192  1.00 11.70 ? 121 TRP A CZ3 1 
ATOM   908  C CH2 . TRP A 1 121 ? -6.908  1.955   -2.205  1.00 10.90 ? 121 TRP A CH2 1 
ATOM   909  N N   . ILE A 1 122 ? -0.675  -1.704  -5.721  1.00 11.25 ? 122 ILE A N   1 
ATOM   910  C CA  . ILE A 1 122 ? 0.342   -1.507  -6.742  1.00 11.88 ? 122 ILE A CA  1 
ATOM   911  C C   . ILE A 1 122 ? -0.382  -1.375  -8.075  1.00 12.82 ? 122 ILE A C   1 
ATOM   912  O O   . ILE A 1 122 ? -0.078  -0.491  -8.874  1.00 13.58 ? 122 ILE A O   1 
ATOM   913  C CB  . ILE A 1 122 ? 1.330   -2.683  -6.768  1.00 11.73 ? 122 ILE A CB  1 
ATOM   914  C CG1 . ILE A 1 122 ? 2.343   -2.542  -5.631  1.00 10.66 ? 122 ILE A CG1 1 
ATOM   915  C CG2 . ILE A 1 122 ? 2.056   -2.745  -8.107  1.00 12.16 ? 122 ILE A CG2 1 
ATOM   916  C CD1 . ILE A 1 122 ? 3.017   -3.843  -5.257  1.00 10.25 ? 122 ILE A CD1 1 
ATOM   917  N N   . THR A 1 123 ? -1.366  -2.242  -8.291  1.00 11.64 ? 123 THR A N   1 
ATOM   918  C CA  . THR A 1 123 ? -2.169  -2.208  -9.507  1.00 13.29 ? 123 THR A CA  1 
ATOM   919  C C   . THR A 1 123 ? -2.928  -0.880  -9.618  1.00 14.42 ? 123 THR A C   1 
ATOM   920  O O   . THR A 1 123 ? -2.989  -0.287  -10.698 1.00 13.29 ? 123 THR A O   1 
ATOM   921  C CB  . THR A 1 123 ? -3.120  -3.423  -9.553  1.00 15.47 ? 123 THR A CB  1 
ATOM   922  O OG1 . THR A 1 123 ? -2.347  -4.621  -9.699  1.00 15.87 ? 123 THR A OG1 1 
ATOM   923  C CG2 . THR A 1 123 ? -3.973  -3.406  -10.814 1.00 17.43 ? 123 THR A CG2 1 
ATOM   924  N N   . PHE A 1 124 ? -3.478  -0.407  -8.500  1.00 12.38 ? 124 PHE A N   1 
ATOM   925  C CA  . PHE A 1 124 ? -4.170  0.882   -8.471  1.00 13.00 ? 124 PHE A CA  1 
ATOM   926  C C   . PHE A 1 124 ? -3.277  2.007   -8.988  1.00 12.82 ? 124 PHE A C   1 
ATOM   927  O O   . PHE A 1 124 ? -3.691  2.797   -9.835  1.00 12.91 ? 124 PHE A O   1 
ATOM   928  C CB  . PHE A 1 124 ? -4.640  1.216   -7.054  1.00 11.73 ? 124 PHE A CB  1 
ATOM   929  C CG  . PHE A 1 124 ? -5.140  2.630   -6.896  1.00 12.16 ? 124 PHE A CG  1 
ATOM   930  C CD1 . PHE A 1 124 ? -6.414  2.980   -7.315  1.00 11.65 ? 124 PHE A CD1 1 
ATOM   931  C CD2 . PHE A 1 124 ? -4.338  3.605   -6.322  1.00 12.83 ? 124 PHE A CD2 1 
ATOM   932  C CE1 . PHE A 1 124 ? -6.879  4.279   -7.164  1.00 13.49 ? 124 PHE A CE1 1 
ATOM   933  C CE2 . PHE A 1 124 ? -4.795  4.906   -6.171  1.00 12.24 ? 124 PHE A CE2 1 
ATOM   934  C CZ  . PHE A 1 124 ? -6.066  5.242   -6.590  1.00 13.48 ? 124 PHE A CZ  1 
ATOM   935  N N   . CYS A 1 125 ? -2.053  2.079   -8.472  1.00 12.03 ? 125 CYS A N   1 
ATOM   936  C CA  . CYS A 1 125 ? -1.115  3.120   -8.879  1.00 13.78 ? 125 CYS A CA  1 
ATOM   937  C C   . CYS A 1 125 ? -0.795  3.030   -10.368 1.00 14.65 ? 125 CYS A C   1 
ATOM   938  O O   . CYS A 1 125 ? -0.879  4.022   -11.089 1.00 15.59 ? 125 CYS A O   1 
ATOM   939  C CB  . CYS A 1 125 ? 0.173   3.054   -8.049  1.00 13.35 ? 125 CYS A CB  1 
ATOM   940  S SG  . CYS A 1 125 ? -0.033  3.427   -6.285  1.00 11.53 ? 125 CYS A SG  1 
ATOM   941  N N   . GLN A 1 126 ? -0.441  1.836   -10.829 1.00 16.01 ? 126 GLN A N   1 
ATOM   942  C CA  . GLN A 1 126 ? -0.101  1.644   -12.236 1.00 16.43 ? 126 GLN A CA  1 
ATOM   943  C C   . GLN A 1 126 ? -1.253  2.069   -13.141 1.00 17.49 ? 126 GLN A C   1 
ATOM   944  O O   . GLN A 1 126 ? -1.043  2.714   -14.168 1.00 15.25 ? 126 GLN A O   1 
ATOM   945  C CB  . GLN A 1 126 ? 0.314   0.195   -12.498 1.00 16.98 ? 126 GLN A CB  1 
ATOM   946  C CG  . GLN A 1 126 ? 1.525   -0.226  -11.679 1.00 22.15 ? 126 GLN A CG  1 
ATOM   947  C CD  . GLN A 1 126 ? 2.041   -1.608  -12.032 1.00 26.00 ? 126 GLN A CD  1 
ATOM   948  O OE1 . GLN A 1 126 ? 3.223   -1.771  -12.337 1.00 27.45 ? 126 GLN A OE1 1 
ATOM   949  N NE2 . GLN A 1 126 ? 1.165   -2.604  -11.976 1.00 26.50 ? 126 GLN A NE2 1 
ATOM   950  N N   . SER A 1 127 ? -2.473  1.726   -12.744 1.00 18.23 ? 127 SER A N   1 
ATOM   951  C CA  . SER A 1 127 ? -3.648  2.090   -13.525 1.00 21.95 ? 127 SER A CA  1 
ATOM   952  C C   . SER A 1 127 ? -3.842  3.603   -13.637 1.00 21.18 ? 127 SER A C   1 
ATOM   953  O O   . SER A 1 127 ? -4.106  4.109   -14.724 1.00 21.80 ? 127 SER A O   1 
ATOM   954  C CB  . SER A 1 127 ? -4.904  1.421   -12.963 1.00 24.40 ? 127 SER A CB  1 
ATOM   955  O OG  . SER A 1 127 ? -4.895  0.033   -13.247 1.00 29.38 ? 127 SER A OG  1 
ATOM   956  N N   . ILE A 1 128 ? -3.709  4.325   -12.528 1.00 18.04 ? 128 ILE A N   1 
ATOM   957  C CA  . ILE A 1 128 ? -3.882  5.778   -12.563 1.00 19.92 ? 128 ILE A CA  1 
ATOM   958  C C   . ILE A 1 128 ? -2.726  6.464   -13.285 1.00 18.55 ? 128 ILE A C   1 
ATOM   959  O O   . ILE A 1 128 ? -2.927  7.435   -14.013 1.00 18.11 ? 128 ILE A O   1 
ATOM   960  C CB  . ILE A 1 128 ? -4.050  6.368   -11.150 1.00 22.03 ? 128 ILE A CB  1 
ATOM   961  C CG1 . ILE A 1 128 ? -5.179  5.655   -10.401 1.00 24.44 ? 128 ILE A CG1 1 
ATOM   962  C CG2 . ILE A 1 128 ? -4.324  7.866   -11.230 1.00 21.72 ? 128 ILE A CG2 1 
ATOM   963  C CD1 . ILE A 1 128 ? -6.479  5.598   -11.164 1.00 26.94 ? 128 ILE A CD1 1 
ATOM   964  N N   . ILE A 1 129 ? -1.514  5.961   -13.069 1.00 16.22 ? 129 ILE A N   1 
ATOM   965  C CA  . ILE A 1 129 ? -0.334  6.508   -13.729 1.00 17.52 ? 129 ILE A CA  1 
ATOM   966  C C   . ILE A 1 129 ? -0.521  6.500   -15.245 1.00 19.27 ? 129 ILE A C   1 
ATOM   967  O O   . ILE A 1 129 ? -0.191  7.472   -15.926 1.00 18.77 ? 129 ILE A O   1 
ATOM   968  C CB  . ILE A 1 129 ? 0.922   5.700   -13.345 1.00 16.17 ? 129 ILE A CB  1 
ATOM   969  C CG1 . ILE A 1 129 ? 1.323   5.991   -11.897 1.00 15.27 ? 129 ILE A CG1 1 
ATOM   970  C CG2 . ILE A 1 129 ? 2.085   6.028   -14.280 1.00 14.99 ? 129 ILE A CG2 1 
ATOM   971  C CD1 . ILE A 1 129 ? 2.388   5.057   -11.366 1.00 13.16 ? 129 ILE A CD1 1 
ATOM   972  N N   . SER A 1 130 ? -1.071  5.403   -15.758 1.00 19.27 ? 130 SER A N   1 
ATOM   973  C CA  . SER A 1 130 ? -1.295  5.236   -17.194 1.00 21.79 ? 130 SER A CA  1 
ATOM   974  C C   . SER A 1 130 ? -2.335  6.180   -17.799 1.00 22.73 ? 130 SER A C   1 
ATOM   975  O O   . SER A 1 130 ? -2.432  6.294   -19.019 1.00 23.29 ? 130 SER A O   1 
ATOM   976  C CB  . SER A 1 130 ? -1.664  3.786   -17.514 1.00 21.38 ? 130 SER A CB  1 
ATOM   977  O OG  . SER A 1 130 ? -0.524  2.952   -17.431 1.00 24.18 ? 130 SER A OG  1 
ATOM   978  N N   . THR A 1 131 ? -3.120  6.844   -16.957 1.00 22.51 ? 131 THR A N   1 
ATOM   979  C CA  . THR A 1 131 ? -4.112  7.786   -17.459 1.00 23.44 ? 131 THR A CA  1 
ATOM   980  C C   . THR A 1 131 ? -3.514  9.178   -17.520 1.00 24.69 ? 131 THR A C   1 
ATOM   981  O O   . THR A 1 131 ? -4.144  10.105  -18.021 1.00 24.84 ? 131 THR A O   1 
ATOM   982  C CB  . THR A 1 131 ? -5.352  7.832   -16.551 1.00 23.71 ? 131 THR A CB  1 
ATOM   983  O OG1 . THR A 1 131 ? -5.027  8.519   -15.336 1.00 22.67 ? 131 THR A OG1 1 
ATOM   984  C CG2 . THR A 1 131 ? -5.740  6.436   -16.092 1.00 25.56 ? 131 THR A CG2 1 
ATOM   985  N N   . LEU A 1 132 ? -2.296  9.322   -17.010 1.00 26.60 ? 132 LEU A N   1 
ATOM   986  C CA  . LEU A 1 132 ? -1.660  10.632  -16.938 1.00 27.99 ? 132 LEU A CA  1 
ATOM   987  C C   . LEU A 1 132 ? -0.452  10.777  -17.854 1.00 29.38 ? 132 LEU A C   1 
ATOM   988  O O   . LEU A 1 132 ? 0.136   11.852  -17.934 1.00 30.31 ? 132 LEU A O   1 
ATOM   989  C CB  . LEU A 1 132 ? -1.246  10.934  -15.497 1.00 28.00 ? 132 LEU A CB  1 
ATOM   990  C CG  . LEU A 1 132 ? -2.331  10.811  -14.426 1.00 28.51 ? 132 LEU A CG  1 
ATOM   991  C CD1 . LEU A 1 132 ? -1.713  10.840  -13.036 1.00 27.96 ? 132 LEU A CD1 1 
ATOM   992  C CD2 . LEU A 1 132 ? -3.376  11.910  -14.578 1.00 29.16 ? 132 LEU A CD2 1 
ATOM   993  N N   . THR A 1 133 ? -0.081  9.703   -18.540 1.00 32.21 ? 133 THR A N   1 
ATOM   994  C CA  . THR A 1 133 ? 1.090   9.730   -19.415 1.00 36.42 ? 133 THR A CA  1 
ATOM   995  C C   . THR A 1 133 ? 1.003   10.796  -20.508 1.00 37.78 ? 133 THR A C   1 
ATOM   996  O O   . THR A 1 133 ? -0.085  11.206  -20.912 1.00 38.67 ? 133 THR A O   1 
ATOM   997  C CB  . THR A 1 133 ? 1.326   8.347   -20.044 1.00 39.03 ? 133 THR A CB  1 
ATOM   998  O OG1 . THR A 1 133 ? 1.821   7.446   -19.046 1.00 40.35 ? 133 THR A OG1 1 
ATOM   999  C CG2 . THR A 1 133 ? 2.465   8.414   -21.050 1.00 42.05 ? 133 THR A CG2 1 
HETATM 1000 S S   . SO4 B 2 .   ? -17.415 6.109   -6.105  1.00 61.45 ? 134 SO4 A S   1 
HETATM 1001 O O1  . SO4 B 2 .   ? -16.501 6.896   -6.929  1.00 61.47 ? 134 SO4 A O1  1 
HETATM 1002 O O2  . SO4 B 2 .   ? -18.090 5.125   -6.945  1.00 61.54 ? 134 SO4 A O2  1 
HETATM 1003 O O3  . SO4 B 2 .   ? -16.667 5.417   -5.059  1.00 60.87 ? 134 SO4 A O3  1 
HETATM 1004 O O4  . SO4 B 2 .   ? -18.403 6.996   -5.497  1.00 61.20 ? 134 SO4 A O4  1 
HETATM 1005 S S   . SO4 C 2 .   ? 14.087  -12.695 7.524   1.00 62.08 ? 135 SO4 A S   1 
HETATM 1006 O O1  . SO4 C 2 .   ? 13.370  -11.577 8.128   1.00 61.20 ? 135 SO4 A O1  1 
HETATM 1007 O O2  . SO4 C 2 .   ? 14.640  -12.277 6.237   1.00 61.74 ? 135 SO4 A O2  1 
HETATM 1008 O O3  . SO4 C 2 .   ? 15.175  -13.106 8.405   1.00 61.87 ? 135 SO4 A O3  1 
HETATM 1009 O O4  . SO4 C 2 .   ? 13.170  -13.816 7.326   1.00 61.04 ? 135 SO4 A O4  1 
HETATM 1010 O O   . HOH D 3 .   ? -7.293  -0.946  1.336   1.00 10.31 ? 136 HOH A O   1 
HETATM 1011 O O   . HOH D 3 .   ? 10.170  -1.611  -7.719  1.00 11.61 ? 137 HOH A O   1 
HETATM 1012 O O   . HOH D 3 .   ? -1.655  -14.036 -0.599  1.00 18.45 ? 138 HOH A O   1 
HETATM 1013 O O   . HOH D 3 .   ? -0.444  -19.246 7.084   1.00 18.30 ? 139 HOH A O   1 
HETATM 1014 O O   . HOH D 3 .   ? -11.856 -6.124  2.413   1.00 15.18 ? 140 HOH A O   1 
HETATM 1015 O O   . HOH D 3 .   ? -1.254  -11.065 5.619   1.00 11.57 ? 141 HOH A O   1 
HETATM 1016 O O   . HOH D 3 .   ? 1.933   2.062   -15.056 1.00 22.23 ? 142 HOH A O   1 
HETATM 1017 O O   . HOH D 3 .   ? 10.783  -0.370  -5.119  1.00 18.56 ? 143 HOH A O   1 
HETATM 1018 O O   . HOH D 3 .   ? -8.473  10.490  -9.869  1.00 21.45 ? 144 HOH A O   1 
HETATM 1019 O O   . HOH D 3 .   ? 0.198   -5.965  -8.742  1.00 15.63 ? 145 HOH A O   1 
HETATM 1020 O O   . HOH D 3 .   ? -6.165  -4.878  8.656   1.00 20.05 ? 146 HOH A O   1 
HETATM 1021 O O   . HOH D 3 .   ? -10.560 11.794  -6.774  1.00 17.32 ? 147 HOH A O   1 
HETATM 1022 O O   . HOH D 3 .   ? -7.109  -14.167 1.885   1.00 20.82 ? 148 HOH A O   1 
HETATM 1023 O O   . HOH D 3 .   ? 9.811   6.168   -3.985  1.00 25.34 ? 149 HOH A O   1 
HETATM 1024 O O   . HOH D 3 .   ? 5.108   -20.815 10.531  1.00 28.68 ? 150 HOH A O   1 
HETATM 1025 O O   . HOH D 3 .   ? 11.241  -18.013 9.585   1.00 23.72 ? 151 HOH A O   1 
HETATM 1026 O O   . HOH D 3 .   ? -8.659  8.051   -11.695 1.00 18.23 ? 152 HOH A O   1 
HETATM 1027 O O   . HOH D 3 .   ? 7.760   10.733  -14.091 1.00 23.31 ? 153 HOH A O   1 
HETATM 1028 O O   . HOH D 3 .   ? -8.266  -2.482  10.083  1.00 24.87 ? 154 HOH A O   1 
HETATM 1029 O O   . HOH D 3 .   ? -5.587  -10.405 11.138  1.00 28.26 ? 155 HOH A O   1 
HETATM 1030 O O   . HOH D 3 .   ? -9.725  -8.093  11.000  1.00 38.82 ? 156 HOH A O   1 
HETATM 1031 O O   . HOH D 3 .   ? -10.760 16.639  0.918   1.00 32.05 ? 157 HOH A O   1 
HETATM 1032 O O   . HOH D 3 .   ? 5.580   15.339  -7.572  1.00 17.49 ? 158 HOH A O   1 
HETATM 1033 O O   . HOH D 3 .   ? 11.421  8.420   -0.574  1.00 31.90 ? 159 HOH A O   1 
HETATM 1034 O O   . HOH D 3 .   ? 9.494   1.037   12.788  1.00 26.64 ? 160 HOH A O   1 
HETATM 1035 O O   . HOH D 3 .   ? 1.508   -5.156  -11.195 1.00 23.91 ? 161 HOH A O   1 
HETATM 1036 O O   . HOH D 3 .   ? -7.462  -12.978 4.202   1.00 31.22 ? 162 HOH A O   1 
HETATM 1037 O O   . HOH D 3 .   ? 12.820  1.058   -4.554  1.00 19.81 ? 163 HOH A O   1 
HETATM 1038 O O   . HOH D 3 .   ? 7.024   13.508  -6.168  1.00 20.04 ? 164 HOH A O   1 
HETATM 1039 O O   . HOH D 3 .   ? -5.329  -12.770 5.474   1.00 26.38 ? 165 HOH A O   1 
HETATM 1040 O O   . HOH D 3 .   ? 2.805   20.972  -3.609  1.00 25.61 ? 166 HOH A O   1 
HETATM 1041 O O   . HOH D 3 .   ? 8.252   -15.830 -1.087  1.00 27.85 ? 167 HOH A O   1 
HETATM 1042 O O   . HOH D 3 .   ? -2.765  -1.520  -14.152 1.00 26.52 ? 168 HOH A O   1 
HETATM 1043 O O   . HOH D 3 .   ? -2.304  18.029  -1.241  1.00 28.34 ? 169 HOH A O   1 
HETATM 1044 O O   . HOH D 3 .   ? -9.914  -4.830  -4.068  1.00 26.49 ? 170 HOH A O   1 
HETATM 1045 O O   . HOH D 3 .   ? 9.418   13.632  -6.109  1.00 21.41 ? 171 HOH A O   1 
HETATM 1046 O O   . HOH D 3 .   ? -11.077 10.742  -0.017  1.00 23.02 ? 172 HOH A O   1 
HETATM 1047 O O   . HOH D 3 .   ? 12.477  -20.446 3.822   1.00 37.39 ? 173 HOH A O   1 
HETATM 1048 O O   . HOH D 3 .   ? 9.106   -4.341  -8.036  1.00 26.26 ? 174 HOH A O   1 
HETATM 1049 O O   . HOH D 3 .   ? 6.192   12.085  -4.231  1.00 32.89 ? 175 HOH A O   1 
HETATM 1050 O O   . HOH D 3 .   ? 1.825   19.694  -15.605 1.00 33.12 ? 176 HOH A O   1 
HETATM 1051 O O   . HOH D 3 .   ? 0.301   1.194   14.079  1.00 32.31 ? 177 HOH A O   1 
HETATM 1052 O O   . HOH D 3 .   ? -11.750 -0.759  -8.688  1.00 36.26 ? 178 HOH A O   1 
HETATM 1053 O O   . HOH D 3 .   ? 12.948  -20.431 9.689   1.00 24.58 ? 179 HOH A O   1 
HETATM 1054 O O   . HOH D 3 .   ? 4.950   -5.353  -8.472  1.00 20.59 ? 180 HOH A O   1 
HETATM 1055 O O   . HOH D 3 .   ? 8.603   11.280  -2.638  1.00 31.92 ? 181 HOH A O   1 
# 
